data_8J1F
#
_entry.id   8J1F
#
loop_
_entity.id
_entity.type
_entity.pdbx_description
1 polymer 'Transient receptor potential cation channel subfamily V member 4'
2 non-polymer N-[(2S)-1-{4-[N-(2,4-dichlorobenzene-1-sulfonyl)-L-seryl]piperazin-1-yl}-4-methyl-1-oxopentan-2-yl]-1-benzothiophene-2-carboxamide
#
_entity_poly.entity_id   1
_entity_poly.type   'polypeptide(L)'
_entity_poly.pdbx_seq_one_letter_code
;DYKDDDDKWSHPQFEKGGGGSGGSAWSHPQFEKEFAPAPQPPPILKVFNRPILFDIVSRGSTADLDGLLSFLLTHKKRLT
DEEFREPSTGKTCLPKALLNLSNGRNDTIPVLLDIAERTGNMREFINSPFRDIYYRGQTSLHIAIERRCKHYVELLVAQG
ADVHAQARGRFFQPKDEGGYFYFGELPLSLAACTNQPHIVNYLTENPHKKADMRRQDSRGNTVLHALVAIADNTRENTKF
VTKMYDLLLLKCSRLFPDSNLETVLNNDGLSPLMMAAKTGKIGVFQHIIRREVTDEDTRHLSRKFKDWAYGPVYSSLYDL
SSLDTCGEEVSVLEILVYNSKIENRHEMLAVEPINELLRDKWRKFGAVSFYINVVSYLCAMVIFTLTAYYQPLEGTPPYP
YRTTVDYLRLAGEVITLFTGVLFFFTSIKDLFTKKCPGVNSLFVDGSFQLLYFIYSVLVVVSAALYLAGIEAYLAVMVFA
LVLGWMNALYFTRGLKLTGTYSIMIQKILFKDLFRFLLVYLLFMIGYASALVTLLNPCTNMKVCDEDQSNCTVPTYPACR
DSETFSAFLLDLFKLTIGMGDLEMLSSAKYPVVFILLLVTYIILTFVLLLNMLIALMGETVGQVSKESKHIWKLQWATTI
LDIERSFPVFLRKAFRSGEMVTVGKSSDGTPDRRWCFRVDEVNWSHWNQNLGIINEDPGK
;
_entity_poly.pdbx_strand_id   A,B,C,D
#
# COMPACT_ATOMS: atom_id res chain seq x y z
N VAL A 47 10.18 -4.37 68.68
CA VAL A 47 10.62 -4.56 70.06
C VAL A 47 9.38 -4.70 70.95
N PHE A 48 8.91 -3.57 71.49
CA PHE A 48 7.64 -3.58 72.21
C PHE A 48 6.49 -3.96 71.28
N ASN A 49 6.51 -3.42 70.06
CA ASN A 49 5.58 -3.79 69.01
C ASN A 49 6.37 -4.04 67.73
N ARG A 50 5.93 -4.99 66.92
CA ARG A 50 6.66 -5.36 65.72
C ARG A 50 6.90 -4.18 64.77
N PRO A 51 5.93 -3.29 64.52
CA PRO A 51 6.16 -2.26 63.49
C PRO A 51 7.41 -1.42 63.72
N ILE A 52 7.73 -1.06 64.97
CA ILE A 52 8.89 -0.22 65.20
C ILE A 52 10.16 -0.94 64.77
N LEU A 53 10.27 -2.23 65.07
CA LEU A 53 11.43 -3.00 64.60
C LEU A 53 11.49 -3.01 63.09
N PHE A 54 10.35 -3.23 62.43
CA PHE A 54 10.31 -3.21 60.97
C PHE A 54 10.66 -1.82 60.44
N ASP A 55 10.14 -0.77 61.09
CA ASP A 55 10.46 0.58 60.66
C ASP A 55 11.94 0.89 60.86
N ILE A 56 12.51 0.47 61.99
CA ILE A 56 13.91 0.77 62.28
C ILE A 56 14.82 0.14 61.23
N VAL A 57 14.59 -1.14 60.92
CA VAL A 57 15.42 -1.82 59.93
C VAL A 57 15.19 -1.24 58.54
N SER A 58 13.95 -0.87 58.23
CA SER A 58 13.65 -0.31 56.91
C SER A 58 14.43 0.98 56.69
N ARG A 59 14.49 1.84 57.70
CA ARG A 59 15.21 3.10 57.57
C ARG A 59 16.73 2.89 57.52
N GLY A 60 17.21 1.71 57.89
CA GLY A 60 18.63 1.42 57.86
C GLY A 60 19.42 1.93 59.05
N SER A 61 18.76 2.34 60.13
CA SER A 61 19.43 2.89 61.30
C SER A 61 19.86 1.76 62.20
N THR A 62 21.16 1.46 62.22
CA THR A 62 21.70 0.43 63.10
C THR A 62 21.95 0.95 64.52
N ALA A 63 21.95 2.26 64.72
CA ALA A 63 22.20 2.80 66.05
C ALA A 63 21.14 2.33 67.05
N ASP A 64 19.89 2.71 66.81
CA ASP A 64 18.80 2.23 67.65
C ASP A 64 18.67 0.72 67.61
N LEU A 65 19.07 0.09 66.51
CA LEU A 65 19.06 -1.37 66.43
C LEU A 65 20.00 -1.98 67.47
N ASP A 66 21.07 -1.27 67.82
CA ASP A 66 21.99 -1.76 68.84
C ASP A 66 21.31 -1.74 70.20
N GLY A 67 21.65 -2.75 71.02
CA GLY A 67 21.08 -2.88 72.35
C GLY A 67 19.77 -3.64 72.40
N LEU A 68 19.12 -3.86 71.25
CA LEU A 68 17.89 -4.65 71.25
C LEU A 68 18.17 -6.09 71.63
N LEU A 69 19.39 -6.57 71.36
CA LEU A 69 19.75 -7.94 71.74
C LEU A 69 19.61 -8.15 73.23
N SER A 70 19.69 -7.08 74.02
CA SER A 70 19.59 -7.21 75.47
C SER A 70 18.28 -7.87 75.88
N PHE A 71 17.15 -7.35 75.40
CA PHE A 71 15.86 -7.90 75.80
C PHE A 71 15.56 -9.21 75.08
N LEU A 72 16.15 -9.44 73.90
CA LEU A 72 16.01 -10.73 73.25
C LEU A 72 16.55 -11.85 74.14
N LEU A 73 17.76 -11.67 74.68
CA LEU A 73 18.31 -12.65 75.60
C LEU A 73 17.54 -12.68 76.91
N THR A 74 17.13 -11.52 77.41
CA THR A 74 16.41 -11.46 78.67
C THR A 74 15.08 -12.20 78.57
N HIS A 75 14.36 -12.03 77.47
CA HIS A 75 13.09 -12.70 77.24
C HIS A 75 13.24 -14.05 76.56
N LYS A 76 14.47 -14.48 76.29
CA LYS A 76 14.73 -15.74 75.59
C LYS A 76 13.85 -15.90 74.37
N LYS A 77 13.57 -14.79 73.68
CA LYS A 77 12.72 -14.78 72.50
C LYS A 77 13.58 -14.97 71.26
N ARG A 78 13.28 -16.02 70.48
CA ARG A 78 14.01 -16.28 69.26
C ARG A 78 13.70 -15.23 68.20
N LEU A 79 14.70 -14.93 67.37
CA LEU A 79 14.51 -13.94 66.32
C LEU A 79 13.42 -14.35 65.33
N THR A 80 13.07 -15.64 65.27
CA THR A 80 12.04 -16.14 64.38
C THR A 80 10.71 -16.34 65.08
N ASP A 81 10.55 -15.81 66.30
CA ASP A 81 9.31 -16.00 67.03
C ASP A 81 8.15 -15.31 66.31
N GLU A 82 6.94 -15.61 66.78
CA GLU A 82 5.74 -15.05 66.17
C GLU A 82 5.72 -13.53 66.22
N GLU A 83 6.37 -12.93 67.22
CA GLU A 83 6.36 -11.47 67.34
C GLU A 83 7.09 -10.81 66.18
N PHE A 84 8.08 -11.49 65.60
CA PHE A 84 8.86 -10.93 64.50
C PHE A 84 8.27 -11.26 63.13
N ARG A 85 7.13 -11.95 63.08
CA ARG A 85 6.52 -12.38 61.83
C ARG A 85 5.10 -11.85 61.73
N GLU A 86 4.72 -11.44 60.53
CA GLU A 86 3.37 -10.92 60.32
C GLU A 86 2.34 -12.04 60.50
N PRO A 87 1.11 -11.69 60.88
CA PRO A 87 0.08 -12.74 61.00
C PRO A 87 -0.23 -13.43 59.68
N SER A 88 -0.53 -12.66 58.64
CA SER A 88 -0.91 -13.24 57.35
C SER A 88 0.32 -13.62 56.54
N THR A 89 1.17 -12.65 56.23
CA THR A 89 2.32 -12.91 55.36
C THR A 89 3.44 -13.63 56.08
N GLY A 90 3.55 -13.46 57.40
CA GLY A 90 4.69 -14.02 58.10
C GLY A 90 6.02 -13.42 57.68
N LYS A 91 5.99 -12.24 57.05
CA LYS A 91 7.21 -11.62 56.57
C LYS A 91 8.19 -11.41 57.72
N THR A 92 9.44 -11.79 57.50
CA THR A 92 10.47 -11.65 58.51
C THR A 92 11.24 -10.35 58.29
N CYS A 93 12.05 -9.98 59.29
CA CYS A 93 12.85 -8.75 59.17
C CYS A 93 13.77 -8.80 57.97
N LEU A 94 14.32 -9.98 57.64
CA LEU A 94 15.25 -10.07 56.51
C LEU A 94 14.63 -9.54 55.22
N PRO A 95 13.55 -10.11 54.70
CA PRO A 95 12.97 -9.54 53.46
C PRO A 95 12.57 -8.09 53.61
N LYS A 96 12.04 -7.71 54.78
CA LYS A 96 11.70 -6.30 55.02
C LYS A 96 12.95 -5.43 54.90
N ALA A 97 14.05 -5.84 55.54
CA ALA A 97 15.29 -5.09 55.42
C ALA A 97 15.79 -5.08 53.98
N LEU A 98 15.75 -6.24 53.31
CA LEU A 98 16.21 -6.31 51.93
C LEU A 98 15.26 -5.59 50.99
N LEU A 99 13.96 -5.60 51.28
CA LEU A 99 12.99 -4.97 50.39
C LEU A 99 13.28 -3.48 50.20
N ASN A 100 13.82 -2.82 51.23
CA ASN A 100 14.13 -1.39 51.18
C ASN A 100 15.60 -1.14 50.86
N LEU A 101 16.18 -1.96 50.01
CA LEU A 101 17.57 -1.79 49.62
C LEU A 101 17.86 -0.33 49.25
N SER A 102 18.75 0.30 50.01
CA SER A 102 19.07 1.72 49.82
C SER A 102 20.39 1.81 49.08
N ASN A 103 20.31 1.70 47.75
CA ASN A 103 21.48 1.78 46.88
C ASN A 103 22.56 0.80 47.33
N GLY A 104 22.14 -0.38 47.76
CA GLY A 104 23.09 -1.38 48.23
C GLY A 104 23.70 -1.05 49.57
N ARG A 105 23.10 -0.13 50.34
CA ARG A 105 23.66 0.34 51.59
C ARG A 105 22.81 -0.07 52.79
N ASN A 106 22.01 -1.12 52.66
CA ASN A 106 21.23 -1.64 53.79
C ASN A 106 22.20 -2.39 54.70
N ASP A 107 22.80 -1.65 55.63
CA ASP A 107 23.81 -2.19 56.52
C ASP A 107 23.22 -2.77 57.80
N THR A 108 21.89 -2.87 57.89
CA THR A 108 21.26 -3.48 59.04
C THR A 108 21.24 -5.00 58.98
N ILE A 109 21.48 -5.59 57.80
CA ILE A 109 21.40 -7.05 57.68
C ILE A 109 22.40 -7.77 58.57
N PRO A 110 23.68 -7.38 58.64
CA PRO A 110 24.62 -8.18 59.44
C PRO A 110 24.30 -8.15 60.92
N VAL A 111 23.69 -7.06 61.40
CA VAL A 111 23.28 -7.02 62.81
C VAL A 111 22.22 -8.08 63.08
N LEU A 112 21.23 -8.20 62.20
CA LEU A 112 20.24 -9.26 62.35
C LEU A 112 20.89 -10.63 62.23
N LEU A 113 21.81 -10.78 61.28
CA LEU A 113 22.54 -12.04 61.16
C LEU A 113 23.34 -12.33 62.43
N ASP A 114 24.03 -11.32 62.96
CA ASP A 114 24.74 -11.49 64.22
C ASP A 114 23.76 -11.77 65.35
N ILE A 115 22.64 -11.04 65.38
CA ILE A 115 21.63 -11.29 66.42
C ILE A 115 21.08 -12.70 66.29
N ALA A 116 20.82 -13.15 65.05
CA ALA A 116 20.31 -14.50 64.85
C ALA A 116 21.29 -15.53 65.39
N GLU A 117 22.59 -15.33 65.16
CA GLU A 117 23.58 -16.24 65.71
C GLU A 117 23.53 -16.25 67.23
N ARG A 118 23.37 -15.08 67.85
CA ARG A 118 23.26 -15.02 69.30
C ARG A 118 22.02 -15.76 69.79
N THR A 119 20.90 -15.62 69.08
CA THR A 119 19.67 -16.27 69.49
C THR A 119 19.79 -17.79 69.50
N GLY A 120 20.77 -18.34 68.80
CA GLY A 120 20.94 -19.77 68.71
C GLY A 120 20.07 -20.46 67.69
N ASN A 121 19.25 -19.71 66.95
CA ASN A 121 18.40 -20.27 65.89
C ASN A 121 18.67 -19.44 64.63
N MET A 122 19.68 -19.87 63.86
CA MET A 122 20.06 -19.21 62.63
C MET A 122 19.57 -19.92 61.39
N ARG A 123 19.35 -21.24 61.46
CA ARG A 123 18.92 -22.00 60.30
C ARG A 123 17.57 -21.50 59.78
N GLU A 124 16.53 -21.57 60.62
CA GLU A 124 15.20 -21.17 60.18
C GLU A 124 15.14 -19.69 59.85
N PHE A 125 15.99 -18.88 60.48
CA PHE A 125 15.94 -17.43 60.26
C PHE A 125 16.24 -17.08 58.81
N ILE A 126 17.27 -17.71 58.23
CA ILE A 126 17.65 -17.39 56.86
C ILE A 126 16.55 -17.80 55.90
N ASN A 127 16.23 -19.09 55.85
CA ASN A 127 15.20 -19.61 54.95
C ASN A 127 13.84 -19.43 55.63
N SER A 128 13.37 -18.19 55.63
CA SER A 128 12.09 -17.86 56.23
C SER A 128 11.00 -17.93 55.15
N PRO A 129 10.10 -18.92 55.20
CA PRO A 129 9.09 -19.03 54.14
C PRO A 129 7.81 -18.26 54.45
N PHE A 130 7.28 -17.56 53.46
CA PHE A 130 5.98 -16.93 53.61
C PHE A 130 4.89 -17.99 53.58
N ARG A 131 3.70 -17.63 54.09
CA ARG A 131 2.58 -18.55 54.20
C ARG A 131 1.37 -18.12 53.39
N ASP A 132 1.44 -16.98 52.70
CA ASP A 132 0.30 -16.50 51.91
C ASP A 132 0.00 -17.47 50.77
N ILE A 133 -1.05 -17.14 50.02
CA ILE A 133 -1.28 -17.69 48.70
C ILE A 133 -0.71 -16.79 47.62
N TYR A 134 -0.81 -15.47 47.84
CA TYR A 134 -0.24 -14.50 46.91
C TYR A 134 1.29 -14.53 46.94
N TYR A 135 1.88 -15.18 47.96
CA TYR A 135 3.28 -15.51 47.99
C TYR A 135 3.44 -16.84 48.69
N ARG A 136 4.60 -17.47 48.50
CA ARG A 136 4.91 -18.70 49.22
C ARG A 136 6.39 -19.01 49.08
N GLY A 137 6.96 -19.57 50.14
CA GLY A 137 8.33 -20.03 50.12
C GLY A 137 9.34 -19.01 49.63
N GLN A 138 8.94 -17.73 49.60
CA GLN A 138 9.80 -16.66 49.08
C GLN A 138 10.84 -16.33 50.13
N THR A 139 11.84 -17.21 50.23
CA THR A 139 12.89 -17.05 51.22
C THR A 139 13.66 -15.75 50.95
N SER A 140 14.48 -15.37 51.94
CA SER A 140 15.25 -14.14 51.83
C SER A 140 16.14 -14.14 50.59
N LEU A 141 16.57 -15.32 50.14
CA LEU A 141 17.41 -15.39 48.96
C LEU A 141 16.67 -14.87 47.73
N HIS A 142 15.38 -15.22 47.59
CA HIS A 142 14.60 -14.71 46.47
C HIS A 142 14.59 -13.19 46.46
N ILE A 143 14.32 -12.58 47.62
CA ILE A 143 14.25 -11.12 47.68
C ILE A 143 15.61 -10.51 47.35
N ALA A 144 16.68 -11.07 47.94
CA ALA A 144 18.00 -10.48 47.76
C ALA A 144 18.41 -10.47 46.30
N ILE A 145 18.23 -11.59 45.60
CA ILE A 145 18.60 -11.64 44.18
C ILE A 145 17.72 -10.70 43.37
N GLU A 146 16.42 -10.70 43.64
CA GLU A 146 15.49 -9.94 42.81
C GLU A 146 15.82 -8.45 42.83
N ARG A 147 16.27 -7.92 43.96
CA ARG A 147 16.69 -6.53 44.04
C ARG A 147 17.94 -6.24 43.23
N ARG A 148 18.48 -7.25 42.53
CA ARG A 148 19.61 -7.05 41.62
C ARG A 148 20.82 -6.52 42.37
N CYS A 149 21.05 -7.04 43.58
CA CYS A 149 22.16 -6.65 44.44
C CYS A 149 22.86 -7.92 44.92
N LYS A 150 23.90 -8.32 44.20
CA LYS A 150 24.67 -9.50 44.59
C LYS A 150 25.45 -9.28 45.88
N HIS A 151 25.61 -8.02 46.31
CA HIS A 151 26.44 -7.74 47.48
C HIS A 151 25.96 -8.52 48.70
N TYR A 152 24.67 -8.43 49.00
CA TYR A 152 24.11 -9.14 50.14
C TYR A 152 23.77 -10.59 49.80
N VAL A 153 23.50 -10.90 48.54
CA VAL A 153 23.17 -12.26 48.15
C VAL A 153 24.33 -13.20 48.48
N GLU A 154 25.55 -12.80 48.09
CA GLU A 154 26.72 -13.62 48.38
C GLU A 154 26.93 -13.74 49.89
N LEU A 155 26.74 -12.64 50.62
CA LEU A 155 26.84 -12.70 52.08
C LEU A 155 25.79 -13.64 52.65
N LEU A 156 24.55 -13.53 52.15
CA LEU A 156 23.49 -14.42 52.62
C LEU A 156 23.80 -15.88 52.30
N VAL A 157 24.24 -16.14 51.07
CA VAL A 157 24.56 -17.52 50.68
C VAL A 157 25.74 -18.03 51.48
N ALA A 158 26.77 -17.20 51.66
CA ALA A 158 27.97 -17.64 52.38
C ALA A 158 27.62 -18.05 53.80
N GLN A 159 26.79 -17.25 54.48
CA GLN A 159 26.35 -17.61 55.82
C GLN A 159 25.53 -18.90 55.82
N GLY A 160 25.00 -19.31 54.67
CA GLY A 160 24.18 -20.50 54.60
C GLY A 160 22.71 -20.20 54.46
N ALA A 161 22.19 -20.31 53.23
CA ALA A 161 20.79 -20.10 52.94
C ALA A 161 20.29 -21.27 52.09
N ASP A 162 19.00 -21.57 52.22
CA ASP A 162 18.40 -22.64 51.45
C ASP A 162 18.35 -22.21 49.99
N VAL A 163 19.34 -22.64 49.21
CA VAL A 163 19.40 -22.23 47.82
C VAL A 163 18.28 -22.89 47.01
N HIS A 164 17.90 -24.11 47.37
CA HIS A 164 16.79 -24.80 46.71
C HIS A 164 15.44 -24.37 47.28
N ALA A 165 15.22 -23.07 47.35
CA ALA A 165 13.94 -22.54 47.78
C ALA A 165 12.94 -22.58 46.63
N GLN A 166 11.68 -22.79 46.97
CA GLN A 166 10.62 -23.04 45.99
C GLN A 166 9.50 -22.02 46.20
N ALA A 167 9.52 -20.97 45.36
CA ALA A 167 8.50 -19.92 45.41
C ALA A 167 7.22 -20.42 44.75
N ARG A 168 6.56 -21.35 45.44
CA ARG A 168 5.41 -22.08 44.90
C ARG A 168 4.12 -21.29 45.14
N GLY A 169 4.13 -20.04 44.69
CA GLY A 169 3.06 -19.12 45.03
C GLY A 169 2.18 -18.72 43.85
N ARG A 170 1.00 -18.18 44.16
CA ARG A 170 0.08 -17.76 43.11
C ARG A 170 0.71 -16.64 42.27
N PHE A 171 1.36 -15.67 42.93
CA PHE A 171 1.97 -14.57 42.20
C PHE A 171 3.03 -15.07 41.22
N PHE A 172 3.63 -16.23 41.48
CA PHE A 172 4.79 -16.69 40.75
C PHE A 172 4.43 -17.60 39.58
N GLN A 173 3.15 -17.85 39.35
CA GLN A 173 2.72 -18.65 38.22
C GLN A 173 2.71 -17.80 36.95
N PRO A 174 2.68 -18.44 35.77
CA PRO A 174 2.68 -17.67 34.52
C PRO A 174 1.54 -16.67 34.48
N LYS A 175 1.68 -15.68 33.58
CA LYS A 175 0.66 -14.65 33.45
C LYS A 175 -0.68 -15.23 33.05
N ASP A 176 -0.71 -16.43 32.46
CA ASP A 176 -1.96 -17.06 32.09
C ASP A 176 -2.69 -17.66 33.28
N GLU A 177 -1.96 -18.06 34.33
CA GLU A 177 -2.54 -18.73 35.47
C GLU A 177 -2.74 -17.82 36.68
N GLY A 178 -2.64 -16.50 36.50
CA GLY A 178 -2.88 -15.54 37.55
C GLY A 178 -1.64 -14.98 38.20
N GLY A 179 -0.49 -15.66 38.06
CA GLY A 179 0.74 -15.11 38.59
C GLY A 179 1.37 -14.15 37.61
N TYR A 180 2.05 -13.13 38.14
CA TYR A 180 2.56 -12.06 37.29
C TYR A 180 3.93 -12.39 36.73
N PHE A 181 4.69 -13.27 37.39
CA PHE A 181 6.06 -13.56 36.99
C PHE A 181 6.40 -15.01 37.27
N TYR A 182 6.76 -15.75 36.23
CA TYR A 182 7.26 -17.11 36.35
C TYR A 182 8.72 -17.13 35.95
N PHE A 183 9.56 -17.73 36.80
CA PHE A 183 11.01 -17.72 36.59
C PHE A 183 11.65 -19.08 36.88
N GLY A 184 10.88 -20.15 36.93
CA GLY A 184 11.39 -21.46 37.26
C GLY A 184 11.19 -21.87 38.71
N GLU A 185 10.78 -20.93 39.56
CA GLU A 185 10.53 -21.22 40.98
C GLU A 185 11.79 -21.72 41.68
N LEU A 186 12.93 -21.11 41.37
CA LEU A 186 14.20 -21.42 42.02
C LEU A 186 15.06 -20.18 42.02
N PRO A 187 15.83 -19.94 43.08
CA PRO A 187 16.75 -18.79 43.06
C PRO A 187 17.72 -18.84 41.89
N LEU A 188 18.22 -20.03 41.55
CA LEU A 188 19.09 -20.17 40.39
C LEU A 188 18.36 -19.78 39.12
N SER A 189 17.13 -20.26 38.95
CA SER A 189 16.34 -19.86 37.80
C SER A 189 15.88 -18.41 37.92
N LEU A 190 15.57 -17.96 39.14
CA LEU A 190 15.24 -16.56 39.35
C LEU A 190 16.42 -15.66 39.01
N ALA A 191 17.62 -16.06 39.43
CA ALA A 191 18.82 -15.34 39.01
C ALA A 191 19.07 -15.50 37.52
N ALA A 192 18.52 -16.54 36.89
CA ALA A 192 18.71 -16.74 35.46
C ALA A 192 17.74 -15.89 34.65
N CYS A 193 16.44 -16.02 34.94
CA CYS A 193 15.44 -15.30 34.15
C CYS A 193 15.65 -13.79 34.22
N THR A 194 15.93 -13.27 35.41
CA THR A 194 16.02 -11.84 35.62
C THR A 194 17.25 -11.19 34.99
N ASN A 195 18.03 -11.93 34.20
CA ASN A 195 19.20 -11.37 33.51
C ASN A 195 20.28 -10.96 34.52
N GLN A 196 20.59 -11.86 35.45
CA GLN A 196 21.60 -11.63 36.48
C GLN A 196 22.77 -12.57 36.26
N PRO A 197 23.67 -12.27 35.31
CA PRO A 197 24.74 -13.22 34.99
C PRO A 197 25.71 -13.47 36.14
N HIS A 198 26.10 -12.39 36.85
CA HIS A 198 27.10 -12.55 37.90
C HIS A 198 26.59 -13.43 39.04
N ILE A 199 25.33 -13.25 39.43
CA ILE A 199 24.79 -14.02 40.55
C ILE A 199 24.61 -15.48 40.19
N VAL A 200 24.16 -15.77 38.96
CA VAL A 200 24.03 -17.17 38.56
C VAL A 200 25.41 -17.82 38.48
N ASN A 201 26.42 -17.07 38.04
CA ASN A 201 27.78 -17.57 38.08
C ASN A 201 28.20 -17.90 39.51
N TYR A 202 28.02 -16.95 40.44
CA TYR A 202 28.39 -17.19 41.83
C TYR A 202 27.50 -18.27 42.45
N LEU A 203 26.18 -18.16 42.26
CA LEU A 203 25.26 -19.05 42.95
C LEU A 203 25.50 -20.50 42.57
N THR A 204 26.16 -20.76 41.45
CA THR A 204 26.54 -22.12 41.08
C THR A 204 28.03 -22.38 41.24
N GLU A 205 28.86 -21.33 41.31
CA GLU A 205 30.29 -21.48 41.55
C GLU A 205 30.70 -21.13 42.97
N ASN A 206 29.76 -20.77 43.83
CA ASN A 206 30.12 -20.39 45.19
C ASN A 206 30.70 -21.61 45.92
N PRO A 207 31.77 -21.44 46.70
CA PRO A 207 32.33 -22.60 47.43
C PRO A 207 31.34 -23.23 48.39
N HIS A 208 30.38 -22.47 48.90
CA HIS A 208 29.38 -22.99 49.84
C HIS A 208 28.31 -23.74 49.06
N LYS A 209 27.19 -24.03 49.72
CA LYS A 209 26.10 -24.76 49.07
C LYS A 209 25.71 -24.08 47.76
N LYS A 210 25.49 -24.88 46.74
CA LYS A 210 25.12 -24.40 45.41
C LYS A 210 23.97 -25.24 44.87
N ALA A 211 23.25 -24.68 43.91
CA ALA A 211 22.10 -25.33 43.30
C ALA A 211 22.50 -25.94 41.96
N ASP A 212 22.13 -27.19 41.76
CA ASP A 212 22.37 -27.86 40.48
C ASP A 212 21.37 -27.35 39.46
N MET A 213 21.86 -27.01 38.26
CA MET A 213 20.99 -26.45 37.24
C MET A 213 19.90 -27.42 36.83
N ARG A 214 20.08 -28.72 37.06
CA ARG A 214 19.07 -29.72 36.71
C ARG A 214 17.89 -29.75 37.68
N ARG A 215 18.00 -29.07 38.83
CA ARG A 215 16.95 -29.14 39.84
C ARG A 215 15.61 -28.70 39.26
N GLN A 216 14.62 -29.60 39.31
CA GLN A 216 13.34 -29.33 38.69
C GLN A 216 12.43 -28.56 39.65
N ASP A 217 11.26 -28.18 39.14
CA ASP A 217 10.27 -27.43 39.90
C ASP A 217 8.88 -28.09 39.81
N SER A 218 7.84 -27.39 40.26
CA SER A 218 6.49 -27.95 40.21
C SER A 218 6.17 -28.51 38.84
N ARG A 219 6.47 -27.76 37.79
CA ARG A 219 6.26 -28.20 36.42
C ARG A 219 7.49 -28.82 35.80
N GLY A 220 8.55 -29.06 36.58
CA GLY A 220 9.73 -29.70 36.06
C GLY A 220 10.50 -28.87 35.06
N ASN A 221 10.34 -27.55 35.08
CA ASN A 221 10.92 -26.71 34.05
C ASN A 221 12.44 -26.71 34.10
N THR A 222 13.01 -26.58 35.30
CA THR A 222 14.45 -26.33 35.42
C THR A 222 14.75 -24.97 34.79
N VAL A 223 15.99 -24.50 34.95
CA VAL A 223 16.32 -23.14 34.51
C VAL A 223 16.09 -22.99 33.02
N LEU A 224 16.41 -24.02 32.23
CA LEU A 224 16.37 -23.88 30.78
C LEU A 224 14.93 -23.67 30.29
N HIS A 225 14.01 -24.54 30.72
CA HIS A 225 12.62 -24.36 30.31
C HIS A 225 12.06 -23.05 30.84
N ALA A 226 12.35 -22.75 32.12
CA ALA A 226 11.90 -21.49 32.70
C ALA A 226 12.52 -20.30 31.96
N LEU A 227 13.81 -20.39 31.65
CA LEU A 227 14.45 -19.32 30.90
C LEU A 227 13.77 -19.11 29.55
N VAL A 228 13.08 -20.13 29.05
CA VAL A 228 12.28 -19.97 27.84
C VAL A 228 10.87 -19.51 28.18
N ALA A 229 10.44 -19.69 29.43
CA ALA A 229 9.11 -19.24 29.82
C ALA A 229 9.01 -17.73 29.90
N ILE A 230 10.14 -17.04 30.13
CA ILE A 230 10.16 -15.58 30.11
C ILE A 230 10.62 -15.01 28.78
N ALA A 231 11.07 -15.87 27.87
CA ALA A 231 11.53 -15.38 26.58
C ALA A 231 10.42 -14.65 25.86
N ASP A 232 10.79 -13.59 25.14
CA ASP A 232 9.84 -12.80 24.37
C ASP A 232 10.40 -12.54 22.99
N ASN A 233 9.50 -12.29 22.04
CA ASN A 233 9.91 -12.02 20.67
C ASN A 233 10.65 -10.69 20.55
N THR A 234 10.62 -9.85 21.57
CA THR A 234 11.36 -8.60 21.54
C THR A 234 12.85 -8.86 21.38
N ARG A 235 13.52 -8.00 20.61
CA ARG A 235 14.94 -8.21 20.31
C ARG A 235 15.77 -8.24 21.59
N GLU A 236 15.57 -7.26 22.47
CA GLU A 236 16.41 -7.18 23.66
C GLU A 236 16.16 -8.36 24.60
N ASN A 237 14.91 -8.80 24.74
CA ASN A 237 14.61 -9.91 25.63
C ASN A 237 15.29 -11.19 25.14
N THR A 238 15.20 -11.46 23.84
CA THR A 238 15.83 -12.65 23.29
C THR A 238 17.34 -12.56 23.36
N LYS A 239 17.88 -11.33 23.42
CA LYS A 239 19.33 -11.16 23.39
C LYS A 239 19.99 -11.76 24.62
N PHE A 240 19.48 -11.44 25.81
CA PHE A 240 20.11 -11.99 27.02
C PHE A 240 19.64 -13.40 27.30
N VAL A 241 18.40 -13.74 26.91
CA VAL A 241 17.90 -15.09 27.12
C VAL A 241 18.75 -16.09 26.36
N THR A 242 18.98 -15.84 25.06
CA THR A 242 19.85 -16.72 24.30
C THR A 242 21.28 -16.66 24.80
N LYS A 243 21.76 -15.46 25.16
CA LYS A 243 23.09 -15.34 25.75
C LYS A 243 23.23 -16.20 26.99
N MET A 244 22.42 -15.94 28.01
CA MET A 244 22.53 -16.67 29.25
C MET A 244 22.15 -18.14 29.09
N TYR A 245 21.21 -18.45 28.19
CA TYR A 245 20.86 -19.85 27.95
C TYR A 245 22.09 -20.63 27.51
N ASP A 246 22.86 -20.06 26.58
CA ASP A 246 24.12 -20.68 26.20
C ASP A 246 25.06 -20.78 27.38
N LEU A 247 25.12 -19.73 28.21
CA LEU A 247 25.99 -19.74 29.37
C LEU A 247 25.69 -20.94 30.26
N LEU A 248 24.41 -21.25 30.45
CA LEU A 248 24.03 -22.34 31.35
C LEU A 248 24.46 -23.68 30.78
N LEU A 249 24.16 -23.94 29.51
CA LEU A 249 24.51 -25.23 28.91
C LEU A 249 26.01 -25.48 28.99
N LEU A 250 26.81 -24.50 28.57
CA LEU A 250 28.26 -24.64 28.70
C LEU A 250 28.65 -24.95 30.14
N LYS A 251 28.06 -24.24 31.10
CA LYS A 251 28.37 -24.50 32.50
C LYS A 251 27.93 -25.90 32.92
N CYS A 252 26.69 -26.26 32.59
CA CYS A 252 26.17 -27.57 33.00
C CYS A 252 26.96 -28.69 32.34
N SER A 253 27.29 -28.54 31.06
CA SER A 253 28.02 -29.59 30.36
C SER A 253 29.35 -29.88 31.03
N ARG A 254 30.10 -28.83 31.35
CA ARG A 254 31.43 -29.04 31.95
C ARG A 254 31.32 -29.78 33.27
N LEU A 255 30.37 -29.38 34.13
CA LEU A 255 30.19 -30.07 35.40
C LEU A 255 29.71 -31.50 35.18
N PHE A 256 28.74 -31.69 34.29
CA PHE A 256 28.09 -32.99 34.08
C PHE A 256 28.16 -33.31 32.59
N PRO A 257 29.30 -33.84 32.12
CA PRO A 257 29.41 -34.16 30.69
C PRO A 257 28.54 -35.32 30.24
N ASP A 258 27.96 -36.08 31.16
CA ASP A 258 27.21 -37.27 30.78
C ASP A 258 26.02 -36.92 29.89
N SER A 259 25.28 -35.87 30.23
CA SER A 259 24.09 -35.48 29.49
C SER A 259 23.96 -33.97 29.47
N ASN A 260 23.51 -33.43 28.35
CA ASN A 260 23.22 -32.01 28.25
C ASN A 260 21.94 -31.69 29.04
N LEU A 261 21.85 -30.44 29.48
CA LEU A 261 20.77 -30.06 30.38
C LEU A 261 19.41 -30.11 29.69
N GLU A 262 19.37 -29.94 28.37
CA GLU A 262 18.09 -29.97 27.66
C GLU A 262 17.42 -31.33 27.74
N THR A 263 18.15 -32.38 28.13
CA THR A 263 17.55 -33.70 28.18
C THR A 263 16.40 -33.76 29.18
N VAL A 264 16.57 -33.12 30.34
CA VAL A 264 15.53 -33.16 31.37
C VAL A 264 14.25 -32.57 30.81
N LEU A 265 13.15 -33.30 30.99
CA LEU A 265 11.86 -32.94 30.42
C LEU A 265 10.93 -32.43 31.51
N ASN A 266 10.17 -31.39 31.18
CA ASN A 266 9.15 -30.88 32.08
C ASN A 266 7.99 -31.88 32.19
N ASN A 267 7.12 -31.63 33.17
CA ASN A 267 5.99 -32.54 33.38
C ASN A 267 5.21 -32.74 32.08
N ASP A 268 5.01 -31.66 31.31
CA ASP A 268 4.40 -31.83 30.00
C ASP A 268 5.26 -32.68 29.09
N GLY A 269 6.57 -32.66 29.28
CA GLY A 269 7.48 -33.50 28.50
C GLY A 269 7.89 -32.87 27.19
N LEU A 270 8.48 -31.67 27.24
CA LEU A 270 8.81 -30.92 26.04
C LEU A 270 10.31 -30.74 25.85
N SER A 271 11.01 -30.18 26.84
CA SER A 271 12.40 -29.74 26.71
C SER A 271 12.42 -28.34 26.08
N PRO A 272 13.51 -27.59 26.24
CA PRO A 272 13.49 -26.18 25.81
C PRO A 272 13.05 -25.98 24.36
N LEU A 273 13.72 -26.65 23.42
CA LEU A 273 13.43 -26.41 22.02
C LEU A 273 11.96 -26.66 21.69
N MET A 274 11.41 -27.77 22.17
CA MET A 274 9.98 -28.01 22.01
C MET A 274 9.13 -26.97 22.73
N MET A 275 9.51 -26.62 23.96
CA MET A 275 8.75 -25.61 24.70
C MET A 275 8.77 -24.28 23.95
N ALA A 276 9.94 -23.86 23.47
CA ALA A 276 10.00 -22.69 22.60
C ALA A 276 9.18 -22.89 21.35
N ALA A 277 9.10 -24.14 20.88
CA ALA A 277 8.28 -24.44 19.70
C ALA A 277 6.79 -24.41 20.05
N LYS A 278 6.43 -24.98 21.20
CA LYS A 278 5.02 -25.03 21.57
C LYS A 278 4.49 -23.66 21.98
N THR A 279 5.33 -22.83 22.59
CA THR A 279 4.90 -21.50 23.04
C THR A 279 5.14 -20.42 22.00
N GLY A 280 5.70 -20.77 20.84
CA GLY A 280 5.89 -19.82 19.77
C GLY A 280 6.89 -18.73 20.09
N LYS A 281 8.03 -19.10 20.64
CA LYS A 281 9.11 -18.16 20.94
C LYS A 281 10.12 -18.21 19.80
N ILE A 282 9.85 -17.43 18.74
CA ILE A 282 10.68 -17.49 17.55
C ILE A 282 12.11 -17.06 17.87
N GLY A 283 12.27 -16.00 18.68
CA GLY A 283 13.58 -15.48 18.99
C GLY A 283 14.53 -16.54 19.49
N VAL A 284 14.19 -17.17 20.61
CA VAL A 284 15.02 -18.24 21.14
C VAL A 284 15.08 -19.40 20.15
N PHE A 285 13.91 -19.85 19.68
CA PHE A 285 13.85 -21.06 18.86
C PHE A 285 14.81 -20.99 17.68
N GLN A 286 14.75 -19.89 16.92
CA GLN A 286 15.58 -19.80 15.72
C GLN A 286 17.07 -19.86 16.04
N HIS A 287 17.45 -19.63 17.30
CA HIS A 287 18.85 -19.76 17.68
C HIS A 287 19.17 -21.18 18.15
N ILE A 288 18.22 -21.85 18.79
CA ILE A 288 18.51 -23.18 19.37
C ILE A 288 18.93 -24.14 18.27
N ILE A 289 18.20 -24.13 17.15
CA ILE A 289 18.53 -25.02 16.04
C ILE A 289 19.92 -24.73 15.52
N ARG A 290 20.35 -23.46 15.55
CA ARG A 290 21.65 -23.04 15.03
C ARG A 290 22.68 -22.92 16.13
N ARG A 291 22.62 -23.80 17.12
CA ARG A 291 23.54 -23.75 18.26
C ARG A 291 24.82 -24.49 17.90
N GLU A 292 25.90 -23.74 17.67
CA GLU A 292 27.22 -24.30 17.41
C GLU A 292 28.18 -23.84 18.49
N VAL A 293 28.90 -24.79 19.07
CA VAL A 293 29.83 -24.52 20.17
C VAL A 293 31.23 -24.83 19.67
N THR A 294 32.13 -23.84 19.76
CA THR A 294 33.48 -24.02 19.24
C THR A 294 34.32 -24.91 20.15
N ASP A 295 34.19 -24.75 21.46
CA ASP A 295 35.00 -25.52 22.39
C ASP A 295 34.77 -27.02 22.16
N GLU A 296 35.88 -27.75 21.99
CA GLU A 296 35.77 -29.17 21.65
C GLU A 296 35.10 -29.96 22.77
N ASP A 297 35.49 -29.71 24.02
CA ASP A 297 34.89 -30.45 25.13
C ASP A 297 33.38 -30.22 25.19
N THR A 298 32.93 -29.04 24.79
CA THR A 298 31.50 -28.71 24.77
C THR A 298 30.96 -28.55 23.34
N ARG A 299 31.71 -29.02 22.34
CA ARG A 299 31.23 -28.92 20.96
C ARG A 299 30.09 -29.90 20.70
N HIS A 300 30.08 -31.04 21.38
CA HIS A 300 29.10 -32.09 21.08
C HIS A 300 27.68 -31.58 21.19
N LEU A 301 27.42 -30.65 22.11
CA LEU A 301 26.06 -30.14 22.33
C LEU A 301 25.76 -28.98 21.36
N SER A 302 25.96 -29.27 20.07
CA SER A 302 25.68 -28.32 19.01
C SER A 302 24.65 -28.91 18.07
N ARG A 303 24.13 -28.06 17.17
CA ARG A 303 23.11 -28.48 16.22
C ARG A 303 23.36 -28.02 14.80
N LYS A 304 24.28 -27.08 14.57
CA LYS A 304 24.64 -26.64 13.24
C LYS A 304 26.14 -26.83 13.05
N PHE A 305 26.52 -27.96 12.47
CA PHE A 305 27.90 -28.29 12.19
C PHE A 305 28.34 -27.60 10.90
N LYS A 306 29.55 -27.91 10.45
CA LYS A 306 30.13 -27.36 9.23
C LYS A 306 30.87 -28.51 8.55
N ASP A 307 30.20 -29.20 7.64
CA ASP A 307 30.77 -30.41 7.05
C ASP A 307 31.95 -30.07 6.15
N TRP A 308 31.72 -29.31 5.08
CA TRP A 308 32.78 -28.94 4.17
C TRP A 308 32.37 -27.70 3.40
N ALA A 309 33.35 -27.09 2.74
CA ALA A 309 33.12 -25.95 1.88
C ALA A 309 34.01 -26.08 0.65
N TYR A 310 33.45 -25.80 -0.53
CA TYR A 310 34.18 -25.84 -1.79
C TYR A 310 34.20 -24.41 -2.32
N GLY A 311 35.16 -23.63 -1.85
CA GLY A 311 35.25 -22.23 -2.22
C GLY A 311 34.13 -21.41 -1.60
N PRO A 312 33.22 -20.89 -2.43
CA PRO A 312 32.15 -20.03 -1.90
C PRO A 312 30.86 -20.75 -1.55
N VAL A 313 30.82 -22.08 -1.55
CA VAL A 313 29.62 -22.84 -1.23
C VAL A 313 29.86 -23.57 0.09
N TYR A 314 28.94 -23.39 1.03
CA TYR A 314 29.04 -23.99 2.35
C TYR A 314 27.91 -25.00 2.54
N SER A 315 28.23 -26.11 3.19
CA SER A 315 27.26 -27.19 3.44
C SER A 315 27.21 -27.44 4.93
N SER A 316 26.35 -26.69 5.63
CA SER A 316 26.17 -26.88 7.06
C SER A 316 25.33 -28.13 7.31
N LEU A 317 25.80 -28.98 8.22
CA LEU A 317 25.14 -30.25 8.53
C LEU A 317 24.33 -30.06 9.79
N TYR A 318 23.08 -29.61 9.63
CA TYR A 318 22.20 -29.41 10.77
C TYR A 318 21.86 -30.73 11.43
N ASP A 319 21.84 -30.74 12.76
CA ASP A 319 21.32 -31.87 13.50
C ASP A 319 19.84 -31.65 13.79
N LEU A 320 19.05 -32.72 13.61
CA LEU A 320 17.62 -32.66 13.86
C LEU A 320 17.18 -33.90 14.62
N SER A 321 17.93 -34.25 15.67
CA SER A 321 17.60 -35.42 16.46
C SER A 321 16.24 -35.27 17.13
N SER A 322 15.71 -34.05 17.18
CA SER A 322 14.42 -33.81 17.80
C SER A 322 13.33 -33.43 16.80
N LEU A 323 13.70 -32.89 15.63
CA LEU A 323 12.68 -32.44 14.69
C LEU A 323 11.92 -33.60 14.07
N ASP A 324 12.55 -34.78 13.99
CA ASP A 324 11.91 -35.95 13.40
C ASP A 324 12.31 -37.17 14.23
N THR A 325 11.35 -37.71 14.98
CA THR A 325 11.56 -38.93 15.75
C THR A 325 11.01 -40.16 15.05
N CYS A 326 10.59 -40.04 13.78
CA CYS A 326 9.98 -41.14 13.04
C CYS A 326 8.77 -41.69 13.79
N GLY A 327 8.13 -40.85 14.58
CA GLY A 327 7.00 -41.26 15.38
C GLY A 327 7.34 -41.94 16.69
N GLU A 328 8.63 -42.15 16.98
CA GLU A 328 9.03 -42.76 18.25
C GLU A 328 8.72 -41.85 19.41
N GLU A 329 8.87 -40.54 19.25
CA GLU A 329 8.59 -39.57 20.29
C GLU A 329 8.08 -38.30 19.63
N VAL A 330 7.43 -37.45 20.44
CA VAL A 330 6.92 -36.19 19.91
C VAL A 330 8.08 -35.41 19.30
N SER A 331 7.78 -34.67 18.24
CA SER A 331 8.79 -33.98 17.46
C SER A 331 8.42 -32.52 17.30
N VAL A 332 9.45 -31.68 17.15
CA VAL A 332 9.22 -30.24 17.01
C VAL A 332 8.34 -29.94 15.81
N LEU A 333 8.61 -30.63 14.68
CA LEU A 333 7.85 -30.35 13.47
C LEU A 333 6.37 -30.66 13.65
N GLU A 334 6.05 -31.79 14.28
CA GLU A 334 4.65 -32.11 14.55
C GLU A 334 4.02 -31.07 15.48
N ILE A 335 4.74 -30.69 16.53
CA ILE A 335 4.22 -29.70 17.47
C ILE A 335 4.03 -28.36 16.79
N LEU A 336 4.83 -28.08 15.76
CA LEU A 336 4.84 -26.74 15.18
C LEU A 336 3.70 -26.54 14.19
N VAL A 337 3.18 -27.61 13.61
CA VAL A 337 2.15 -27.51 12.58
C VAL A 337 0.81 -28.05 13.07
N TYR A 338 0.81 -29.07 13.92
CA TYR A 338 -0.41 -29.68 14.43
C TYR A 338 -0.83 -29.06 15.76
N ASN A 339 -0.49 -27.80 15.98
CA ASN A 339 -0.87 -27.11 17.21
C ASN A 339 -1.38 -25.72 16.84
N SER A 340 -2.51 -25.33 17.42
CA SER A 340 -3.15 -24.06 17.09
C SER A 340 -2.69 -22.91 17.97
N LYS A 341 -2.31 -23.19 19.21
CA LYS A 341 -1.87 -22.14 20.13
C LYS A 341 -0.60 -21.44 19.66
N ILE A 342 0.13 -22.02 18.71
CA ILE A 342 1.35 -21.39 18.23
C ILE A 342 1.01 -20.03 17.65
N GLU A 343 1.87 -19.04 17.93
CA GLU A 343 1.60 -17.67 17.52
C GLU A 343 2.36 -17.27 16.26
N ASN A 344 3.55 -17.85 16.04
CA ASN A 344 4.45 -17.42 14.98
C ASN A 344 4.71 -18.55 13.98
N ARG A 345 3.70 -19.37 13.72
CA ARG A 345 3.92 -20.56 12.89
C ARG A 345 4.59 -20.22 11.57
N HIS A 346 4.10 -19.18 10.90
CA HIS A 346 4.56 -18.90 9.53
C HIS A 346 6.07 -18.64 9.49
N GLU A 347 6.57 -17.85 10.44
CA GLU A 347 8.00 -17.56 10.45
C GLU A 347 8.81 -18.66 11.13
N MET A 348 8.21 -19.41 12.05
CA MET A 348 8.92 -20.53 12.67
C MET A 348 9.25 -21.60 11.64
N LEU A 349 8.32 -21.89 10.74
CA LEU A 349 8.61 -22.86 9.67
C LEU A 349 9.77 -22.39 8.80
N ALA A 350 9.97 -21.08 8.70
CA ALA A 350 11.00 -20.56 7.81
C ALA A 350 12.40 -20.94 8.24
N VAL A 351 12.58 -21.39 9.49
CA VAL A 351 13.91 -21.72 10.00
C VAL A 351 14.57 -22.73 9.07
N GLU A 352 15.90 -22.70 9.01
CA GLU A 352 16.65 -23.34 7.94
C GLU A 352 16.36 -24.83 7.80
N PRO A 353 16.71 -25.67 8.78
CA PRO A 353 16.48 -27.12 8.62
C PRO A 353 15.04 -27.56 8.79
N ILE A 354 14.09 -26.64 8.90
CA ILE A 354 12.67 -26.96 8.91
C ILE A 354 12.06 -26.82 7.52
N ASN A 355 12.22 -25.64 6.92
CA ASN A 355 11.70 -25.43 5.57
C ASN A 355 12.30 -26.43 4.58
N GLU A 356 13.62 -26.61 4.65
CA GLU A 356 14.28 -27.58 3.77
C GLU A 356 13.84 -29.00 4.10
N LEU A 357 13.68 -29.30 5.39
CA LEU A 357 13.28 -30.65 5.79
C LEU A 357 11.95 -31.04 5.19
N LEU A 358 10.96 -30.14 5.25
CA LEU A 358 9.66 -30.43 4.64
C LEU A 358 9.80 -30.61 3.13
N ARG A 359 10.56 -29.75 2.48
CA ARG A 359 10.75 -29.87 1.04
C ARG A 359 11.43 -31.20 0.69
N ASP A 360 12.37 -31.64 1.53
CA ASP A 360 13.03 -32.92 1.27
C ASP A 360 12.02 -34.06 1.26
N LYS A 361 11.09 -34.05 2.23
CA LYS A 361 10.05 -35.06 2.24
C LYS A 361 9.17 -34.95 1.00
N TRP A 362 8.98 -33.73 0.49
CA TRP A 362 8.18 -33.55 -0.71
C TRP A 362 8.80 -34.25 -1.90
N ARG A 363 10.12 -34.10 -2.09
CA ARG A 363 10.78 -34.68 -3.25
C ARG A 363 10.60 -36.19 -3.27
N LYS A 364 10.92 -36.87 -2.17
CA LYS A 364 10.82 -38.31 -2.07
C LYS A 364 9.73 -38.67 -1.06
N PHE A 365 8.77 -39.48 -1.50
CA PHE A 365 7.79 -40.13 -0.64
C PHE A 365 6.78 -39.15 -0.07
N GLY A 366 6.80 -37.89 -0.49
CA GLY A 366 5.81 -36.91 -0.07
C GLY A 366 4.98 -36.42 -1.24
N ALA A 367 5.60 -36.37 -2.43
CA ALA A 367 4.92 -35.96 -3.65
C ALA A 367 4.25 -37.12 -4.38
N VAL A 368 4.96 -38.25 -4.54
CA VAL A 368 4.37 -39.39 -5.23
C VAL A 368 3.17 -39.92 -4.44
N SER A 369 3.33 -40.04 -3.12
CA SER A 369 2.20 -40.51 -2.32
C SER A 369 1.06 -39.51 -2.29
N PHE A 370 1.35 -38.24 -2.61
CA PHE A 370 0.29 -37.26 -2.75
C PHE A 370 -0.48 -37.48 -4.04
N TYR A 371 0.25 -37.71 -5.14
CA TYR A 371 -0.41 -37.93 -6.43
C TYR A 371 -1.08 -39.29 -6.49
N ILE A 372 -0.52 -40.29 -5.81
CA ILE A 372 -1.22 -41.57 -5.68
C ILE A 372 -2.52 -41.38 -4.92
N ASN A 373 -2.57 -40.38 -4.03
CA ASN A 373 -3.75 -40.17 -3.22
C ASN A 373 -4.85 -39.47 -4.00
N VAL A 374 -4.51 -38.37 -4.69
CA VAL A 374 -5.50 -37.66 -5.49
C VAL A 374 -6.12 -38.58 -6.53
N VAL A 375 -5.29 -39.29 -7.30
CA VAL A 375 -5.81 -40.10 -8.39
C VAL A 375 -6.59 -41.29 -7.84
N SER A 376 -6.03 -42.00 -6.86
CA SER A 376 -6.71 -43.16 -6.31
C SER A 376 -8.02 -42.76 -5.65
N TYR A 377 -8.01 -41.66 -4.88
CA TYR A 377 -9.24 -41.22 -4.23
C TYR A 377 -10.24 -40.71 -5.25
N LEU A 378 -9.80 -39.90 -6.21
CA LEU A 378 -10.71 -39.38 -7.21
C LEU A 378 -11.40 -40.50 -7.96
N CYS A 379 -10.66 -41.56 -8.30
CA CYS A 379 -11.25 -42.71 -8.97
C CYS A 379 -12.26 -43.40 -8.05
N ALA A 380 -12.00 -43.38 -6.74
CA ALA A 380 -12.95 -43.99 -5.81
C ALA A 380 -14.29 -43.28 -5.85
N MET A 381 -14.28 -41.95 -5.84
CA MET A 381 -15.55 -41.21 -5.92
C MET A 381 -16.22 -41.42 -7.27
N VAL A 382 -15.45 -41.35 -8.35
CA VAL A 382 -16.01 -41.57 -9.68
C VAL A 382 -16.68 -42.94 -9.74
N ILE A 383 -16.09 -43.94 -9.08
CA ILE A 383 -16.76 -45.23 -8.94
C ILE A 383 -18.06 -45.06 -8.17
N PHE A 384 -18.01 -44.29 -7.07
CA PHE A 384 -19.22 -44.04 -6.30
C PHE A 384 -20.26 -43.30 -7.13
N THR A 385 -19.82 -42.30 -7.90
CA THR A 385 -20.75 -41.55 -8.74
C THR A 385 -21.43 -42.47 -9.76
N LEU A 386 -20.63 -43.23 -10.51
CA LEU A 386 -21.20 -44.14 -11.49
C LEU A 386 -22.02 -45.23 -10.83
N THR A 387 -21.53 -45.78 -9.71
CA THR A 387 -22.28 -46.83 -9.02
C THR A 387 -23.64 -46.33 -8.57
N ALA A 388 -23.69 -45.13 -8.00
CA ALA A 388 -24.97 -44.56 -7.59
C ALA A 388 -25.87 -44.34 -8.80
N TYR A 389 -25.31 -43.80 -9.89
CA TYR A 389 -26.13 -43.49 -11.06
C TYR A 389 -26.78 -44.74 -11.63
N TYR A 390 -25.99 -45.78 -11.87
CA TYR A 390 -26.48 -47.04 -12.41
C TYR A 390 -26.95 -47.99 -11.32
N GLN A 391 -27.08 -47.52 -10.08
CA GLN A 391 -27.55 -48.36 -9.01
C GLN A 391 -28.83 -49.09 -9.46
N PRO A 392 -29.01 -50.37 -9.11
CA PRO A 392 -30.10 -51.15 -9.72
C PRO A 392 -31.45 -50.47 -9.67
N LEU A 393 -32.00 -50.17 -10.84
CA LEU A 393 -33.33 -49.59 -10.97
C LEU A 393 -34.37 -50.69 -10.86
N GLU A 394 -35.61 -50.38 -11.24
CA GLU A 394 -36.77 -51.28 -11.23
C GLU A 394 -37.35 -51.43 -9.82
N GLY A 395 -36.81 -50.75 -8.82
CA GLY A 395 -37.35 -50.81 -7.48
C GLY A 395 -37.02 -52.10 -6.76
N THR A 396 -36.93 -52.04 -5.43
CA THR A 396 -36.61 -53.20 -4.61
C THR A 396 -35.35 -53.87 -5.12
N PRO A 397 -34.19 -53.23 -4.99
CA PRO A 397 -32.93 -53.87 -5.37
C PRO A 397 -32.22 -54.51 -4.20
N PRO A 398 -32.70 -55.67 -3.70
CA PRO A 398 -31.95 -56.34 -2.62
C PRO A 398 -30.60 -56.86 -3.08
N TYR A 399 -30.60 -57.61 -4.19
CA TYR A 399 -29.38 -58.14 -4.80
C TYR A 399 -29.68 -58.56 -6.23
N PRO A 400 -29.95 -57.62 -7.12
CA PRO A 400 -30.38 -57.98 -8.48
C PRO A 400 -29.25 -58.32 -9.43
N TYR A 401 -28.06 -58.61 -8.89
CA TYR A 401 -26.86 -58.80 -9.71
C TYR A 401 -26.88 -60.18 -10.34
N ARG A 402 -27.44 -60.27 -11.55
CA ARG A 402 -27.42 -61.48 -12.37
C ARG A 402 -27.06 -61.13 -13.82
N THR A 403 -26.01 -60.34 -14.01
CA THR A 403 -25.59 -59.97 -15.35
C THR A 403 -24.13 -59.55 -15.32
N THR A 404 -23.48 -59.57 -16.49
CA THR A 404 -22.08 -59.18 -16.57
C THR A 404 -21.89 -57.73 -16.13
N VAL A 405 -22.68 -56.81 -16.70
CA VAL A 405 -22.63 -55.42 -16.26
C VAL A 405 -23.04 -55.32 -14.80
N ASP A 406 -23.99 -56.16 -14.38
CA ASP A 406 -24.40 -56.18 -12.98
C ASP A 406 -23.21 -56.49 -12.08
N TYR A 407 -22.35 -57.43 -12.49
CA TYR A 407 -21.15 -57.74 -11.71
C TYR A 407 -20.24 -56.52 -11.61
N LEU A 408 -20.07 -55.81 -12.72
CA LEU A 408 -19.26 -54.60 -12.68
C LEU A 408 -19.83 -53.59 -11.69
N ARG A 409 -21.15 -53.40 -11.71
CA ARG A 409 -21.79 -52.54 -10.72
C ARG A 409 -21.59 -53.08 -9.31
N LEU A 410 -21.69 -54.41 -9.15
CA LEU A 410 -21.45 -55.01 -7.84
C LEU A 410 -20.04 -54.69 -7.36
N ALA A 411 -19.06 -54.75 -8.27
CA ALA A 411 -17.69 -54.39 -7.90
C ALA A 411 -17.62 -52.93 -7.46
N GLY A 412 -18.30 -52.04 -8.17
CA GLY A 412 -18.30 -50.64 -7.78
C GLY A 412 -18.87 -50.43 -6.38
N GLU A 413 -19.99 -51.08 -6.08
CA GLU A 413 -20.56 -50.98 -4.74
C GLU A 413 -19.62 -51.57 -3.69
N VAL A 414 -18.98 -52.70 -4.01
CA VAL A 414 -18.07 -53.33 -3.05
C VAL A 414 -16.88 -52.42 -2.77
N ILE A 415 -16.28 -51.84 -3.83
CA ILE A 415 -15.12 -50.97 -3.63
C ILE A 415 -15.49 -49.77 -2.77
N THR A 416 -16.63 -49.13 -3.07
CA THR A 416 -17.06 -47.99 -2.25
C THR A 416 -17.37 -48.44 -0.83
N LEU A 417 -17.93 -49.63 -0.66
CA LEU A 417 -18.17 -50.15 0.67
C LEU A 417 -16.85 -50.39 1.41
N PHE A 418 -15.85 -50.93 0.71
CA PHE A 418 -14.56 -51.19 1.33
C PHE A 418 -13.88 -49.89 1.74
N THR A 419 -13.79 -48.93 0.82
CA THR A 419 -13.16 -47.65 1.15
C THR A 419 -13.97 -46.91 2.19
N GLY A 420 -15.27 -47.21 2.30
CA GLY A 420 -16.08 -46.59 3.32
C GLY A 420 -15.69 -47.03 4.72
N VAL A 421 -15.38 -48.31 4.90
CA VAL A 421 -14.99 -48.81 6.21
C VAL A 421 -13.49 -48.65 6.44
N LEU A 422 -12.69 -48.79 5.37
CA LEU A 422 -11.27 -48.49 5.50
C LEU A 422 -11.07 -47.07 6.03
N PHE A 423 -11.86 -46.12 5.53
CA PHE A 423 -11.82 -44.77 6.06
C PHE A 423 -12.17 -44.74 7.55
N PHE A 424 -13.08 -45.64 7.96
CA PHE A 424 -13.51 -45.65 9.35
C PHE A 424 -12.36 -45.94 10.30
N PHE A 425 -11.51 -46.92 9.95
CA PHE A 425 -10.41 -47.28 10.82
C PHE A 425 -9.41 -46.14 10.97
N THR A 426 -9.05 -45.49 9.86
CA THR A 426 -8.10 -44.39 9.92
C THR A 426 -8.67 -43.14 10.57
N SER A 427 -10.00 -43.05 10.70
CA SER A 427 -10.60 -41.92 11.39
C SER A 427 -10.63 -42.15 12.90
N ILE A 428 -11.00 -43.35 13.33
CA ILE A 428 -10.98 -43.67 14.76
C ILE A 428 -9.55 -43.80 15.26
N LYS A 429 -8.62 -44.25 14.41
CA LYS A 429 -7.24 -44.43 14.84
C LYS A 429 -6.67 -43.13 15.41
N ASP A 430 -6.95 -42.00 14.76
CA ASP A 430 -6.48 -40.71 15.25
C ASP A 430 -7.21 -40.32 16.53
N PHE A 448 -10.34 -31.72 10.76
CA PHE A 448 -10.47 -31.93 9.33
C PHE A 448 -11.04 -33.31 9.03
N GLN A 449 -10.87 -34.24 9.98
CA GLN A 449 -11.43 -35.57 9.84
C GLN A 449 -12.94 -35.60 10.05
N LEU A 450 -13.54 -34.48 10.48
CA LEU A 450 -14.97 -34.46 10.74
C LEU A 450 -15.76 -34.89 9.50
N LEU A 451 -15.65 -34.11 8.41
CA LEU A 451 -16.28 -34.52 7.17
C LEU A 451 -15.88 -35.93 6.78
N TYR A 452 -14.61 -36.27 7.01
CA TYR A 452 -14.12 -37.62 6.73
C TYR A 452 -14.85 -38.65 7.58
N PHE A 453 -15.02 -38.36 8.87
CA PHE A 453 -15.70 -39.31 9.75
C PHE A 453 -17.15 -39.50 9.33
N ILE A 454 -17.82 -38.40 8.95
CA ILE A 454 -19.21 -38.50 8.54
C ILE A 454 -19.34 -39.36 7.29
N TYR A 455 -18.39 -39.23 6.37
CA TYR A 455 -18.40 -40.09 5.18
C TYR A 455 -18.36 -41.56 5.58
N SER A 456 -17.44 -41.93 6.48
CA SER A 456 -17.23 -43.34 6.78
C SER A 456 -18.50 -43.97 7.34
N VAL A 457 -19.16 -43.30 8.29
CA VAL A 457 -20.35 -43.87 8.90
C VAL A 457 -21.51 -43.92 7.90
N LEU A 458 -21.65 -42.86 7.08
CA LEU A 458 -22.76 -42.81 6.15
C LEU A 458 -22.67 -43.90 5.09
N VAL A 459 -21.51 -44.05 4.45
CA VAL A 459 -21.34 -45.12 3.47
C VAL A 459 -21.55 -46.48 4.14
N VAL A 460 -21.09 -46.62 5.38
CA VAL A 460 -21.37 -47.83 6.14
C VAL A 460 -22.87 -47.96 6.37
N VAL A 461 -23.54 -46.85 6.70
CA VAL A 461 -24.99 -46.89 6.89
C VAL A 461 -25.68 -47.32 5.60
N SER A 462 -25.24 -46.78 4.46
CA SER A 462 -25.89 -47.09 3.19
C SER A 462 -25.84 -48.59 2.91
N ALA A 463 -24.64 -49.17 2.85
CA ALA A 463 -24.52 -50.59 2.56
C ALA A 463 -25.27 -51.43 3.59
N ALA A 464 -25.31 -50.98 4.84
CA ALA A 464 -26.04 -51.71 5.87
C ALA A 464 -27.51 -51.85 5.51
N LEU A 465 -28.15 -50.73 5.17
CA LEU A 465 -29.56 -50.78 4.77
C LEU A 465 -29.74 -51.56 3.48
N TYR A 466 -28.82 -51.38 2.52
CA TYR A 466 -28.93 -52.11 1.26
C TYR A 466 -28.82 -53.62 1.49
N LEU A 467 -27.89 -54.04 2.33
CA LEU A 467 -27.72 -55.47 2.58
C LEU A 467 -29.00 -56.10 3.12
N ALA A 468 -29.80 -55.33 3.86
CA ALA A 468 -31.08 -55.81 4.35
C ALA A 468 -32.16 -55.79 3.28
N GLY A 469 -31.87 -55.26 2.09
CA GLY A 469 -32.86 -55.20 1.04
C GLY A 469 -34.06 -54.35 1.38
N ILE A 470 -33.83 -53.23 2.08
CA ILE A 470 -34.90 -52.33 2.50
C ILE A 470 -34.88 -51.13 1.57
N GLU A 471 -36.02 -50.83 0.97
CA GLU A 471 -36.11 -49.81 -0.07
C GLU A 471 -36.24 -48.41 0.55
N ALA A 472 -36.03 -47.40 -0.30
CA ALA A 472 -36.20 -46.00 0.08
C ALA A 472 -35.15 -45.56 1.09
N TYR A 473 -33.95 -46.12 1.01
CA TYR A 473 -32.82 -45.69 1.82
C TYR A 473 -31.54 -45.61 0.96
N LEU A 474 -31.69 -45.07 -0.24
CA LEU A 474 -30.56 -44.57 -1.00
C LEU A 474 -30.26 -43.11 -0.67
N ALA A 475 -31.04 -42.51 0.23
CA ALA A 475 -30.83 -41.12 0.61
C ALA A 475 -29.43 -40.91 1.18
N VAL A 476 -29.05 -41.71 2.18
CA VAL A 476 -27.75 -41.55 2.80
C VAL A 476 -26.64 -41.80 1.80
N MET A 477 -26.81 -42.80 0.93
CA MET A 477 -25.79 -43.11 -0.05
C MET A 477 -25.47 -41.89 -0.93
N VAL A 478 -26.50 -41.22 -1.44
CA VAL A 478 -26.27 -40.05 -2.27
C VAL A 478 -25.69 -38.91 -1.45
N PHE A 479 -26.24 -38.67 -0.25
CA PHE A 479 -25.72 -37.62 0.61
C PHE A 479 -24.28 -37.91 1.03
N ALA A 480 -23.88 -39.18 1.07
CA ALA A 480 -22.46 -39.49 1.24
C ALA A 480 -21.65 -39.02 0.05
N LEU A 481 -22.20 -39.16 -1.16
CA LEU A 481 -21.48 -38.76 -2.36
C LEU A 481 -21.12 -37.29 -2.34
N VAL A 482 -22.12 -36.43 -2.09
CA VAL A 482 -21.85 -34.99 -2.05
C VAL A 482 -20.81 -34.68 -0.97
N LEU A 483 -20.92 -35.32 0.19
CA LEU A 483 -19.88 -35.18 1.20
C LEU A 483 -18.55 -35.71 0.70
N GLY A 484 -18.56 -36.83 -0.03
CA GLY A 484 -17.35 -37.40 -0.57
C GLY A 484 -16.60 -36.41 -1.44
N TRP A 485 -17.32 -35.71 -2.32
CA TRP A 485 -16.70 -34.68 -3.13
C TRP A 485 -16.38 -33.44 -2.32
N MET A 486 -17.20 -33.13 -1.31
CA MET A 486 -16.83 -32.09 -0.36
C MET A 486 -15.56 -32.47 0.38
N ASN A 487 -15.48 -33.74 0.82
CA ASN A 487 -14.23 -34.26 1.37
C ASN A 487 -13.09 -34.09 0.37
N ALA A 488 -13.40 -34.20 -0.93
CA ALA A 488 -12.34 -34.16 -1.94
C ALA A 488 -11.66 -32.80 -1.99
N LEU A 489 -12.25 -31.79 -1.36
CA LEU A 489 -11.66 -30.45 -1.37
C LEU A 489 -10.26 -30.46 -0.75
N TYR A 490 -9.99 -31.43 0.14
CA TYR A 490 -8.74 -31.45 0.87
C TYR A 490 -7.55 -31.61 -0.06
N PHE A 491 -7.49 -32.75 -0.78
CA PHE A 491 -6.31 -33.02 -1.59
C PHE A 491 -6.12 -31.99 -2.70
N THR A 492 -7.21 -31.58 -3.36
CA THR A 492 -7.09 -30.63 -4.45
C THR A 492 -6.52 -29.31 -3.96
N ARG A 493 -6.73 -29.00 -2.67
CA ARG A 493 -6.20 -27.77 -2.10
C ARG A 493 -4.68 -27.69 -2.14
N GLY A 494 -3.99 -28.82 -1.95
CA GLY A 494 -2.55 -28.78 -1.77
C GLY A 494 -1.74 -28.52 -3.02
N LEU A 495 -2.39 -28.48 -4.18
CA LEU A 495 -1.69 -28.30 -5.44
C LEU A 495 -2.17 -27.02 -6.12
N LYS A 496 -1.26 -26.37 -6.86
CA LYS A 496 -1.56 -25.15 -7.60
C LYS A 496 -2.05 -24.03 -6.69
N LEU A 497 -1.57 -24.01 -5.44
CA LEU A 497 -1.95 -22.98 -4.48
C LEU A 497 -3.45 -22.83 -4.40
N THR A 498 -4.16 -23.95 -4.43
CA THR A 498 -5.60 -23.95 -4.31
C THR A 498 -6.01 -23.98 -2.84
N GLY A 499 -7.32 -24.02 -2.61
CA GLY A 499 -7.88 -24.04 -1.27
C GLY A 499 -8.41 -22.71 -0.79
N THR A 500 -8.00 -21.60 -1.41
CA THR A 500 -8.61 -20.32 -1.10
C THR A 500 -10.12 -20.39 -1.28
N TYR A 501 -10.59 -21.23 -2.20
CA TYR A 501 -12.01 -21.53 -2.27
C TYR A 501 -12.51 -22.08 -0.93
N SER A 502 -11.78 -23.05 -0.37
CA SER A 502 -12.20 -23.67 0.87
C SER A 502 -12.25 -22.65 2.02
N ILE A 503 -11.23 -21.81 2.12
CA ILE A 503 -11.21 -20.80 3.18
C ILE A 503 -12.36 -19.84 3.00
N MET A 504 -12.62 -19.43 1.76
CA MET A 504 -13.75 -18.54 1.49
C MET A 504 -15.07 -19.20 1.86
N ILE A 505 -15.20 -20.51 1.58
CA ILE A 505 -16.45 -21.19 1.83
C ILE A 505 -16.80 -21.14 3.32
N GLN A 506 -15.86 -21.53 4.18
CA GLN A 506 -16.15 -21.62 5.60
C GLN A 506 -16.40 -20.24 6.20
N LYS A 507 -15.63 -19.24 5.80
CA LYS A 507 -15.80 -17.90 6.35
C LYS A 507 -17.15 -17.30 5.96
N ILE A 508 -17.64 -17.60 4.75
CA ILE A 508 -18.97 -17.16 4.37
C ILE A 508 -20.04 -18.10 4.90
N LEU A 509 -19.67 -19.35 5.18
CA LEU A 509 -20.67 -20.35 5.56
C LEU A 509 -21.47 -19.90 6.78
N PHE A 510 -20.80 -19.74 7.92
CA PHE A 510 -21.51 -19.38 9.15
C PHE A 510 -22.15 -18.01 9.02
N LYS A 511 -21.44 -17.06 8.42
CA LYS A 511 -21.91 -15.68 8.40
C LYS A 511 -23.22 -15.54 7.64
N ASP A 512 -23.21 -15.84 6.34
CA ASP A 512 -24.33 -15.47 5.48
C ASP A 512 -25.65 -16.05 5.98
N LEU A 513 -25.62 -17.27 6.50
CA LEU A 513 -26.88 -18.01 6.71
C LEU A 513 -27.78 -17.30 7.72
N PHE A 514 -27.25 -16.96 8.89
CA PHE A 514 -28.13 -16.43 9.94
C PHE A 514 -28.28 -14.92 9.90
N ARG A 515 -27.43 -14.20 9.16
CA ARG A 515 -27.76 -12.83 8.80
C ARG A 515 -28.97 -12.80 7.87
N PHE A 516 -28.97 -13.66 6.85
CA PHE A 516 -30.08 -13.66 5.89
C PHE A 516 -31.32 -14.29 6.49
N LEU A 517 -31.22 -15.53 6.97
CA LEU A 517 -32.40 -16.21 7.52
C LEU A 517 -33.03 -15.41 8.66
N LEU A 518 -32.23 -14.64 9.39
CA LEU A 518 -32.82 -13.70 10.34
C LEU A 518 -33.73 -12.71 9.63
N VAL A 519 -33.21 -12.06 8.59
CA VAL A 519 -34.03 -11.13 7.81
C VAL A 519 -35.12 -11.91 7.07
N TYR A 520 -34.81 -13.12 6.62
CA TYR A 520 -35.76 -13.89 5.83
C TYR A 520 -37.03 -14.16 6.63
N LEU A 521 -36.89 -14.67 7.85
CA LEU A 521 -38.07 -14.94 8.68
C LEU A 521 -38.56 -13.67 9.38
N LEU A 522 -37.66 -12.71 9.59
CA LEU A 522 -38.06 -11.43 10.16
C LEU A 522 -39.21 -10.82 9.36
N PHE A 523 -39.13 -10.93 8.03
CA PHE A 523 -40.12 -10.27 7.18
C PHE A 523 -41.33 -11.16 6.95
N MET A 524 -41.15 -12.47 7.00
CA MET A 524 -42.28 -13.39 6.86
C MET A 524 -43.42 -12.97 7.78
N ILE A 525 -43.17 -13.01 9.09
CA ILE A 525 -44.20 -12.66 10.06
C ILE A 525 -44.49 -11.17 10.02
N GLY A 526 -43.44 -10.35 9.93
CA GLY A 526 -43.65 -8.91 9.85
C GLY A 526 -44.52 -8.53 8.68
N TYR A 527 -44.28 -9.15 7.52
CA TYR A 527 -45.02 -8.78 6.32
C TYR A 527 -46.36 -9.50 6.25
N ALA A 528 -46.40 -10.76 6.71
CA ALA A 528 -47.66 -11.50 6.73
C ALA A 528 -48.67 -10.85 7.67
N SER A 529 -48.22 -10.43 8.85
CA SER A 529 -49.14 -9.79 9.79
C SER A 529 -49.73 -8.52 9.20
N ALA A 530 -48.91 -7.74 8.50
CA ALA A 530 -49.44 -6.58 7.78
C ALA A 530 -50.38 -7.01 6.66
N LEU A 531 -50.16 -8.21 6.13
CA LEU A 531 -50.99 -8.68 5.01
C LEU A 531 -52.39 -9.03 5.47
N VAL A 532 -52.53 -9.67 6.64
CA VAL A 532 -53.85 -10.10 7.09
C VAL A 532 -54.78 -8.92 7.31
N THR A 533 -54.26 -7.69 7.33
CA THR A 533 -55.12 -6.52 7.39
C THR A 533 -56.10 -6.51 6.22
N LEU A 534 -55.62 -6.89 5.02
CA LEU A 534 -56.47 -6.86 3.84
C LEU A 534 -57.29 -8.13 3.70
N LEU A 535 -56.91 -9.19 4.42
CA LEU A 535 -57.44 -10.53 4.17
C LEU A 535 -57.40 -11.34 5.47
N ASN A 536 -58.47 -12.10 5.73
CA ASN A 536 -58.51 -12.91 6.94
C ASN A 536 -57.57 -14.11 7.02
N PRO A 537 -57.10 -14.69 5.90
CA PRO A 537 -56.04 -15.68 6.13
C PRO A 537 -54.81 -15.44 7.02
N PRO A 557 -55.25 -15.41 -0.87
CA PRO A 557 -55.52 -15.14 -2.29
C PRO A 557 -54.25 -15.14 -3.14
N ALA A 558 -53.50 -14.04 -3.11
CA ALA A 558 -52.26 -13.96 -3.87
C ALA A 558 -51.28 -15.03 -3.43
N CYS A 559 -51.13 -15.23 -2.11
CA CYS A 559 -50.23 -16.23 -1.58
C CYS A 559 -50.95 -17.53 -1.26
N ARG A 560 -52.09 -17.45 -0.57
CA ARG A 560 -52.87 -18.62 -0.18
C ARG A 560 -54.34 -18.21 -0.12
N ASP A 561 -55.08 -18.57 -1.16
CA ASP A 561 -56.52 -18.36 -1.18
C ASP A 561 -57.18 -19.37 -0.26
N SER A 562 -57.87 -18.86 0.77
CA SER A 562 -58.50 -19.71 1.77
C SER A 562 -57.44 -20.38 2.62
N GLU A 563 -57.62 -20.35 3.95
CA GLU A 563 -56.76 -21.07 4.89
C GLU A 563 -55.51 -20.26 5.18
N THR A 564 -55.04 -20.31 6.43
CA THR A 564 -54.01 -19.41 6.94
C THR A 564 -52.66 -20.11 6.92
N PHE A 565 -51.84 -19.82 5.91
CA PHE A 565 -50.45 -20.22 5.85
C PHE A 565 -49.56 -19.01 5.56
N SER A 566 -48.30 -19.13 5.96
CA SER A 566 -47.27 -18.15 5.63
C SER A 566 -46.12 -18.74 4.82
N ALA A 567 -46.10 -20.07 4.63
CA ALA A 567 -45.00 -20.68 3.88
C ALA A 567 -44.96 -20.20 2.44
N PHE A 568 -46.13 -20.07 1.79
CA PHE A 568 -46.15 -19.60 0.41
C PHE A 568 -45.61 -18.17 0.33
N LEU A 569 -45.78 -17.39 1.38
CA LEU A 569 -45.13 -16.09 1.44
C LEU A 569 -43.61 -16.26 1.49
N LEU A 570 -43.13 -17.24 2.25
CA LEU A 570 -41.70 -17.49 2.33
C LEU A 570 -41.12 -17.71 0.94
N ASP A 571 -41.74 -18.60 0.15
CA ASP A 571 -41.27 -18.82 -1.22
C ASP A 571 -41.38 -17.56 -2.05
N LEU A 572 -42.41 -16.74 -1.79
CA LEU A 572 -42.56 -15.49 -2.52
C LEU A 572 -41.32 -14.62 -2.41
N PHE A 573 -40.78 -14.51 -1.19
CA PHE A 573 -39.53 -13.77 -1.01
C PHE A 573 -38.35 -14.50 -1.64
N LYS A 574 -38.40 -15.84 -1.61
CA LYS A 574 -37.31 -16.62 -2.20
C LYS A 574 -37.12 -16.27 -3.67
N LEU A 575 -38.19 -15.91 -4.37
CA LEU A 575 -38.12 -15.53 -5.77
C LEU A 575 -38.04 -14.02 -5.98
N THR A 576 -38.42 -13.23 -4.98
CA THR A 576 -38.44 -11.77 -5.15
C THR A 576 -37.05 -11.23 -5.48
N ILE A 577 -36.01 -11.80 -4.86
CA ILE A 577 -34.64 -11.38 -5.09
C ILE A 577 -33.91 -12.34 -6.02
N GLY A 578 -34.13 -13.65 -5.85
CA GLY A 578 -33.45 -14.61 -6.71
C GLY A 578 -33.79 -14.42 -8.18
N MET A 579 -35.09 -14.31 -8.49
CA MET A 579 -35.52 -14.07 -9.86
C MET A 579 -36.70 -13.12 -9.95
N GLY A 580 -37.05 -12.41 -8.88
CA GLY A 580 -38.17 -11.49 -8.94
C GLY A 580 -39.48 -12.21 -9.22
N ASP A 581 -40.34 -11.56 -10.00
CA ASP A 581 -41.62 -12.13 -10.40
C ASP A 581 -42.48 -12.46 -9.17
N LEU A 582 -42.80 -11.41 -8.41
CA LEU A 582 -43.66 -11.52 -7.25
C LEU A 582 -45.01 -10.87 -7.57
N GLU A 583 -46.09 -11.62 -7.35
CA GLU A 583 -47.41 -11.10 -7.69
C GLU A 583 -47.89 -10.05 -6.67
N MET A 584 -47.67 -10.30 -5.38
CA MET A 584 -48.15 -9.40 -4.33
C MET A 584 -49.67 -9.25 -4.47
N LEU A 585 -50.31 -8.43 -3.64
CA LEU A 585 -51.76 -8.36 -3.63
C LEU A 585 -52.33 -7.50 -4.75
N SER A 586 -51.49 -6.89 -5.58
CA SER A 586 -51.99 -6.24 -6.79
C SER A 586 -52.45 -7.25 -7.84
N SER A 587 -52.13 -8.54 -7.66
CA SER A 587 -52.55 -9.57 -8.59
C SER A 587 -53.93 -10.10 -8.23
N ILE A 595 -52.86 -0.52 3.01
CA ILE A 595 -52.48 -1.04 1.70
C ILE A 595 -51.09 -0.55 1.32
N LEU A 596 -50.83 0.74 1.54
CA LEU A 596 -49.55 1.31 1.15
C LEU A 596 -48.42 0.85 2.07
N LEU A 597 -48.68 0.76 3.37
CA LEU A 597 -47.65 0.26 4.28
C LEU A 597 -47.10 -1.07 3.80
N LEU A 598 -47.98 -1.95 3.31
CA LEU A 598 -47.52 -3.22 2.75
C LEU A 598 -46.59 -2.97 1.57
N VAL A 599 -46.87 -1.93 0.78
CA VAL A 599 -45.96 -1.56 -0.30
C VAL A 599 -44.67 -0.97 0.26
N THR A 600 -44.79 -0.08 1.25
CA THR A 600 -43.58 0.49 1.85
C THR A 600 -42.76 -0.60 2.54
N TYR A 601 -43.42 -1.48 3.29
CA TYR A 601 -42.69 -2.48 4.06
C TYR A 601 -41.93 -3.42 3.15
N ILE A 602 -42.54 -3.86 2.04
CA ILE A 602 -41.84 -4.73 1.10
C ILE A 602 -40.69 -4.00 0.43
N ILE A 603 -40.69 -2.67 0.45
CA ILE A 603 -39.55 -1.92 -0.07
C ILE A 603 -38.36 -2.06 0.88
N LEU A 604 -38.61 -2.06 2.19
CA LEU A 604 -37.51 -2.19 3.15
C LEU A 604 -36.78 -3.51 2.97
N THR A 605 -37.52 -4.63 2.94
CA THR A 605 -36.85 -5.92 2.76
C THR A 605 -35.98 -5.91 1.50
N PHE A 606 -36.46 -5.26 0.44
CA PHE A 606 -35.65 -5.15 -0.77
C PHE A 606 -34.34 -4.42 -0.50
N VAL A 607 -34.43 -3.16 -0.07
CA VAL A 607 -33.22 -2.38 0.14
C VAL A 607 -32.36 -3.00 1.24
N LEU A 608 -32.99 -3.49 2.32
CA LEU A 608 -32.23 -4.19 3.34
C LEU A 608 -31.54 -5.43 2.78
N LEU A 609 -32.25 -6.22 1.98
CA LEU A 609 -31.64 -7.42 1.41
C LEU A 609 -30.50 -7.07 0.47
N LEU A 610 -30.70 -6.05 -0.37
CA LEU A 610 -29.68 -5.70 -1.37
C LEU A 610 -28.37 -5.28 -0.72
N ASN A 611 -28.42 -4.32 0.21
CA ASN A 611 -27.18 -3.83 0.80
C ASN A 611 -26.48 -4.93 1.61
N MET A 612 -27.25 -5.79 2.28
CA MET A 612 -26.64 -6.91 2.97
C MET A 612 -25.83 -7.76 2.01
N LEU A 613 -26.37 -8.02 0.81
CA LEU A 613 -25.58 -8.70 -0.21
C LEU A 613 -24.36 -7.88 -0.59
N ILE A 614 -24.52 -6.56 -0.74
CA ILE A 614 -23.39 -5.69 -1.03
C ILE A 614 -22.38 -5.74 0.11
N ALA A 615 -22.85 -5.67 1.35
CA ALA A 615 -21.96 -5.80 2.50
C ALA A 615 -21.29 -7.16 2.52
N LEU A 616 -22.06 -8.22 2.24
CA LEU A 616 -21.46 -9.54 2.09
C LEU A 616 -20.41 -9.53 0.99
N MET A 617 -20.71 -8.89 -0.14
CA MET A 617 -19.72 -8.69 -1.19
C MET A 617 -18.54 -7.89 -0.66
N GLY A 618 -18.82 -6.83 0.11
CA GLY A 618 -17.74 -6.05 0.70
C GLY A 618 -16.91 -6.84 1.69
N GLU A 619 -17.56 -7.69 2.48
CA GLU A 619 -16.82 -8.50 3.45
C GLU A 619 -15.88 -9.47 2.74
N THR A 620 -16.38 -10.15 1.71
CA THR A 620 -15.59 -11.20 1.07
C THR A 620 -14.34 -10.63 0.40
N VAL A 621 -14.48 -9.51 -0.31
CA VAL A 621 -13.35 -8.96 -1.05
C VAL A 621 -12.22 -8.60 -0.09
N GLY A 622 -12.55 -7.97 1.04
CA GLY A 622 -11.53 -7.62 2.01
C GLY A 622 -10.98 -8.82 2.78
N GLN A 623 -11.71 -9.92 2.81
CA GLN A 623 -11.29 -11.11 3.55
C GLN A 623 -10.34 -11.99 2.76
N VAL A 624 -10.20 -11.76 1.45
CA VAL A 624 -9.37 -12.64 0.62
C VAL A 624 -7.92 -12.58 1.08
N SER A 625 -7.39 -11.37 1.22
CA SER A 625 -6.02 -11.12 1.67
C SER A 625 -4.97 -11.76 0.78
N LYS A 626 -5.35 -12.27 -0.40
CA LYS A 626 -4.43 -12.92 -1.33
C LYS A 626 -3.70 -14.11 -0.71
N GLU A 627 -4.29 -14.70 0.33
CA GLU A 627 -3.73 -15.88 1.00
C GLU A 627 -2.52 -15.53 1.84
N SER A 628 -2.05 -14.29 1.77
CA SER A 628 -0.91 -13.82 2.56
C SER A 628 0.38 -14.57 2.23
N LYS A 629 0.34 -15.46 1.23
CA LYS A 629 1.46 -16.29 0.80
C LYS A 629 1.94 -17.22 1.91
N HIS A 630 1.26 -17.29 3.05
CA HIS A 630 1.69 -18.12 4.17
C HIS A 630 0.74 -19.25 4.50
N ILE A 631 -0.57 -19.05 4.32
CA ILE A 631 -1.54 -20.10 4.64
C ILE A 631 -1.23 -21.35 3.82
N TRP A 632 -0.90 -21.18 2.55
CA TRP A 632 -0.53 -22.33 1.73
C TRP A 632 0.70 -23.02 2.28
N LYS A 633 1.72 -22.25 2.68
CA LYS A 633 2.93 -22.83 3.23
C LYS A 633 2.62 -23.68 4.45
N LEU A 634 1.90 -23.12 5.43
CA LEU A 634 1.51 -23.89 6.60
C LEU A 634 0.60 -25.04 6.21
N GLN A 635 -0.39 -24.77 5.36
CA GLN A 635 -1.32 -25.83 4.97
C GLN A 635 -0.63 -26.89 4.13
N TRP A 636 0.29 -26.48 3.26
CA TRP A 636 1.04 -27.46 2.48
C TRP A 636 1.84 -28.39 3.39
N ALA A 637 2.52 -27.81 4.39
CA ALA A 637 3.30 -28.62 5.32
C ALA A 637 2.40 -29.62 6.06
N THR A 638 1.12 -29.29 6.21
CA THR A 638 0.20 -30.23 6.86
C THR A 638 0.06 -31.50 6.03
N THR A 639 0.00 -31.37 4.71
CA THR A 639 -0.16 -32.55 3.86
C THR A 639 1.03 -33.48 3.98
N ILE A 640 2.26 -32.94 3.88
CA ILE A 640 3.45 -33.78 3.93
C ILE A 640 3.48 -34.57 5.22
N LEU A 641 3.29 -33.89 6.36
CA LEU A 641 3.30 -34.60 7.64
C LEU A 641 2.08 -35.51 7.78
N ASP A 642 0.95 -35.11 7.20
CA ASP A 642 -0.22 -35.97 7.25
C ASP A 642 0.06 -37.31 6.57
N ILE A 643 0.74 -37.27 5.42
CA ILE A 643 1.11 -38.51 4.73
C ILE A 643 2.12 -39.30 5.56
N GLU A 644 3.12 -38.61 6.11
CA GLU A 644 4.20 -39.33 6.78
C GLU A 644 3.69 -40.18 7.93
N ARG A 645 2.81 -39.61 8.77
CA ARG A 645 2.23 -40.40 9.85
C ARG A 645 1.32 -41.51 9.32
N SER A 646 0.91 -41.43 8.06
CA SER A 646 0.01 -42.43 7.49
C SER A 646 0.65 -43.81 7.45
N PHE A 647 1.72 -43.95 6.67
CA PHE A 647 2.42 -45.21 6.52
C PHE A 647 3.53 -45.33 7.55
N PRO A 648 4.06 -46.55 7.76
CA PRO A 648 5.07 -46.72 8.81
C PRO A 648 6.38 -46.02 8.46
N VAL A 649 6.68 -44.96 9.21
CA VAL A 649 7.86 -44.15 8.94
C VAL A 649 9.16 -44.92 9.17
N PHE A 650 9.19 -45.82 10.16
CA PHE A 650 10.42 -46.54 10.46
C PHE A 650 10.99 -47.28 9.27
N LEU A 651 10.22 -47.46 8.20
CA LEU A 651 10.70 -48.10 6.99
C LEU A 651 11.67 -47.14 6.29
N ARG A 652 12.10 -47.50 5.08
CA ARG A 652 13.13 -46.72 4.41
C ARG A 652 12.55 -45.43 3.85
N LYS A 653 11.91 -44.64 4.71
CA LYS A 653 11.35 -43.34 4.35
C LYS A 653 11.98 -42.25 5.21
N ALA A 654 13.20 -42.48 5.66
CA ALA A 654 13.85 -41.62 6.66
C ALA A 654 14.83 -40.67 6.02
N PHE A 655 14.90 -39.47 6.58
CA PHE A 655 15.88 -38.46 6.20
C PHE A 655 17.31 -38.99 6.41
N ARG A 656 18.27 -38.19 5.96
CA ARG A 656 19.66 -38.64 5.88
C ARG A 656 20.22 -38.95 7.26
N SER A 657 21.23 -39.82 7.29
CA SER A 657 21.89 -40.22 8.53
C SER A 657 23.23 -39.49 8.66
N GLY A 658 24.04 -39.87 9.65
CA GLY A 658 25.29 -39.20 9.90
C GLY A 658 26.36 -40.06 10.54
N GLU A 659 27.47 -39.43 10.92
CA GLU A 659 28.63 -40.14 11.46
C GLU A 659 28.28 -40.84 12.77
N MET A 660 29.22 -41.66 13.25
CA MET A 660 29.01 -42.50 14.42
C MET A 660 29.32 -41.78 15.72
N VAL A 661 30.55 -41.30 15.89
CA VAL A 661 31.00 -40.75 17.17
C VAL A 661 31.90 -39.54 16.92
N THR A 662 32.05 -38.73 17.97
CA THR A 662 32.88 -37.53 18.05
C THR A 662 32.24 -36.34 17.35
N VAL A 663 31.13 -36.51 16.64
CA VAL A 663 30.41 -35.40 16.03
C VAL A 663 28.94 -35.72 15.99
N ARG A 673 26.64 -40.77 16.86
CA ARG A 673 25.51 -41.43 16.20
C ARG A 673 24.28 -40.54 16.27
N ARG A 674 24.33 -39.40 15.58
CA ARG A 674 23.24 -38.45 15.55
C ARG A 674 22.71 -38.38 14.13
N TRP A 675 21.39 -38.48 13.99
CA TRP A 675 20.75 -38.51 12.68
C TRP A 675 20.72 -37.11 12.08
N CYS A 676 21.88 -36.59 11.68
CA CYS A 676 21.96 -35.23 11.17
C CYS A 676 21.30 -35.12 9.80
N PHE A 677 21.07 -33.89 9.38
CA PHE A 677 20.53 -33.56 8.06
C PHE A 677 21.37 -32.48 7.41
N ARG A 678 21.53 -32.57 6.10
CA ARG A 678 22.44 -31.72 5.35
C ARG A 678 21.68 -30.57 4.70
N VAL A 679 22.30 -29.39 4.70
CA VAL A 679 21.76 -28.21 4.04
C VAL A 679 22.94 -27.45 3.43
N ASP A 680 22.74 -26.89 2.25
CA ASP A 680 23.81 -26.26 1.49
C ASP A 680 23.41 -24.83 1.12
N GLU A 681 24.26 -23.87 1.49
CA GLU A 681 24.02 -22.46 1.21
C GLU A 681 25.30 -21.86 0.66
N VAL A 682 25.17 -21.02 -0.36
CA VAL A 682 26.31 -20.39 -1.03
C VAL A 682 26.37 -18.93 -0.60
N ASN A 683 27.56 -18.50 -0.18
CA ASN A 683 27.79 -17.12 0.23
C ASN A 683 29.13 -16.66 -0.32
N TRP A 684 29.14 -15.46 -0.89
CA TRP A 684 30.35 -14.88 -1.48
C TRP A 684 31.00 -13.85 -0.57
N SER A 685 30.74 -13.90 0.73
CA SER A 685 31.33 -12.96 1.67
C SER A 685 32.50 -13.59 2.40
N VAL B 47 52.72 -45.08 5.39
CA VAL B 47 53.96 -45.84 5.40
C VAL B 47 53.62 -47.33 5.39
N PHE B 48 53.50 -47.94 6.58
CA PHE B 48 53.01 -49.31 6.66
C PHE B 48 51.58 -49.40 6.16
N ASN B 49 50.75 -48.42 6.52
CA ASN B 49 49.41 -48.28 5.99
C ASN B 49 49.20 -46.83 5.58
N ARG B 50 48.43 -46.63 4.52
CA ARG B 50 48.24 -45.28 3.99
C ARG B 50 47.69 -44.29 5.02
N PRO B 51 46.71 -44.64 5.86
CA PRO B 51 46.11 -43.62 6.74
C PRO B 51 47.13 -42.88 7.60
N ILE B 52 48.14 -43.57 8.14
CA ILE B 52 49.09 -42.89 9.01
C ILE B 52 49.83 -41.80 8.24
N LEU B 53 50.24 -42.10 7.00
CA LEU B 53 50.88 -41.07 6.19
C LEU B 53 49.94 -39.90 5.95
N PHE B 54 48.68 -40.18 5.64
CA PHE B 54 47.70 -39.11 5.46
C PHE B 54 47.48 -38.34 6.75
N ASP B 55 47.41 -39.06 7.88
CA ASP B 55 47.25 -38.39 9.16
C ASP B 55 48.47 -37.53 9.50
N ILE B 56 49.67 -38.05 9.24
CA ILE B 56 50.88 -37.31 9.59
C ILE B 56 50.94 -36.00 8.82
N VAL B 57 50.69 -36.05 7.50
CA VAL B 57 50.74 -34.84 6.70
C VAL B 57 49.62 -33.89 7.07
N SER B 58 48.44 -34.43 7.39
CA SER B 58 47.31 -33.58 7.76
C SER B 58 47.62 -32.77 9.01
N ARG B 59 48.25 -33.39 10.01
CA ARG B 59 48.59 -32.69 11.23
C ARG B 59 49.72 -31.68 11.03
N GLY B 60 50.44 -31.77 9.91
CA GLY B 60 51.51 -30.84 9.63
C GLY B 60 52.83 -31.16 10.30
N SER B 61 52.99 -32.36 10.85
CA SER B 61 54.21 -32.72 11.57
C SER B 61 55.23 -33.24 10.57
N THR B 62 56.26 -32.44 10.29
CA THR B 62 57.33 -32.84 9.39
C THR B 62 58.39 -33.69 10.10
N ALA B 63 58.40 -33.70 11.43
CA ALA B 63 59.40 -34.47 12.15
C ALA B 63 59.29 -35.95 11.83
N ASP B 64 58.15 -36.56 12.16
CA ASP B 64 57.93 -37.96 11.81
C ASP B 64 57.94 -38.17 10.30
N LEU B 65 57.59 -37.15 9.52
CA LEU B 65 57.67 -37.26 8.08
C LEU B 65 59.11 -37.48 7.61
N ASP B 66 60.08 -36.96 8.36
CA ASP B 66 61.47 -37.18 8.02
C ASP B 66 61.85 -38.63 8.24
N GLY B 67 62.74 -39.13 7.36
CA GLY B 67 63.18 -40.51 7.41
C GLY B 67 62.30 -41.48 6.67
N LEU B 68 61.08 -41.08 6.30
CA LEU B 68 60.23 -41.97 5.50
C LEU B 68 60.83 -42.22 4.13
N LEU B 69 61.61 -41.27 3.62
CA LEU B 69 62.26 -41.45 2.32
C LEU B 69 63.14 -42.68 2.31
N SER B 70 63.61 -43.11 3.49
CA SER B 70 64.49 -44.27 3.56
C SER B 70 63.83 -45.51 2.96
N PHE B 71 62.61 -45.84 3.41
CA PHE B 71 61.95 -47.04 2.91
C PHE B 71 61.39 -46.84 1.51
N LEU B 72 61.09 -45.59 1.13
CA LEU B 72 60.68 -45.34 -0.25
C LEU B 72 61.77 -45.76 -1.23
N LEU B 73 63.01 -45.35 -0.97
CA LEU B 73 64.13 -45.78 -1.81
C LEU B 73 64.40 -47.27 -1.65
N THR B 74 64.31 -47.78 -0.43
CA THR B 74 64.57 -49.20 -0.20
C THR B 74 63.58 -50.07 -0.96
N HIS B 75 62.29 -49.70 -0.93
CA HIS B 75 61.26 -50.44 -1.63
C HIS B 75 61.06 -49.97 -3.06
N LYS B 76 61.85 -49.01 -3.52
CA LYS B 76 61.72 -48.44 -4.87
C LYS B 76 60.26 -48.12 -5.20
N LYS B 77 59.51 -47.68 -4.20
CA LYS B 77 58.10 -47.35 -4.37
C LYS B 77 57.96 -45.88 -4.74
N ARG B 78 57.33 -45.61 -5.87
CA ARG B 78 57.11 -44.24 -6.31
C ARG B 78 56.09 -43.55 -5.41
N LEU B 79 56.26 -42.25 -5.23
CA LEU B 79 55.34 -41.47 -4.41
C LEU B 79 53.93 -41.50 -4.95
N THR B 80 53.75 -41.81 -6.23
CA THR B 80 52.44 -41.88 -6.86
C THR B 80 51.91 -43.30 -6.97
N ASP B 81 52.52 -44.25 -6.27
CA ASP B 81 52.09 -45.63 -6.35
C ASP B 81 50.68 -45.79 -5.78
N GLU B 82 50.09 -46.97 -6.01
CA GLU B 82 48.73 -47.24 -5.54
C GLU B 82 48.62 -47.13 -4.03
N GLU B 83 49.70 -47.38 -3.29
CA GLU B 83 49.63 -47.32 -1.84
C GLU B 83 49.37 -45.92 -1.34
N PHE B 84 49.80 -44.90 -2.09
CA PHE B 84 49.62 -43.51 -1.70
C PHE B 84 48.32 -42.91 -2.20
N ARG B 85 47.49 -43.69 -2.90
CA ARG B 85 46.26 -43.20 -3.52
C ARG B 85 45.07 -44.01 -3.00
N GLU B 86 43.96 -43.32 -2.78
CA GLU B 86 42.76 -43.98 -2.29
C GLU B 86 42.21 -44.91 -3.37
N PRO B 87 41.50 -45.97 -2.97
CA PRO B 87 40.90 -46.85 -4.01
C PRO B 87 39.87 -46.14 -4.87
N SER B 88 38.89 -45.48 -4.25
CA SER B 88 37.83 -44.83 -5.01
C SER B 88 38.27 -43.45 -5.50
N THR B 89 38.61 -42.55 -4.58
CA THR B 89 38.93 -41.19 -4.96
C THR B 89 40.32 -41.06 -5.57
N GLY B 90 41.25 -41.95 -5.22
CA GLY B 90 42.62 -41.79 -5.68
C GLY B 90 43.29 -40.55 -5.13
N LYS B 91 42.74 -39.97 -4.06
CA LYS B 91 43.29 -38.74 -3.50
C LYS B 91 44.75 -38.94 -3.12
N THR B 92 45.59 -37.99 -3.52
CA THR B 92 47.02 -38.05 -3.25
C THR B 92 47.34 -37.26 -1.99
N CYS B 93 48.56 -37.42 -1.48
CA CYS B 93 48.97 -36.68 -0.28
C CYS B 93 48.89 -35.18 -0.49
N LEU B 94 49.20 -34.70 -1.71
CA LEU B 94 49.17 -33.26 -1.96
C LEU B 94 47.82 -32.65 -1.61
N PRO B 95 46.72 -33.02 -2.26
CA PRO B 95 45.42 -32.42 -1.86
C PRO B 95 45.09 -32.65 -0.40
N LYS B 96 45.41 -33.82 0.13
CA LYS B 96 45.17 -34.07 1.55
C LYS B 96 45.95 -33.08 2.40
N ALA B 97 47.23 -32.88 2.09
CA ALA B 97 48.02 -31.89 2.82
C ALA B 97 47.46 -30.49 2.63
N LEU B 98 47.12 -30.14 1.39
CA LEU B 98 46.57 -28.81 1.12
C LEU B 98 45.17 -28.65 1.71
N LEU B 99 44.38 -29.73 1.74
CA LEU B 99 43.02 -29.63 2.23
C LEU B 99 42.97 -29.14 3.68
N ASN B 100 43.98 -29.49 4.47
CA ASN B 100 44.04 -29.10 5.88
C ASN B 100 44.92 -27.88 6.10
N LEU B 101 44.88 -26.93 5.17
CA LEU B 101 45.67 -25.71 5.29
C LEU B 101 45.50 -25.10 6.67
N SER B 102 46.61 -25.02 7.40
CA SER B 102 46.59 -24.52 8.78
C SER B 102 47.10 -23.08 8.77
N ASN B 103 46.18 -22.16 8.47
CA ASN B 103 46.50 -20.73 8.44
C ASN B 103 47.70 -20.46 7.53
N GLY B 104 47.77 -21.18 6.42
CA GLY B 104 48.89 -21.02 5.50
C GLY B 104 50.19 -21.59 6.01
N ARG B 105 50.15 -22.44 7.03
CA ARG B 105 51.34 -22.98 7.68
C ARG B 105 51.52 -24.47 7.44
N ASN B 106 50.92 -25.01 6.38
CA ASN B 106 51.12 -26.41 6.02
C ASN B 106 52.51 -26.54 5.42
N ASP B 107 53.50 -26.76 6.27
CA ASP B 107 54.89 -26.81 5.87
C ASP B 107 55.33 -28.22 5.48
N THR B 108 54.40 -29.17 5.39
CA THR B 108 54.72 -30.52 4.95
C THR B 108 54.82 -30.64 3.43
N ILE B 109 54.29 -29.66 2.68
CA ILE B 109 54.29 -29.77 1.22
C ILE B 109 55.69 -29.86 0.63
N PRO B 110 56.66 -29.03 1.03
CA PRO B 110 57.96 -29.10 0.36
C PRO B 110 58.68 -30.41 0.59
N VAL B 111 58.43 -31.06 1.74
CA VAL B 111 59.03 -32.37 1.98
C VAL B 111 58.52 -33.38 0.96
N LEU B 112 57.20 -33.38 0.72
CA LEU B 112 56.65 -34.25 -0.32
C LEU B 112 57.20 -33.88 -1.69
N LEU B 113 57.29 -32.59 -1.98
CA LEU B 113 57.88 -32.15 -3.23
C LEU B 113 59.34 -32.60 -3.34
N ASP B 114 60.10 -32.44 -2.26
CA ASP B 114 61.48 -32.93 -2.25
C ASP B 114 61.50 -34.45 -2.36
N ILE B 115 60.61 -35.13 -1.64
CA ILE B 115 60.54 -36.59 -1.74
C ILE B 115 60.18 -37.00 -3.16
N ALA B 116 59.21 -36.31 -3.77
CA ALA B 116 58.83 -36.64 -5.14
C ALA B 116 60.02 -36.50 -6.08
N GLU B 117 60.83 -35.46 -5.92
CA GLU B 117 62.02 -35.30 -6.74
C GLU B 117 62.97 -36.47 -6.54
N ARG B 118 63.14 -36.92 -5.30
CA ARG B 118 63.99 -38.07 -5.03
C ARG B 118 63.45 -39.33 -5.69
N THR B 119 62.12 -39.51 -5.66
CA THR B 119 61.52 -40.70 -6.25
C THR B 119 61.76 -40.79 -7.75
N GLY B 120 62.11 -39.67 -8.39
CA GLY B 120 62.31 -39.65 -9.82
C GLY B 120 61.05 -39.53 -10.65
N ASN B 121 59.88 -39.44 -10.02
CA ASN B 121 58.61 -39.27 -10.71
C ASN B 121 57.92 -38.05 -10.08
N MET B 122 58.22 -36.87 -10.60
CA MET B 122 57.64 -35.63 -10.12
C MET B 122 56.53 -35.10 -11.01
N ARG B 123 56.54 -35.43 -12.30
CA ARG B 123 55.52 -34.94 -13.22
C ARG B 123 54.13 -35.37 -12.80
N GLU B 124 53.90 -36.69 -12.77
CA GLU B 124 52.56 -37.19 -12.42
C GLU B 124 52.17 -36.83 -11.00
N PHE B 125 53.14 -36.66 -10.10
CA PHE B 125 52.83 -36.38 -8.71
C PHE B 125 52.08 -35.06 -8.57
N ILE B 126 52.53 -34.03 -9.26
CA ILE B 126 51.90 -32.71 -9.14
C ILE B 126 50.48 -32.75 -9.68
N ASN B 127 50.34 -33.07 -10.97
CA ASN B 127 49.03 -33.12 -11.62
C ASN B 127 48.42 -34.50 -11.36
N SER B 128 47.95 -34.68 -10.12
CA SER B 128 47.34 -35.94 -9.71
C SER B 128 45.83 -35.86 -9.94
N PRO B 129 45.27 -36.59 -10.91
CA PRO B 129 43.83 -36.47 -11.17
C PRO B 129 42.99 -37.46 -10.37
N PHE B 130 41.88 -36.99 -9.82
CA PHE B 130 40.94 -37.89 -9.17
C PHE B 130 40.19 -38.70 -10.23
N ARG B 131 39.60 -39.81 -9.80
CA ARG B 131 38.92 -40.72 -10.71
C ARG B 131 37.43 -40.88 -10.40
N ASP B 132 36.92 -40.20 -9.37
CA ASP B 132 35.52 -40.31 -9.02
C ASP B 132 34.64 -39.75 -10.12
N ILE B 133 33.33 -39.85 -9.91
CA ILE B 133 32.36 -39.07 -10.65
C ILE B 133 31.99 -37.80 -9.89
N TYR B 134 31.93 -37.88 -8.56
CA TYR B 134 31.67 -36.72 -7.73
C TYR B 134 32.85 -35.74 -7.76
N TYR B 135 34.01 -36.18 -8.25
CA TYR B 135 35.12 -35.31 -8.57
C TYR B 135 35.83 -35.89 -9.79
N ARG B 136 36.64 -35.04 -10.44
CA ARG B 136 37.45 -35.52 -11.55
C ARG B 136 38.50 -34.45 -11.87
N GLY B 137 39.68 -34.93 -12.27
CA GLY B 137 40.74 -34.07 -12.73
C GLY B 137 41.09 -32.94 -11.78
N GLN B 138 40.65 -33.04 -10.52
CA GLN B 138 40.86 -31.97 -9.55
C GLN B 138 42.30 -32.04 -9.07
N THR B 139 43.20 -31.56 -9.92
CA THR B 139 44.61 -31.57 -9.61
C THR B 139 44.91 -30.74 -8.37
N SER B 140 46.13 -30.92 -7.84
CA SER B 140 46.52 -30.19 -6.64
C SER B 140 46.38 -28.68 -6.82
N LEU B 141 46.53 -28.19 -8.04
CA LEU B 141 46.40 -26.75 -8.28
C LEU B 141 44.99 -26.28 -7.94
N HIS B 142 43.97 -27.04 -8.32
CA HIS B 142 42.60 -26.67 -7.97
C HIS B 142 42.44 -26.51 -6.46
N ILE B 143 42.93 -27.48 -5.69
CA ILE B 143 42.79 -27.42 -4.24
C ILE B 143 43.54 -26.22 -3.69
N ALA B 144 44.78 -26.02 -4.15
CA ALA B 144 45.60 -24.96 -3.59
C ALA B 144 44.96 -23.59 -3.78
N ILE B 145 44.48 -23.31 -4.99
CA ILE B 145 43.84 -22.01 -5.24
C ILE B 145 42.56 -21.88 -4.43
N GLU B 146 41.75 -22.94 -4.39
CA GLU B 146 40.45 -22.84 -3.75
C GLU B 146 40.56 -22.49 -2.28
N ARG B 147 41.59 -22.99 -1.59
CA ARG B 147 41.82 -22.63 -0.20
C ARG B 147 42.22 -21.17 -0.03
N ARG B 148 42.26 -20.39 -1.13
CA ARG B 148 42.51 -18.95 -1.05
C ARG B 148 43.87 -18.66 -0.43
N CYS B 149 44.86 -19.47 -0.77
CA CYS B 149 46.22 -19.35 -0.26
C CYS B 149 47.18 -19.38 -1.45
N LYS B 150 47.54 -18.20 -1.94
CA LYS B 150 48.48 -18.11 -3.05
C LYS B 150 49.90 -18.54 -2.65
N HIS B 151 50.17 -18.62 -1.34
CA HIS B 151 51.53 -18.92 -0.89
C HIS B 151 52.03 -20.22 -1.49
N TYR B 152 51.25 -21.30 -1.37
CA TYR B 152 51.63 -22.58 -1.91
C TYR B 152 51.29 -22.71 -3.39
N VAL B 153 50.29 -21.97 -3.88
CA VAL B 153 49.93 -22.05 -5.29
C VAL B 153 51.10 -21.62 -6.16
N GLU B 154 51.73 -20.48 -5.82
CA GLU B 154 52.88 -20.03 -6.59
C GLU B 154 54.03 -21.02 -6.49
N LEU B 155 54.26 -21.58 -5.30
CA LEU B 155 55.28 -22.61 -5.15
C LEU B 155 54.95 -23.83 -6.00
N LEU B 156 53.68 -24.26 -5.97
CA LEU B 156 53.27 -25.39 -6.79
C LEU B 156 53.44 -25.10 -8.28
N VAL B 157 53.00 -23.93 -8.71
CA VAL B 157 53.12 -23.56 -10.13
C VAL B 157 54.58 -23.45 -10.52
N ALA B 158 55.39 -22.81 -9.67
CA ALA B 158 56.79 -22.61 -10.00
C ALA B 158 57.50 -23.94 -10.20
N GLN B 159 57.24 -24.91 -9.32
CA GLN B 159 57.81 -26.24 -9.49
C GLN B 159 57.31 -26.92 -10.77
N GLY B 160 56.21 -26.46 -11.33
CA GLY B 160 55.65 -27.06 -12.53
C GLY B 160 54.43 -27.89 -12.25
N ALA B 161 53.25 -27.32 -12.53
CA ALA B 161 51.98 -28.00 -12.38
C ALA B 161 51.17 -27.82 -13.65
N ASP B 162 50.31 -28.79 -13.93
CA ASP B 162 49.45 -28.72 -15.11
C ASP B 162 48.43 -27.62 -14.89
N VAL B 163 48.70 -26.44 -15.42
CA VAL B 163 47.80 -25.31 -15.21
C VAL B 163 46.50 -25.51 -15.97
N HIS B 164 46.57 -26.17 -17.13
CA HIS B 164 45.37 -26.46 -17.91
C HIS B 164 44.68 -27.73 -17.41
N ALA B 165 44.43 -27.80 -16.11
CA ALA B 165 43.69 -28.90 -15.53
C ALA B 165 42.20 -28.70 -15.75
N GLN B 166 41.48 -29.80 -15.90
CA GLN B 166 40.07 -29.80 -16.29
C GLN B 166 39.26 -30.57 -15.25
N ALA B 167 38.64 -29.84 -14.33
CA ALA B 167 37.80 -30.43 -13.28
C ALA B 167 36.46 -30.83 -13.89
N ARG B 168 36.50 -31.87 -14.71
CA ARG B 168 35.35 -32.30 -15.51
C ARG B 168 34.45 -33.24 -14.70
N GLY B 169 34.05 -32.77 -13.52
CA GLY B 169 33.38 -33.62 -12.56
C GLY B 169 31.92 -33.29 -12.35
N ARG B 170 31.17 -34.24 -11.77
CA ARG B 170 29.75 -34.00 -11.49
C ARG B 170 29.58 -32.85 -10.51
N PHE B 171 30.40 -32.81 -9.45
CA PHE B 171 30.29 -31.75 -8.47
C PHE B 171 30.49 -30.37 -9.09
N PHE B 172 31.23 -30.30 -10.20
CA PHE B 172 31.67 -29.03 -10.76
C PHE B 172 30.72 -28.49 -11.82
N GLN B 173 29.63 -29.19 -12.11
CA GLN B 173 28.64 -28.71 -13.06
C GLN B 173 27.73 -27.68 -12.40
N PRO B 174 27.01 -26.89 -13.19
CA PRO B 174 26.13 -25.87 -12.61
C PRO B 174 25.14 -26.49 -11.63
N LYS B 175 24.58 -25.62 -10.78
CA LYS B 175 23.62 -26.08 -9.78
C LYS B 175 22.40 -26.72 -10.42
N ASP B 176 22.12 -26.42 -11.68
CA ASP B 176 20.99 -27.04 -12.37
C ASP B 176 21.27 -28.48 -12.78
N GLU B 177 22.54 -28.82 -13.03
CA GLU B 177 22.91 -30.13 -13.55
C GLU B 177 23.45 -31.06 -12.47
N GLY B 178 23.29 -30.72 -11.19
CA GLY B 178 23.69 -31.56 -10.09
C GLY B 178 25.01 -31.18 -9.45
N GLY B 179 25.84 -30.40 -10.12
CA GLY B 179 27.06 -29.92 -9.51
C GLY B 179 26.82 -28.66 -8.69
N TYR B 180 27.58 -28.52 -7.62
CA TYR B 180 27.31 -27.44 -6.67
C TYR B 180 28.01 -26.14 -7.07
N PHE B 181 29.09 -26.24 -7.85
CA PHE B 181 29.89 -25.07 -8.19
C PHE B 181 30.47 -25.22 -9.58
N TYR B 182 30.13 -24.28 -10.46
CA TYR B 182 30.71 -24.18 -11.79
C TYR B 182 31.57 -22.92 -11.87
N PHE B 183 32.80 -23.07 -12.34
CA PHE B 183 33.76 -21.97 -12.35
C PHE B 183 34.56 -21.90 -13.64
N GLY B 184 34.11 -22.54 -14.71
CA GLY B 184 34.84 -22.60 -15.95
C GLY B 184 35.66 -23.85 -16.15
N GLU B 185 35.82 -24.67 -15.11
CA GLU B 185 36.58 -25.93 -15.20
C GLU B 185 38.03 -25.67 -15.59
N LEU B 186 38.64 -24.62 -15.03
CA LEU B 186 40.04 -24.32 -15.23
C LEU B 186 40.57 -23.62 -14.00
N PRO B 187 41.82 -23.87 -13.62
CA PRO B 187 42.39 -23.13 -12.48
C PRO B 187 42.37 -21.63 -12.70
N LEU B 188 42.64 -21.18 -13.92
CA LEU B 188 42.56 -19.75 -14.21
C LEU B 188 41.14 -19.23 -14.02
N SER B 189 40.15 -19.97 -14.52
CA SER B 189 38.77 -19.59 -14.28
C SER B 189 38.36 -19.83 -12.83
N LEU B 190 38.88 -20.90 -12.22
CA LEU B 190 38.63 -21.12 -10.80
C LEU B 190 39.21 -20.00 -9.96
N ALA B 191 40.44 -19.57 -10.29
CA ALA B 191 40.99 -18.39 -9.64
C ALA B 191 40.23 -17.13 -10.00
N ALA B 192 39.51 -17.13 -11.12
CA ALA B 192 38.74 -15.95 -11.52
C ALA B 192 37.40 -15.90 -10.80
N CYS B 193 36.62 -16.97 -10.88
CA CYS B 193 35.28 -16.98 -10.29
C CYS B 193 35.34 -16.73 -8.79
N THR B 194 36.29 -17.38 -8.10
CA THR B 194 36.35 -17.33 -6.65
C THR B 194 36.81 -15.99 -6.10
N ASN B 195 36.94 -14.95 -6.93
CA ASN B 195 37.34 -13.62 -6.47
C ASN B 195 38.76 -13.62 -5.93
N GLN B 196 39.69 -14.20 -6.68
CA GLN B 196 41.10 -14.29 -6.30
C GLN B 196 41.93 -13.45 -7.27
N PRO B 197 41.96 -12.12 -7.11
CA PRO B 197 42.65 -11.28 -8.09
C PRO B 197 44.16 -11.53 -8.16
N HIS B 198 44.81 -11.68 -7.01
CA HIS B 198 46.26 -11.84 -7.00
C HIS B 198 46.69 -13.11 -7.71
N ILE B 199 45.99 -14.21 -7.49
CA ILE B 199 46.38 -15.48 -8.09
C ILE B 199 46.14 -15.48 -9.59
N VAL B 200 45.03 -14.90 -10.05
CA VAL B 200 44.81 -14.82 -11.49
C VAL B 200 45.86 -13.93 -12.14
N ASN B 201 46.26 -12.86 -11.46
CA ASN B 201 47.37 -12.05 -11.94
C ASN B 201 48.65 -12.88 -12.08
N TYR B 202 49.02 -13.58 -11.00
CA TYR B 202 50.22 -14.41 -11.04
C TYR B 202 50.06 -15.56 -12.02
N LEU B 203 48.93 -16.28 -11.94
CA LEU B 203 48.77 -17.50 -12.73
C LEU B 203 48.84 -17.21 -14.22
N THR B 204 48.62 -15.97 -14.64
CA THR B 204 48.80 -15.58 -16.03
C THR B 204 50.06 -14.75 -16.26
N GLU B 205 50.62 -14.15 -15.21
CA GLU B 205 51.88 -13.40 -15.32
C GLU B 205 53.08 -14.16 -14.78
N ASN B 206 52.90 -15.39 -14.30
CA ASN B 206 54.02 -16.12 -13.73
C ASN B 206 55.04 -16.41 -14.83
N PRO B 207 56.34 -16.27 -14.55
CA PRO B 207 57.34 -16.58 -15.58
C PRO B 207 57.28 -18.01 -16.09
N HIS B 208 56.81 -18.94 -15.27
CA HIS B 208 56.72 -20.34 -15.65
C HIS B 208 55.48 -20.54 -16.51
N LYS B 209 55.09 -21.81 -16.71
CA LYS B 209 53.92 -22.11 -17.52
C LYS B 209 52.71 -21.33 -17.03
N LYS B 210 51.94 -20.79 -17.98
CA LYS B 210 50.77 -19.99 -17.68
C LYS B 210 49.62 -20.43 -18.60
N ALA B 211 48.40 -20.12 -18.17
CA ALA B 211 47.20 -20.49 -18.91
C ALA B 211 46.69 -19.29 -19.70
N ASP B 212 46.40 -19.51 -20.97
CA ASP B 212 45.82 -18.48 -21.81
C ASP B 212 44.34 -18.32 -21.45
N MET B 213 43.91 -17.07 -21.28
CA MET B 213 42.54 -16.80 -20.88
C MET B 213 41.53 -17.33 -21.90
N ARG B 214 41.94 -17.52 -23.15
CA ARG B 214 41.05 -18.02 -24.19
C ARG B 214 40.80 -19.52 -24.08
N ARG B 215 41.56 -20.24 -23.25
CA ARG B 215 41.44 -21.68 -23.18
C ARG B 215 40.01 -22.09 -22.83
N GLN B 216 39.37 -22.86 -23.71
CA GLN B 216 37.97 -23.22 -23.54
C GLN B 216 37.85 -24.46 -22.64
N ASP B 217 36.59 -24.80 -22.34
CA ASP B 217 36.26 -25.95 -21.50
C ASP B 217 35.23 -26.85 -22.17
N SER B 218 34.66 -27.79 -21.41
CA SER B 218 33.68 -28.71 -21.98
C SER B 218 32.59 -27.95 -22.73
N ARG B 219 32.06 -26.89 -22.13
CA ARG B 219 31.05 -26.05 -22.75
C ARG B 219 31.64 -24.84 -23.46
N GLY B 220 32.97 -24.76 -23.58
CA GLY B 220 33.58 -23.65 -24.29
C GLY B 220 33.44 -22.32 -23.61
N ASN B 221 33.20 -22.31 -22.29
CA ASN B 221 32.88 -21.06 -21.62
C ASN B 221 34.07 -20.10 -21.60
N THR B 222 35.27 -20.61 -21.30
CA THR B 222 36.40 -19.72 -21.02
C THR B 222 36.10 -18.92 -19.77
N VAL B 223 37.09 -18.17 -19.28
CA VAL B 223 36.93 -17.49 -18.00
C VAL B 223 35.77 -16.50 -18.06
N LEU B 224 35.60 -15.82 -19.19
CA LEU B 224 34.61 -14.75 -19.26
C LEU B 224 33.19 -15.30 -19.12
N HIS B 225 32.85 -16.31 -19.92
CA HIS B 225 31.52 -16.91 -19.80
C HIS B 225 31.32 -17.54 -18.44
N ALA B 226 32.34 -18.26 -17.95
CA ALA B 226 32.26 -18.86 -16.62
C ALA B 226 32.14 -17.78 -15.55
N LEU B 227 32.91 -16.71 -15.69
CA LEU B 227 32.81 -15.61 -14.72
C LEU B 227 31.40 -15.03 -14.71
N VAL B 228 30.65 -15.22 -15.80
CA VAL B 228 29.25 -14.82 -15.81
C VAL B 228 28.37 -15.96 -15.31
N ALA B 229 28.87 -17.19 -15.31
CA ALA B 229 28.08 -18.31 -14.82
C ALA B 229 27.90 -18.27 -13.30
N ILE B 230 28.84 -17.63 -12.59
CA ILE B 230 28.70 -17.46 -11.15
C ILE B 230 28.13 -16.10 -10.78
N ALA B 231 27.96 -15.21 -11.75
CA ALA B 231 27.43 -13.89 -11.45
C ALA B 231 26.04 -14.01 -10.82
N ASP B 232 25.75 -13.11 -9.88
CA ASP B 232 24.47 -13.09 -9.21
C ASP B 232 23.98 -11.65 -9.13
N ASN B 233 22.65 -11.52 -9.03
CA ASN B 233 22.06 -10.20 -8.95
C ASN B 233 22.41 -9.47 -7.66
N THR B 234 22.97 -10.17 -6.68
CA THR B 234 23.38 -9.52 -5.43
C THR B 234 24.43 -8.46 -5.72
N ARG B 235 24.35 -7.35 -4.98
CA ARG B 235 25.24 -6.23 -5.23
C ARG B 235 26.70 -6.62 -5.07
N GLU B 236 27.04 -7.32 -3.98
CA GLU B 236 28.43 -7.66 -3.73
C GLU B 236 28.97 -8.63 -4.77
N ASN B 237 28.16 -9.61 -5.17
CA ASN B 237 28.62 -10.58 -6.15
C ASN B 237 28.94 -9.91 -7.48
N THR B 238 28.04 -9.03 -7.94
CA THR B 238 28.27 -8.33 -9.19
C THR B 238 29.46 -7.38 -9.08
N LYS B 239 29.78 -6.95 -7.87
CA LYS B 239 30.83 -5.95 -7.69
C LYS B 239 32.20 -6.50 -8.12
N PHE B 240 32.55 -7.69 -7.64
CA PHE B 240 33.86 -8.24 -8.00
C PHE B 240 33.82 -8.90 -9.36
N VAL B 241 32.68 -9.46 -9.75
CA VAL B 241 32.56 -10.09 -11.06
C VAL B 241 32.81 -9.06 -12.16
N THR B 242 32.10 -7.92 -12.10
CA THR B 242 32.35 -6.87 -13.07
C THR B 242 33.76 -6.30 -12.93
N LYS B 243 34.23 -6.13 -11.70
CA LYS B 243 35.61 -5.68 -11.48
C LYS B 243 36.60 -6.60 -12.17
N MET B 244 36.62 -7.87 -11.77
CA MET B 244 37.58 -8.81 -12.32
C MET B 244 37.33 -9.09 -13.80
N TYR B 245 36.07 -9.07 -14.23
CA TYR B 245 35.77 -9.26 -15.65
C TYR B 245 36.49 -8.21 -16.48
N ASP B 246 36.42 -6.94 -16.05
CA ASP B 246 37.18 -5.90 -16.71
C ASP B 246 38.67 -6.18 -16.64
N LEU B 247 39.15 -6.64 -15.49
CA LEU B 247 40.56 -6.94 -15.33
C LEU B 247 41.04 -7.94 -16.39
N LEU B 248 40.21 -8.95 -16.67
CA LEU B 248 40.62 -9.98 -17.63
C LEU B 248 40.70 -9.42 -19.04
N LEU B 249 39.67 -8.69 -19.47
CA LEU B 249 39.66 -8.15 -20.83
C LEU B 249 40.87 -7.25 -21.07
N LEU B 250 41.11 -6.31 -20.16
CA LEU B 250 42.30 -5.47 -20.27
C LEU B 250 43.56 -6.32 -20.37
N LYS B 251 43.67 -7.35 -19.53
CA LYS B 251 44.84 -8.22 -19.59
C LYS B 251 44.91 -8.97 -20.92
N CYS B 252 43.79 -9.58 -21.32
CA CYS B 252 43.79 -10.36 -22.57
C CYS B 252 44.07 -9.47 -23.77
N SER B 253 43.47 -8.28 -23.81
CA SER B 253 43.67 -7.39 -24.95
C SER B 253 45.14 -7.04 -25.13
N ARG B 254 45.81 -6.67 -24.05
CA ARG B 254 47.22 -6.28 -24.15
C ARG B 254 48.06 -7.41 -24.71
N LEU B 255 47.87 -8.63 -24.20
CA LEU B 255 48.63 -9.78 -24.70
C LEU B 255 48.26 -10.07 -26.14
N PHE B 256 46.96 -10.08 -26.46
CA PHE B 256 46.45 -10.47 -27.77
C PHE B 256 45.58 -9.35 -28.31
N PRO B 257 46.18 -8.31 -28.89
CA PRO B 257 45.36 -7.19 -29.41
C PRO B 257 44.52 -7.55 -30.63
N ASP B 258 44.76 -8.71 -31.26
CA ASP B 258 44.05 -9.03 -32.48
C ASP B 258 42.55 -9.11 -32.26
N SER B 259 42.12 -9.75 -31.17
CA SER B 259 40.70 -9.93 -30.90
C SER B 259 40.45 -9.84 -29.41
N ASN B 260 39.32 -9.25 -29.04
CA ASN B 260 38.91 -9.22 -27.65
C ASN B 260 38.42 -10.60 -27.22
N LEU B 261 38.52 -10.86 -25.91
CA LEU B 261 38.25 -12.21 -25.42
C LEU B 261 36.79 -12.59 -25.57
N GLU B 262 35.88 -11.61 -25.59
CA GLU B 262 34.46 -11.92 -25.72
C GLU B 262 34.12 -12.57 -27.06
N THR B 263 35.03 -12.50 -28.03
CA THR B 263 34.74 -13.06 -29.34
C THR B 263 34.53 -14.57 -29.25
N VAL B 264 35.35 -15.25 -28.47
CA VAL B 264 35.24 -16.71 -28.36
C VAL B 264 33.85 -17.08 -27.86
N LEU B 265 33.21 -18.01 -28.56
CA LEU B 265 31.84 -18.39 -28.29
C LEU B 265 31.79 -19.76 -27.63
N ASN B 266 30.91 -19.90 -26.65
CA ASN B 266 30.68 -21.19 -26.02
C ASN B 266 29.96 -22.13 -26.99
N ASN B 267 29.92 -23.41 -26.62
CA ASN B 267 29.28 -24.41 -27.48
C ASN B 267 27.87 -23.97 -27.87
N ASP B 268 27.13 -23.42 -26.92
CA ASP B 268 25.82 -22.86 -27.26
C ASP B 268 25.96 -21.69 -28.23
N GLY B 269 27.08 -20.97 -28.18
CA GLY B 269 27.33 -19.89 -29.11
C GLY B 269 26.72 -18.57 -28.69
N LEU B 270 27.10 -18.10 -27.49
CA LEU B 270 26.50 -16.90 -26.91
C LEU B 270 27.49 -15.76 -26.76
N SER B 271 28.60 -15.98 -26.06
CA SER B 271 29.52 -14.92 -25.63
C SER B 271 29.00 -14.30 -24.35
N PRO B 272 29.85 -13.62 -23.57
CA PRO B 272 29.43 -13.17 -22.23
C PRO B 272 28.14 -12.35 -22.25
N LEU B 273 28.09 -11.28 -23.04
CA LEU B 273 26.94 -10.39 -23.01
C LEU B 273 25.64 -11.15 -23.29
N MET B 274 25.64 -11.98 -24.33
CA MET B 274 24.48 -12.81 -24.60
C MET B 274 24.22 -13.81 -23.47
N MET B 275 25.26 -14.44 -22.94
CA MET B 275 25.07 -15.38 -21.84
C MET B 275 24.48 -14.67 -20.63
N ALA B 276 25.01 -13.50 -20.28
CA ALA B 276 24.39 -12.70 -19.24
C ALA B 276 22.96 -12.32 -19.63
N ALA B 277 22.71 -12.15 -20.93
CA ALA B 277 21.37 -11.84 -21.39
C ALA B 277 20.47 -13.07 -21.31
N LYS B 278 20.99 -14.24 -21.73
CA LYS B 278 20.17 -15.45 -21.72
C LYS B 278 19.91 -15.95 -20.31
N THR B 279 20.86 -15.76 -19.39
CA THR B 279 20.70 -16.25 -18.03
C THR B 279 20.12 -15.19 -17.10
N GLY B 280 19.82 -14.00 -17.61
CA GLY B 280 19.17 -12.98 -16.82
C GLY B 280 20.02 -12.44 -15.68
N LYS B 281 21.29 -12.14 -15.97
CA LYS B 281 22.21 -11.56 -14.99
C LYS B 281 22.22 -10.05 -15.21
N ILE B 282 21.26 -9.36 -14.59
CA ILE B 282 21.12 -7.92 -14.80
C ILE B 282 22.38 -7.19 -14.34
N GLY B 283 22.91 -7.57 -13.18
CA GLY B 283 24.05 -6.88 -12.60
C GLY B 283 25.21 -6.75 -13.59
N VAL B 284 25.72 -7.88 -14.05
CA VAL B 284 26.79 -7.84 -15.04
C VAL B 284 26.31 -7.19 -16.32
N PHE B 285 25.16 -7.64 -16.84
CA PHE B 285 24.70 -7.20 -18.15
C PHE B 285 24.65 -5.68 -18.24
N GLN B 286 24.01 -5.04 -17.27
CA GLN B 286 23.84 -3.58 -17.33
C GLN B 286 25.18 -2.86 -17.36
N HIS B 287 26.27 -3.52 -16.95
CA HIS B 287 27.59 -2.90 -17.02
C HIS B 287 28.26 -3.18 -18.37
N ILE B 288 28.02 -4.36 -18.94
CA ILE B 288 28.74 -4.74 -20.16
C ILE B 288 28.45 -3.75 -21.26
N ILE B 289 27.17 -3.39 -21.42
CA ILE B 289 26.78 -2.43 -22.45
C ILE B 289 27.45 -1.09 -22.24
N ARG B 290 27.68 -0.71 -20.98
CA ARG B 290 28.28 0.57 -20.63
C ARG B 290 29.77 0.44 -20.35
N ARG B 291 30.45 -0.43 -21.08
CA ARG B 291 31.88 -0.67 -20.87
C ARG B 291 32.68 0.36 -21.66
N GLU B 292 33.27 1.32 -20.94
CA GLU B 292 34.14 2.32 -21.53
C GLU B 292 35.53 2.19 -20.92
N VAL B 293 36.55 2.14 -21.77
CA VAL B 293 37.93 1.95 -21.35
C VAL B 293 38.70 3.21 -21.72
N THR B 294 39.33 3.84 -20.73
CA THR B 294 40.03 5.09 -20.97
C THR B 294 41.34 4.87 -21.73
N ASP B 295 42.09 3.83 -21.37
CA ASP B 295 43.37 3.58 -22.02
C ASP B 295 43.19 3.45 -23.53
N GLU B 296 43.99 4.21 -24.28
CA GLU B 296 43.82 4.25 -25.73
C GLU B 296 44.11 2.89 -26.36
N ASP B 297 45.19 2.25 -25.93
CA ASP B 297 45.53 0.95 -26.50
C ASP B 297 44.41 -0.06 -26.28
N THR B 298 43.70 0.06 -25.17
CA THR B 298 42.57 -0.83 -24.84
C THR B 298 41.23 -0.10 -24.89
N ARG B 299 41.18 1.09 -25.49
CA ARG B 299 39.92 1.82 -25.59
C ARG B 299 38.98 1.16 -26.60
N HIS B 300 39.53 0.52 -27.64
CA HIS B 300 38.69 0.00 -28.71
C HIS B 300 37.64 -0.97 -28.20
N LEU B 301 37.96 -1.73 -27.16
CA LEU B 301 37.02 -2.72 -26.62
C LEU B 301 36.06 -2.08 -25.62
N SER B 302 35.41 -1.02 -26.08
CA SER B 302 34.42 -0.30 -25.29
C SER B 302 33.08 -0.35 -26.01
N ARG B 303 32.02 0.08 -25.29
CA ARG B 303 30.68 0.07 -25.85
C ARG B 303 29.89 1.35 -25.59
N LYS B 304 30.35 2.22 -24.69
CA LYS B 304 29.71 3.50 -24.44
C LYS B 304 30.74 4.61 -24.66
N PHE B 305 30.76 5.17 -25.86
CA PHE B 305 31.66 6.25 -26.21
C PHE B 305 31.08 7.58 -25.71
N LYS B 306 31.73 8.66 -26.08
CA LYS B 306 31.32 10.02 -25.71
C LYS B 306 31.56 10.90 -26.93
N ASP B 307 30.52 11.06 -27.75
CA ASP B 307 30.67 11.75 -29.03
C ASP B 307 30.95 13.23 -28.82
N TRP B 308 30.01 13.95 -28.22
CA TRP B 308 30.18 15.37 -27.98
C TRP B 308 29.26 15.81 -26.85
N ALA B 309 29.52 17.01 -26.34
CA ALA B 309 28.66 17.63 -25.34
C ALA B 309 28.55 19.11 -25.65
N TYR B 310 27.34 19.64 -25.54
CA TYR B 310 27.07 21.07 -25.75
C TYR B 310 26.61 21.63 -24.40
N GLY B 311 27.57 21.99 -23.55
CA GLY B 311 27.27 22.47 -22.23
C GLY B 311 26.74 21.37 -21.33
N PRO B 312 25.48 21.44 -20.94
CA PRO B 312 24.93 20.43 -20.02
C PRO B 312 24.24 19.24 -20.68
N VAL B 313 24.35 19.09 -21.99
CA VAL B 313 23.72 17.98 -22.72
C VAL B 313 24.83 17.07 -23.24
N TYR B 314 24.72 15.78 -22.94
CA TYR B 314 25.71 14.79 -23.34
C TYR B 314 25.08 13.81 -24.31
N SER B 315 25.84 13.42 -25.33
CA SER B 315 25.38 12.49 -26.36
C SER B 315 26.34 11.30 -26.40
N SER B 316 26.06 10.30 -25.56
CA SER B 316 26.88 9.09 -25.55
C SER B 316 26.53 8.22 -26.75
N LEU B 317 27.55 7.77 -27.46
CA LEU B 317 27.37 6.97 -28.68
C LEU B 317 27.57 5.51 -28.30
N TYR B 318 26.48 4.85 -27.90
CA TYR B 318 26.53 3.45 -27.53
C TYR B 318 26.83 2.60 -28.76
N ASP B 319 27.67 1.59 -28.57
CA ASP B 319 27.88 0.58 -29.59
C ASP B 319 26.93 -0.59 -29.34
N LEU B 320 26.32 -1.08 -30.42
CA LEU B 320 25.39 -2.20 -30.33
C LEU B 320 25.67 -3.20 -31.46
N SER B 321 26.96 -3.52 -31.65
CA SER B 321 27.33 -4.45 -32.69
C SER B 321 26.73 -5.83 -32.46
N SER B 322 26.24 -6.09 -31.25
CA SER B 322 25.65 -7.37 -30.92
C SER B 322 24.14 -7.30 -30.69
N LEU B 323 23.61 -6.13 -30.32
CA LEU B 323 22.20 -6.04 -30.00
C LEU B 323 21.32 -6.20 -31.25
N ASP B 324 21.85 -5.86 -32.42
CA ASP B 324 21.11 -5.95 -33.67
C ASP B 324 22.05 -6.44 -34.76
N THR B 325 21.87 -7.69 -35.19
CA THR B 325 22.64 -8.25 -36.29
C THR B 325 21.89 -8.21 -37.61
N CYS B 326 20.74 -7.54 -37.66
CA CYS B 326 19.90 -7.49 -38.86
C CYS B 326 19.53 -8.90 -39.31
N GLY B 327 19.48 -9.84 -38.36
CA GLY B 327 19.19 -11.22 -38.65
C GLY B 327 20.36 -12.03 -39.14
N GLU B 328 21.53 -11.42 -39.30
CA GLU B 328 22.71 -12.18 -39.73
C GLU B 328 23.16 -13.16 -38.66
N GLU B 329 23.04 -12.79 -37.39
CA GLU B 329 23.40 -13.66 -36.29
C GLU B 329 22.48 -13.36 -35.12
N VAL B 330 22.43 -14.30 -34.17
CA VAL B 330 21.59 -14.12 -32.99
C VAL B 330 21.99 -12.82 -32.31
N SER B 331 21.00 -12.14 -31.72
CA SER B 331 21.19 -10.82 -31.15
C SER B 331 20.67 -10.79 -29.73
N VAL B 332 21.27 -9.92 -28.91
CA VAL B 332 20.87 -9.83 -27.51
C VAL B 332 19.41 -9.46 -27.39
N LEU B 333 18.94 -8.53 -28.23
CA LEU B 333 17.55 -8.08 -28.13
C LEU B 333 16.58 -9.22 -28.42
N GLU B 334 16.86 -10.03 -29.44
CA GLU B 334 16.01 -11.17 -29.72
C GLU B 334 16.03 -12.17 -28.56
N ILE B 335 17.22 -12.44 -28.03
CA ILE B 335 17.36 -13.39 -26.93
C ILE B 335 16.63 -12.87 -25.69
N LEU B 336 16.55 -11.55 -25.56
CA LEU B 336 16.05 -10.96 -24.31
C LEU B 336 14.52 -10.94 -24.26
N VAL B 337 13.85 -10.96 -25.40
CA VAL B 337 12.40 -10.86 -25.45
C VAL B 337 11.76 -12.16 -25.91
N TYR B 338 12.42 -12.90 -26.81
CA TYR B 338 11.88 -14.16 -27.35
C TYR B 338 12.36 -15.36 -26.56
N ASN B 339 12.65 -15.17 -25.27
CA ASN B 339 13.09 -16.26 -24.40
C ASN B 339 12.34 -16.17 -23.09
N SER B 340 11.82 -17.31 -22.62
CA SER B 340 11.01 -17.34 -21.41
C SER B 340 11.82 -17.58 -20.15
N LYS B 341 12.95 -18.29 -20.25
CA LYS B 341 13.76 -18.57 -19.08
C LYS B 341 14.36 -17.32 -18.46
N ILE B 342 14.34 -16.19 -19.16
CA ILE B 342 14.89 -14.96 -18.60
C ILE B 342 14.14 -14.61 -17.33
N GLU B 343 14.87 -14.15 -16.30
CA GLU B 343 14.26 -13.89 -15.01
C GLU B 343 13.99 -12.40 -14.79
N ASN B 344 14.79 -11.52 -15.39
CA ASN B 344 14.73 -10.09 -15.11
C ASN B 344 14.40 -9.29 -16.37
N ARG B 345 13.55 -9.84 -17.24
CA ARG B 345 13.28 -9.21 -18.53
C ARG B 345 12.90 -7.75 -18.37
N HIS B 346 12.00 -7.45 -17.43
CA HIS B 346 11.43 -6.11 -17.36
C HIS B 346 12.51 -5.06 -17.10
N GLU B 347 13.44 -5.35 -16.18
CA GLU B 347 14.50 -4.39 -15.88
C GLU B 347 15.64 -4.47 -16.89
N MET B 348 15.86 -5.64 -17.49
CA MET B 348 16.90 -5.76 -18.51
C MET B 348 16.59 -4.89 -19.72
N LEU B 349 15.33 -4.85 -20.15
CA LEU B 349 14.95 -3.97 -21.24
C LEU B 349 15.21 -2.51 -20.90
N ALA B 350 15.16 -2.16 -19.61
CA ALA B 350 15.32 -0.76 -19.21
C ALA B 350 16.70 -0.20 -19.53
N VAL B 351 17.69 -1.06 -19.80
CA VAL B 351 19.05 -0.61 -20.05
C VAL B 351 19.04 0.41 -21.18
N GLU B 352 20.01 1.34 -21.16
CA GLU B 352 19.93 2.57 -21.94
C GLU B 352 19.77 2.32 -23.44
N PRO B 353 20.74 1.72 -24.13
CA PRO B 353 20.61 1.54 -25.59
C PRO B 353 19.67 0.43 -26.00
N ILE B 354 18.95 -0.18 -25.07
CA ILE B 354 17.91 -1.16 -25.40
C ILE B 354 16.54 -0.51 -25.45
N ASN B 355 16.14 0.17 -24.38
CA ASN B 355 14.85 0.86 -24.36
C ASN B 355 14.77 1.89 -25.49
N GLU B 356 15.82 2.69 -25.65
CA GLU B 356 15.83 3.67 -26.73
C GLU B 356 15.86 2.99 -28.09
N LEU B 357 16.60 1.88 -28.22
CA LEU B 357 16.70 1.19 -29.49
C LEU B 357 15.32 0.73 -29.96
N LEU B 358 14.54 0.12 -29.07
CA LEU B 358 13.19 -0.31 -29.45
C LEU B 358 12.33 0.89 -29.84
N ARG B 359 12.40 1.97 -29.07
CA ARG B 359 11.62 3.16 -29.39
C ARG B 359 12.03 3.73 -30.75
N ASP B 360 13.32 3.67 -31.07
CA ASP B 360 13.78 4.16 -32.37
C ASP B 360 13.12 3.39 -33.50
N LYS B 361 13.05 2.06 -33.37
CA LYS B 361 12.36 1.25 -34.37
C LYS B 361 10.88 1.61 -34.43
N TRP B 362 10.30 2.00 -33.30
CA TRP B 362 8.89 2.40 -33.28
C TRP B 362 8.65 3.62 -34.14
N ARG B 363 9.51 4.63 -34.03
CA ARG B 363 9.31 5.87 -34.77
C ARG B 363 9.31 5.61 -36.27
N LYS B 364 10.32 4.94 -36.77
CA LYS B 364 10.45 4.63 -38.19
C LYS B 364 10.32 3.14 -38.41
N PHE B 365 9.38 2.75 -39.27
CA PHE B 365 9.26 1.39 -39.79
C PHE B 365 8.78 0.40 -38.75
N GLY B 366 8.40 0.87 -37.56
CA GLY B 366 7.83 0.00 -36.54
C GLY B 366 6.40 0.39 -36.21
N ALA B 367 6.09 1.68 -36.34
CA ALA B 367 4.75 2.20 -36.10
C ALA B 367 3.89 2.19 -37.35
N VAL B 368 4.42 2.65 -38.48
CA VAL B 368 3.64 2.65 -39.72
C VAL B 368 3.30 1.23 -40.13
N SER B 369 4.28 0.33 -40.08
CA SER B 369 3.99 -1.07 -40.43
C SER B 369 3.06 -1.72 -39.43
N PHE B 370 2.95 -1.17 -38.22
CA PHE B 370 1.96 -1.66 -37.28
C PHE B 370 0.57 -1.21 -37.68
N TYR B 371 0.42 0.06 -38.06
CA TYR B 371 -0.89 0.57 -38.45
C TYR B 371 -1.31 0.01 -39.81
N ILE B 372 -0.35 -0.22 -40.70
CA ILE B 372 -0.67 -0.90 -41.95
C ILE B 372 -1.17 -2.31 -41.67
N ASN B 373 -0.73 -2.89 -40.55
CA ASN B 373 -1.11 -4.26 -40.22
C ASN B 373 -2.52 -4.33 -39.64
N VAL B 374 -2.80 -3.47 -38.66
CA VAL B 374 -4.14 -3.45 -38.07
C VAL B 374 -5.20 -3.17 -39.13
N VAL B 375 -5.00 -2.13 -39.93
CA VAL B 375 -6.03 -1.74 -40.90
C VAL B 375 -6.16 -2.79 -42.00
N SER B 376 -5.03 -3.22 -42.56
CA SER B 376 -5.07 -4.20 -43.63
C SER B 376 -5.67 -5.52 -43.15
N TYR B 377 -5.27 -5.97 -41.96
CA TYR B 377 -5.81 -7.22 -41.43
C TYR B 377 -7.28 -7.06 -41.07
N LEU B 378 -7.64 -5.96 -40.40
CA LEU B 378 -9.03 -5.76 -40.03
C LEU B 378 -9.93 -5.77 -41.25
N CYS B 379 -9.49 -5.13 -42.34
CA CYS B 379 -10.27 -5.15 -43.57
C CYS B 379 -10.36 -6.57 -44.13
N ALA B 380 -9.32 -7.38 -43.92
CA ALA B 380 -9.37 -8.76 -44.40
C ALA B 380 -10.48 -9.54 -43.71
N MET B 381 -10.60 -9.40 -42.38
CA MET B 381 -11.67 -10.09 -41.68
C MET B 381 -13.03 -9.54 -42.07
N VAL B 382 -13.16 -8.22 -42.15
CA VAL B 382 -14.42 -7.63 -42.57
C VAL B 382 -14.84 -8.18 -43.92
N ILE B 383 -13.87 -8.37 -44.82
CA ILE B 383 -14.17 -9.05 -46.08
C ILE B 383 -14.66 -10.47 -45.81
N PHE B 384 -13.99 -11.17 -44.89
CA PHE B 384 -14.42 -12.52 -44.54
C PHE B 384 -15.81 -12.50 -43.92
N THR B 385 -16.08 -11.54 -43.05
CA THR B 385 -17.40 -11.45 -42.42
C THR B 385 -18.48 -11.21 -43.47
N LEU B 386 -18.29 -10.22 -44.33
CA LEU B 386 -19.28 -9.95 -45.38
C LEU B 386 -19.36 -11.11 -46.36
N THR B 387 -18.21 -11.67 -46.75
CA THR B 387 -18.23 -12.78 -47.70
C THR B 387 -19.01 -13.96 -47.14
N ALA B 388 -18.79 -14.30 -45.87
CA ALA B 388 -19.55 -15.37 -45.24
C ALA B 388 -21.03 -15.04 -45.21
N TYR B 389 -21.37 -13.82 -44.82
CA TYR B 389 -22.77 -13.43 -44.68
C TYR B 389 -23.51 -13.57 -46.01
N TYR B 390 -22.98 -12.97 -47.06
CA TYR B 390 -23.58 -13.03 -48.39
C TYR B 390 -23.14 -14.27 -49.18
N GLN B 391 -22.47 -15.21 -48.53
CA GLN B 391 -22.05 -16.42 -49.23
C GLN B 391 -23.24 -16.99 -50.00
N PRO B 392 -23.03 -17.50 -51.23
CA PRO B 392 -24.18 -17.84 -52.09
C PRO B 392 -25.22 -18.69 -51.41
N LEU B 393 -26.44 -18.15 -51.28
CA LEU B 393 -27.56 -18.88 -50.72
C LEU B 393 -28.18 -19.75 -51.81
N GLU B 394 -29.39 -20.25 -51.55
CA GLU B 394 -30.17 -21.12 -52.44
C GLU B 394 -29.67 -22.56 -52.41
N GLY B 395 -28.69 -22.88 -51.58
CA GLY B 395 -28.22 -24.25 -51.46
C GLY B 395 -27.39 -24.70 -52.63
N THR B 396 -26.46 -25.63 -52.38
CA THR B 396 -25.58 -26.15 -53.41
C THR B 396 -24.89 -25.02 -54.15
N PRO B 397 -23.99 -24.29 -53.49
CA PRO B 397 -23.22 -23.24 -54.17
C PRO B 397 -21.87 -23.73 -54.64
N PRO B 398 -21.79 -24.52 -55.73
CA PRO B 398 -20.47 -24.91 -56.22
C PRO B 398 -19.70 -23.73 -56.80
N TYR B 399 -20.35 -22.99 -57.71
CA TYR B 399 -19.77 -21.80 -58.31
C TYR B 399 -20.88 -20.96 -58.94
N PRO B 400 -21.77 -20.37 -58.13
CA PRO B 400 -22.94 -19.68 -58.67
C PRO B 400 -22.66 -18.26 -59.15
N TYR B 401 -21.39 -17.91 -59.34
CA TYR B 401 -21.00 -16.54 -59.65
C TYR B 401 -21.30 -16.22 -61.12
N ARG B 402 -22.50 -15.69 -61.36
CA ARG B 402 -22.90 -15.18 -62.68
C ARG B 402 -23.60 -13.84 -62.54
N THR B 403 -23.00 -12.93 -61.77
CA THR B 403 -23.60 -11.60 -61.60
C THR B 403 -22.51 -10.63 -61.17
N THR B 404 -22.78 -9.34 -61.36
CA THR B 404 -21.82 -8.30 -60.98
C THR B 404 -21.53 -8.37 -59.48
N VAL B 405 -22.58 -8.35 -58.66
CA VAL B 405 -22.37 -8.50 -57.22
C VAL B 405 -21.76 -9.86 -56.90
N ASP B 406 -22.13 -10.88 -57.69
CA ASP B 406 -21.52 -12.19 -57.51
C ASP B 406 -20.00 -12.12 -57.69
N TYR B 407 -19.53 -11.35 -58.67
CA TYR B 407 -18.10 -11.18 -58.86
C TYR B 407 -17.46 -10.53 -57.65
N LEU B 408 -18.12 -9.50 -57.09
CA LEU B 408 -17.59 -8.88 -55.87
C LEU B 408 -17.47 -9.90 -54.75
N ARG B 409 -18.50 -10.72 -54.57
CA ARG B 409 -18.43 -11.78 -53.58
C ARG B 409 -17.31 -12.77 -53.92
N LEU B 410 -17.16 -13.10 -55.20
CA LEU B 410 -16.06 -13.98 -55.62
C LEU B 410 -14.71 -13.37 -55.24
N ALA B 411 -14.56 -12.07 -55.42
CA ALA B 411 -13.33 -11.40 -55.01
C ALA B 411 -13.12 -11.54 -53.50
N GLY B 412 -14.18 -11.36 -52.72
CA GLY B 412 -14.06 -11.50 -51.28
C GLY B 412 -13.60 -12.89 -50.88
N GLU B 413 -14.19 -13.93 -51.48
CA GLU B 413 -13.76 -15.30 -51.19
C GLU B 413 -12.32 -15.52 -51.62
N VAL B 414 -11.93 -14.98 -52.79
CA VAL B 414 -10.56 -15.15 -53.27
C VAL B 414 -9.57 -14.49 -52.33
N ILE B 415 -9.86 -13.26 -51.89
CA ILE B 415 -8.94 -12.54 -51.01
C ILE B 415 -8.77 -13.31 -49.71
N THR B 416 -9.88 -13.77 -49.11
CA THR B 416 -9.78 -14.54 -47.88
C THR B 416 -9.06 -15.85 -48.11
N LEU B 417 -9.25 -16.47 -49.28
CA LEU B 417 -8.52 -17.68 -49.60
C LEU B 417 -7.02 -17.39 -49.73
N PHE B 418 -6.68 -16.26 -50.36
CA PHE B 418 -5.27 -15.92 -50.52
C PHE B 418 -4.61 -15.63 -49.18
N THR B 419 -5.23 -14.78 -48.36
CA THR B 419 -4.67 -14.48 -47.05
C THR B 419 -4.67 -15.72 -46.16
N GLY B 420 -5.55 -16.68 -46.46
CA GLY B 420 -5.56 -17.91 -45.70
C GLY B 420 -4.31 -18.75 -45.94
N VAL B 421 -3.84 -18.81 -47.18
CA VAL B 421 -2.66 -19.59 -47.49
C VAL B 421 -1.40 -18.76 -47.29
N LEU B 422 -1.46 -17.46 -47.57
CA LEU B 422 -0.33 -16.58 -47.26
C LEU B 422 0.02 -16.69 -45.78
N PHE B 423 -0.98 -16.74 -44.90
CA PHE B 423 -0.73 -16.97 -43.49
C PHE B 423 -0.04 -18.31 -43.26
N PHE B 424 -0.37 -19.31 -44.08
CA PHE B 424 0.21 -20.64 -43.90
C PHE B 424 1.72 -20.62 -44.06
N PHE B 425 2.23 -19.90 -45.08
CA PHE B 425 3.66 -19.87 -45.30
C PHE B 425 4.40 -19.20 -44.15
N THR B 426 3.89 -18.07 -43.67
CA THR B 426 4.54 -17.37 -42.57
C THR B 426 4.41 -18.10 -41.24
N SER B 427 3.49 -19.06 -41.14
CA SER B 427 3.38 -19.85 -39.92
C SER B 427 4.36 -21.02 -39.93
N ILE B 428 4.47 -21.71 -41.07
CA ILE B 428 5.44 -22.80 -41.18
C ILE B 428 6.86 -22.25 -41.22
N LYS B 429 7.05 -21.06 -41.81
CA LYS B 429 8.39 -20.48 -41.91
C LYS B 429 9.07 -20.40 -40.55
N ASP B 430 8.33 -19.99 -39.52
CA ASP B 430 8.88 -19.90 -38.17
C ASP B 430 9.12 -21.29 -37.60
N PHE B 448 2.20 -18.14 -29.91
CA PHE B 448 1.20 -17.17 -30.32
C PHE B 448 0.70 -17.47 -31.73
N GLN B 449 1.53 -18.17 -32.51
CA GLN B 449 1.14 -18.57 -33.86
C GLN B 449 0.14 -19.73 -33.85
N LEU B 450 -0.14 -20.32 -32.69
CA LEU B 450 -1.06 -21.45 -32.63
C LEU B 450 -2.40 -21.09 -33.24
N LEU B 451 -3.11 -20.12 -32.62
CA LEU B 451 -4.36 -19.66 -33.21
C LEU B 451 -4.16 -19.25 -34.66
N TYR B 452 -3.03 -18.62 -34.96
CA TYR B 452 -2.72 -18.23 -36.33
C TYR B 452 -2.61 -19.45 -37.23
N PHE B 453 -1.92 -20.50 -36.76
CA PHE B 453 -1.78 -21.70 -37.58
C PHE B 453 -3.13 -22.36 -37.83
N ILE B 454 -3.99 -22.40 -36.81
CA ILE B 454 -5.29 -23.02 -36.96
C ILE B 454 -6.12 -22.26 -37.99
N TYR B 455 -6.02 -20.93 -37.99
CA TYR B 455 -6.70 -20.14 -39.00
C TYR B 455 -6.29 -20.57 -40.41
N SER B 456 -4.97 -20.67 -40.64
CA SER B 456 -4.49 -20.91 -41.99
C SER B 456 -5.02 -22.23 -42.55
N VAL B 457 -4.97 -23.29 -41.74
CA VAL B 457 -5.42 -24.59 -42.23
C VAL B 457 -6.94 -24.60 -42.41
N LEU B 458 -7.67 -23.98 -41.49
CA LEU B 458 -9.12 -24.01 -41.57
C LEU B 458 -9.63 -23.28 -42.81
N VAL B 459 -9.16 -22.05 -43.04
CA VAL B 459 -9.57 -21.33 -44.24
C VAL B 459 -9.16 -22.11 -45.48
N VAL B 460 -8.00 -22.74 -45.45
CA VAL B 460 -7.60 -23.63 -46.54
C VAL B 460 -8.57 -24.79 -46.65
N VAL B 461 -8.97 -25.36 -45.50
CA VAL B 461 -9.93 -26.46 -45.52
C VAL B 461 -11.25 -26.00 -46.12
N SER B 462 -11.71 -24.80 -45.74
CA SER B 462 -12.99 -24.31 -46.24
C SER B 462 -13.00 -24.23 -47.76
N ALA B 463 -12.08 -23.45 -48.33
CA ALA B 463 -12.04 -23.30 -49.79
C ALA B 463 -11.86 -24.65 -50.47
N ALA B 464 -11.13 -25.56 -49.84
CA ALA B 464 -10.93 -26.89 -50.43
C ALA B 464 -12.27 -27.60 -50.62
N LEU B 465 -13.08 -27.65 -49.57
CA LEU B 465 -14.39 -28.29 -49.67
C LEU B 465 -15.29 -27.51 -50.63
N TYR B 466 -15.24 -26.18 -50.58
CA TYR B 466 -16.07 -25.39 -51.48
C TYR B 466 -15.70 -25.65 -52.93
N LEU B 467 -14.40 -25.71 -53.25
CA LEU B 467 -13.99 -25.93 -54.63
C LEU B 467 -14.53 -27.24 -55.17
N ALA B 468 -14.73 -28.23 -54.30
CA ALA B 468 -15.34 -29.49 -54.71
C ALA B 468 -16.85 -29.39 -54.85
N GLY B 469 -17.45 -28.27 -54.50
CA GLY B 469 -18.89 -28.12 -54.58
C GLY B 469 -19.65 -29.08 -53.69
N ILE B 470 -19.13 -29.33 -52.49
CA ILE B 470 -19.74 -30.25 -51.55
C ILE B 470 -20.46 -29.41 -50.49
N GLU B 471 -21.73 -29.69 -50.27
CA GLU B 471 -22.57 -28.87 -49.41
C GLU B 471 -22.40 -29.26 -47.94
N ALA B 472 -22.88 -28.39 -47.07
CA ALA B 472 -22.90 -28.63 -45.63
C ALA B 472 -21.49 -28.66 -45.04
N TYR B 473 -20.59 -27.86 -45.61
CA TYR B 473 -19.24 -27.67 -45.06
C TYR B 473 -18.85 -26.20 -45.09
N LEU B 474 -19.80 -25.33 -44.74
CA LEU B 474 -19.49 -23.97 -44.34
C LEU B 474 -19.17 -23.88 -42.85
N ALA B 475 -19.25 -24.99 -42.13
CA ALA B 475 -18.96 -24.99 -40.69
C ALA B 475 -17.56 -24.47 -40.41
N VAL B 476 -16.55 -25.06 -41.06
CA VAL B 476 -15.17 -24.67 -40.80
C VAL B 476 -14.97 -23.20 -41.18
N MET B 477 -15.57 -22.78 -42.30
CA MET B 477 -15.40 -21.40 -42.75
C MET B 477 -15.84 -20.42 -41.66
N VAL B 478 -17.02 -20.64 -41.08
CA VAL B 478 -17.50 -19.75 -40.04
C VAL B 478 -16.63 -19.86 -38.79
N PHE B 479 -16.30 -21.08 -38.38
CA PHE B 479 -15.43 -21.27 -37.22
C PHE B 479 -14.05 -20.68 -37.44
N ALA B 480 -13.61 -20.57 -38.69
CA ALA B 480 -12.39 -19.81 -38.98
C ALA B 480 -12.60 -18.33 -38.67
N LEU B 481 -13.79 -17.80 -38.98
CA LEU B 481 -14.06 -16.39 -38.77
C LEU B 481 -13.92 -16.02 -37.29
N VAL B 482 -14.58 -16.77 -36.41
CA VAL B 482 -14.49 -16.47 -34.99
C VAL B 482 -13.05 -16.55 -34.52
N LEU B 483 -12.31 -17.57 -35.00
CA LEU B 483 -10.88 -17.63 -34.72
C LEU B 483 -10.15 -16.44 -35.31
N GLY B 484 -10.53 -16.02 -36.51
CA GLY B 484 -9.92 -14.87 -37.14
C GLY B 484 -10.01 -13.63 -36.29
N TRP B 485 -11.19 -13.38 -35.73
CA TRP B 485 -11.34 -12.24 -34.81
C TRP B 485 -10.69 -12.52 -33.47
N MET B 486 -10.69 -13.78 -33.03
CA MET B 486 -9.89 -14.13 -31.86
C MET B 486 -8.41 -13.89 -32.13
N ASN B 487 -7.94 -14.30 -33.33
CA ASN B 487 -6.59 -13.94 -33.76
C ASN B 487 -6.40 -12.44 -33.73
N ALA B 488 -7.46 -11.67 -34.02
CA ALA B 488 -7.33 -10.23 -34.12
C ALA B 488 -6.97 -9.60 -32.78
N LEU B 489 -7.12 -10.35 -31.70
CA LEU B 489 -6.80 -9.82 -30.37
C LEU B 489 -5.34 -9.36 -30.29
N TYR B 490 -4.47 -9.95 -31.12
CA TYR B 490 -3.04 -9.67 -31.03
C TYR B 490 -2.73 -8.21 -31.32
N PHE B 491 -3.05 -7.76 -32.55
CA PHE B 491 -2.65 -6.40 -32.93
C PHE B 491 -3.34 -5.35 -32.06
N THR B 492 -4.63 -5.52 -31.76
CA THR B 492 -5.33 -4.52 -30.97
C THR B 492 -4.71 -4.39 -29.59
N ARG B 493 -4.05 -5.45 -29.10
CA ARG B 493 -3.40 -5.40 -27.80
C ARG B 493 -2.29 -4.37 -27.73
N GLY B 494 -1.54 -4.17 -28.81
CA GLY B 494 -0.33 -3.36 -28.75
C GLY B 494 -0.57 -1.87 -28.67
N LEU B 495 -1.81 -1.42 -28.79
CA LEU B 495 -2.13 0.00 -28.78
C LEU B 495 -3.06 0.33 -27.62
N LYS B 496 -2.91 1.54 -27.09
CA LYS B 496 -3.72 2.04 -25.98
C LYS B 496 -3.61 1.14 -24.75
N LEU B 497 -2.45 0.52 -24.54
CA LEU B 497 -2.19 -0.33 -23.38
C LEU B 497 -3.30 -1.37 -23.23
N THR B 498 -3.74 -1.93 -24.34
CA THR B 498 -4.76 -2.96 -24.34
C THR B 498 -4.11 -4.33 -24.15
N GLY B 499 -4.94 -5.37 -24.17
CA GLY B 499 -4.48 -6.74 -24.00
C GLY B 499 -4.70 -7.30 -22.61
N THR B 500 -4.91 -6.45 -21.61
CA THR B 500 -5.28 -6.95 -20.29
C THR B 500 -6.53 -7.81 -20.39
N TYR B 501 -7.40 -7.52 -21.35
CA TYR B 501 -8.49 -8.44 -21.66
C TYR B 501 -7.94 -9.82 -22.02
N SER B 502 -6.94 -9.86 -22.90
CA SER B 502 -6.39 -11.14 -23.34
C SER B 502 -5.78 -11.92 -22.17
N ILE B 503 -5.02 -11.23 -21.32
CA ILE B 503 -4.41 -11.90 -20.18
C ILE B 503 -5.50 -12.43 -19.25
N MET B 504 -6.53 -11.63 -19.01
CA MET B 504 -7.64 -12.07 -18.17
C MET B 504 -8.34 -13.29 -18.78
N ILE B 505 -8.49 -13.29 -20.11
CA ILE B 505 -9.20 -14.38 -20.76
C ILE B 505 -8.51 -15.72 -20.50
N GLN B 506 -7.20 -15.78 -20.76
CA GLN B 506 -6.49 -17.04 -20.65
C GLN B 506 -6.42 -17.51 -19.21
N LYS B 507 -6.19 -16.60 -18.27
CA LYS B 507 -6.09 -16.97 -16.86
C LYS B 507 -7.42 -17.52 -16.33
N ILE B 508 -8.55 -16.97 -16.80
CA ILE B 508 -9.84 -17.50 -16.41
C ILE B 508 -10.22 -18.70 -17.27
N LEU B 509 -9.64 -18.81 -18.47
CA LEU B 509 -10.05 -19.84 -19.41
C LEU B 509 -9.91 -21.24 -18.80
N PHE B 510 -8.67 -21.64 -18.48
CA PHE B 510 -8.44 -22.98 -17.95
C PHE B 510 -9.14 -23.16 -16.61
N LYS B 511 -9.08 -22.14 -15.75
CA LYS B 511 -9.58 -22.29 -14.39
C LYS B 511 -11.08 -22.58 -14.37
N ASP B 512 -11.88 -21.62 -14.84
CA ASP B 512 -13.32 -21.68 -14.60
C ASP B 512 -13.93 -22.97 -15.10
N LEU B 513 -13.47 -23.48 -16.25
CA LEU B 513 -14.21 -24.53 -16.94
C LEU B 513 -14.30 -25.80 -16.11
N PHE B 514 -13.17 -26.30 -15.60
CA PHE B 514 -13.20 -27.60 -14.94
C PHE B 514 -13.49 -27.51 -13.45
N ARG B 515 -13.39 -26.33 -12.84
CA ARG B 515 -14.00 -26.13 -11.53
C ARG B 515 -15.52 -26.24 -11.63
N PHE B 516 -16.10 -25.56 -12.63
CA PHE B 516 -17.56 -25.57 -12.77
C PHE B 516 -18.06 -26.90 -13.31
N LEU B 517 -17.55 -27.33 -14.48
CA LEU B 517 -18.01 -28.57 -15.07
C LEU B 517 -17.83 -29.76 -14.12
N LEU B 518 -16.83 -29.70 -13.25
CA LEU B 518 -16.73 -30.70 -12.19
C LEU B 518 -17.98 -30.66 -11.31
N VAL B 519 -18.32 -29.47 -10.81
CA VAL B 519 -19.54 -29.34 -10.02
C VAL B 519 -20.77 -29.59 -10.87
N TYR B 520 -20.71 -29.16 -12.14
CA TYR B 520 -21.86 -29.28 -13.03
C TYR B 520 -22.28 -30.73 -13.18
N LEU B 521 -21.33 -31.61 -13.50
CA LEU B 521 -21.67 -33.03 -13.66
C LEU B 521 -21.69 -33.74 -12.31
N LEU B 522 -20.97 -33.21 -11.33
CA LEU B 522 -21.02 -33.77 -9.98
C LEU B 522 -22.47 -33.84 -9.50
N PHE B 523 -23.26 -32.82 -9.79
CA PHE B 523 -24.62 -32.76 -9.25
C PHE B 523 -25.60 -33.48 -10.17
N MET B 524 -25.32 -33.54 -11.47
CA MET B 524 -26.16 -34.27 -12.40
C MET B 524 -26.48 -35.67 -11.86
N ILE B 525 -25.43 -36.48 -11.71
CA ILE B 525 -25.61 -37.85 -11.23
C ILE B 525 -25.99 -37.85 -9.75
N GLY B 526 -25.33 -37.01 -8.95
CA GLY B 526 -25.67 -36.94 -7.54
C GLY B 526 -27.14 -36.59 -7.33
N TYR B 527 -27.64 -35.64 -8.11
CA TYR B 527 -29.02 -35.18 -7.91
C TYR B 527 -30.00 -36.09 -8.64
N ALA B 528 -29.63 -36.59 -9.83
CA ALA B 528 -30.49 -37.51 -10.56
C ALA B 528 -30.70 -38.81 -9.78
N SER B 529 -29.64 -39.35 -9.20
CA SER B 529 -29.77 -40.59 -8.44
C SER B 529 -30.72 -40.40 -7.26
N ALA B 530 -30.64 -39.25 -6.58
CA ALA B 530 -31.61 -38.95 -5.54
C ALA B 530 -33.00 -38.77 -6.13
N LEU B 531 -33.07 -38.35 -7.40
CA LEU B 531 -34.37 -38.12 -8.02
C LEU B 531 -35.11 -39.41 -8.30
N VAL B 532 -34.40 -40.44 -8.76
CA VAL B 532 -35.05 -41.69 -9.13
C VAL B 532 -35.73 -42.35 -7.93
N THR B 533 -35.43 -41.89 -6.71
CA THR B 533 -36.16 -42.37 -5.55
C THR B 533 -37.65 -42.14 -5.70
N LEU B 534 -38.04 -40.97 -6.25
CA LEU B 534 -39.45 -40.64 -6.39
C LEU B 534 -40.03 -41.22 -7.68
N LEU B 535 -39.19 -41.61 -8.63
CA LEU B 535 -39.62 -41.93 -9.98
C LEU B 535 -38.68 -42.94 -10.60
N ASN B 536 -39.24 -43.92 -11.31
CA ASN B 536 -38.40 -44.94 -11.95
C ASN B 536 -37.53 -44.51 -13.13
N PRO B 537 -37.84 -43.42 -13.86
CA PRO B 537 -36.80 -43.01 -14.81
C PRO B 537 -35.32 -42.83 -14.44
N PRO B 557 -40.78 -37.22 -15.52
CA PRO B 557 -41.93 -36.32 -15.46
C PRO B 557 -41.53 -34.85 -15.58
N ALA B 558 -41.04 -34.26 -14.48
CA ALA B 558 -40.61 -32.87 -14.50
C ALA B 558 -39.48 -32.67 -15.50
N CYS B 559 -38.51 -33.57 -15.50
CA CYS B 559 -37.37 -33.48 -16.42
C CYS B 559 -37.59 -34.33 -17.67
N ARG B 560 -38.00 -35.59 -17.49
CA ARG B 560 -38.23 -36.52 -18.59
C ARG B 560 -39.34 -37.48 -18.19
N ASP B 561 -40.54 -37.22 -18.69
CA ASP B 561 -41.66 -38.14 -18.49
C ASP B 561 -41.48 -39.36 -19.36
N SER B 562 -41.37 -40.53 -18.71
CA SER B 562 -41.11 -41.79 -19.41
C SER B 562 -39.69 -41.79 -19.96
N GLU B 563 -38.96 -42.89 -19.73
CA GLU B 563 -37.64 -43.10 -20.32
C GLU B 563 -36.58 -42.43 -19.47
N THR B 564 -35.42 -43.06 -19.34
CA THR B 564 -34.40 -42.66 -18.38
C THR B 564 -33.32 -41.84 -19.08
N PHE B 565 -33.39 -40.52 -18.92
CA PHE B 565 -32.33 -39.60 -19.32
C PHE B 565 -31.98 -38.67 -18.16
N SER B 566 -30.75 -38.14 -18.22
CA SER B 566 -30.27 -37.13 -17.30
C SER B 566 -29.89 -35.83 -17.99
N ALA B 567 -29.86 -35.80 -19.33
CA ALA B 567 -29.47 -34.60 -20.05
C ALA B 567 -30.42 -33.45 -19.77
N PHE B 568 -31.73 -33.71 -19.74
CA PHE B 568 -32.68 -32.65 -19.46
C PHE B 568 -32.46 -32.08 -18.06
N LEU B 569 -31.99 -32.90 -17.14
CA LEU B 569 -31.57 -32.38 -15.84
C LEU B 569 -30.38 -31.44 -16.00
N LEU B 570 -29.44 -31.80 -16.86
CA LEU B 570 -28.28 -30.94 -17.10
C LEU B 570 -28.72 -29.54 -17.50
N ASP B 571 -29.62 -29.45 -18.49
CA ASP B 571 -30.13 -28.15 -18.92
C ASP B 571 -30.88 -27.46 -17.78
N LEU B 572 -31.56 -28.25 -16.93
CA LEU B 572 -32.28 -27.67 -15.81
C LEU B 572 -31.35 -26.85 -14.92
N PHE B 573 -30.16 -27.39 -14.63
CA PHE B 573 -29.18 -26.63 -13.88
C PHE B 573 -28.63 -25.46 -14.69
N LYS B 574 -28.50 -25.65 -16.01
CA LYS B 574 -28.00 -24.58 -16.86
C LYS B 574 -28.84 -23.32 -16.71
N LEU B 575 -30.14 -23.46 -16.46
CA LEU B 575 -31.03 -22.33 -16.29
C LEU B 575 -31.24 -21.96 -14.82
N THR B 576 -30.96 -22.88 -13.89
CA THR B 576 -31.22 -22.61 -12.48
C THR B 576 -30.43 -21.40 -12.00
N ILE B 577 -29.19 -21.25 -12.46
CA ILE B 577 -28.35 -20.12 -12.07
C ILE B 577 -28.32 -19.05 -13.15
N GLY B 578 -28.25 -19.46 -14.42
CA GLY B 578 -28.21 -18.47 -15.50
C GLY B 578 -29.43 -17.58 -15.51
N MET B 579 -30.63 -18.19 -15.45
CA MET B 579 -31.86 -17.42 -15.42
C MET B 579 -32.90 -18.02 -14.48
N GLY B 580 -32.54 -18.97 -13.63
CA GLY B 580 -33.51 -19.57 -12.73
C GLY B 580 -34.60 -20.30 -13.49
N ASP B 581 -35.82 -20.21 -12.96
CA ASP B 581 -37.00 -20.82 -13.58
C ASP B 581 -36.82 -22.33 -13.74
N LEU B 582 -36.67 -23.00 -12.59
CA LEU B 582 -36.54 -24.45 -12.54
C LEU B 582 -37.83 -25.02 -11.95
N GLU B 583 -38.44 -25.97 -12.65
CA GLU B 583 -39.70 -26.54 -12.19
C GLU B 583 -39.49 -27.48 -11.02
N MET B 584 -38.48 -28.34 -11.08
CA MET B 584 -38.24 -29.35 -10.05
C MET B 584 -39.49 -30.22 -9.91
N LEU B 585 -39.51 -31.18 -8.99
CA LEU B 585 -40.61 -32.13 -8.92
C LEU B 585 -41.85 -31.58 -8.22
N SER B 586 -41.82 -30.33 -7.74
CA SER B 586 -43.04 -29.70 -7.27
C SER B 586 -43.96 -29.32 -8.42
N SER B 587 -43.49 -29.38 -9.66
CA SER B 587 -44.32 -29.06 -10.82
C SER B 587 -45.07 -30.31 -11.30
N ILE B 595 -37.86 -37.00 -0.23
CA ILE B 595 -38.38 -35.83 -0.93
C ILE B 595 -37.63 -34.57 -0.49
N LEU B 596 -37.41 -34.43 0.82
CA LEU B 596 -36.75 -33.23 1.33
C LEU B 596 -35.26 -33.22 1.01
N LEU B 597 -34.60 -34.39 1.10
CA LEU B 597 -33.18 -34.45 0.74
C LEU B 597 -32.95 -33.86 -0.65
N LEU B 598 -33.85 -34.17 -1.59
CA LEU B 598 -33.75 -33.58 -2.92
C LEU B 598 -33.84 -32.06 -2.84
N VAL B 599 -34.65 -31.54 -1.92
CA VAL B 599 -34.72 -30.10 -1.70
C VAL B 599 -33.44 -29.61 -1.04
N THR B 600 -32.96 -30.33 -0.03
CA THR B 600 -31.71 -29.93 0.63
C THR B 600 -30.54 -30.03 -0.34
N TYR B 601 -30.47 -31.11 -1.11
CA TYR B 601 -29.33 -31.31 -1.99
C TYR B 601 -29.25 -30.22 -3.05
N ILE B 602 -30.39 -29.85 -3.64
CA ILE B 602 -30.39 -28.78 -4.64
C ILE B 602 -30.02 -27.44 -4.00
N ILE B 603 -30.14 -27.32 -2.68
CA ILE B 603 -29.69 -26.11 -2.02
C ILE B 603 -28.17 -26.05 -2.02
N LEU B 604 -27.50 -27.19 -1.82
CA LEU B 604 -26.05 -27.21 -1.83
C LEU B 604 -25.48 -26.72 -3.15
N THR B 605 -25.95 -27.30 -4.26
CA THR B 605 -25.44 -26.86 -5.56
C THR B 605 -25.60 -25.35 -5.73
N PHE B 606 -26.70 -24.80 -5.23
CA PHE B 606 -26.89 -23.36 -5.30
C PHE B 606 -25.81 -22.62 -4.53
N VAL B 607 -25.71 -22.86 -3.23
CA VAL B 607 -24.73 -22.15 -2.42
C VAL B 607 -23.31 -22.47 -2.88
N LEU B 608 -23.04 -23.74 -3.21
CA LEU B 608 -21.73 -24.08 -3.75
C LEU B 608 -21.47 -23.34 -5.06
N LEU B 609 -22.44 -23.29 -5.96
CA LEU B 609 -22.24 -22.59 -7.22
C LEU B 609 -22.03 -21.10 -7.00
N LEU B 610 -22.82 -20.49 -6.12
CA LEU B 610 -22.73 -19.05 -5.92
C LEU B 610 -21.36 -18.63 -5.41
N ASN B 611 -20.89 -19.26 -4.32
CA ASN B 611 -19.61 -18.84 -3.75
C ASN B 611 -18.46 -19.09 -4.71
N MET B 612 -18.52 -20.19 -5.49
CA MET B 612 -17.50 -20.43 -6.49
C MET B 612 -17.43 -19.26 -7.47
N LEU B 613 -18.60 -18.74 -7.89
CA LEU B 613 -18.60 -17.53 -8.71
C LEU B 613 -18.01 -16.36 -7.94
N ILE B 614 -18.35 -16.23 -6.66
CA ILE B 614 -17.77 -15.18 -5.84
C ILE B 614 -16.26 -15.37 -5.73
N ALA B 615 -15.82 -16.60 -5.48
CA ALA B 615 -14.39 -16.88 -5.44
C ALA B 615 -13.74 -16.61 -6.79
N LEU B 616 -14.40 -17.00 -7.88
CA LEU B 616 -13.92 -16.63 -9.21
C LEU B 616 -13.85 -15.12 -9.34
N MET B 617 -14.87 -14.41 -8.87
CA MET B 617 -14.82 -12.96 -8.83
C MET B 617 -13.66 -12.49 -7.95
N GLY B 618 -13.47 -13.15 -6.80
CA GLY B 618 -12.35 -12.80 -5.94
C GLY B 618 -11.01 -13.06 -6.57
N GLU B 619 -10.90 -14.18 -7.30
CA GLU B 619 -9.64 -14.50 -7.97
C GLU B 619 -9.29 -13.46 -9.03
N THR B 620 -10.27 -13.08 -9.86
CA THR B 620 -10.00 -12.19 -10.98
C THR B 620 -9.54 -10.82 -10.51
N VAL B 621 -10.22 -10.27 -9.50
CA VAL B 621 -9.89 -8.91 -9.05
C VAL B 621 -8.45 -8.84 -8.56
N GLY B 622 -8.03 -9.84 -7.78
CA GLY B 622 -6.66 -9.86 -7.30
C GLY B 622 -5.64 -10.20 -8.36
N GLN B 623 -6.07 -10.83 -9.45
CA GLN B 623 -5.15 -11.22 -10.52
C GLN B 623 -4.87 -10.10 -11.51
N VAL B 624 -5.63 -9.00 -11.46
CA VAL B 624 -5.46 -7.93 -12.45
C VAL B 624 -4.08 -7.32 -12.32
N SER B 625 -3.70 -6.94 -11.11
CA SER B 625 -2.39 -6.36 -10.79
C SER B 625 -2.12 -5.06 -11.55
N LYS B 626 -3.12 -4.50 -12.22
CA LYS B 626 -2.98 -3.26 -12.99
C LYS B 626 -1.91 -3.37 -14.07
N GLU B 627 -1.62 -4.59 -14.52
CA GLU B 627 -0.66 -4.85 -15.59
C GLU B 627 0.78 -4.64 -15.13
N SER B 628 0.97 -4.15 -13.90
CA SER B 628 2.29 -3.95 -13.32
C SER B 628 3.11 -2.94 -14.11
N LYS B 629 2.52 -2.31 -15.12
CA LYS B 629 3.17 -1.35 -16.01
C LYS B 629 4.34 -1.95 -16.79
N HIS B 630 4.57 -3.25 -16.68
CA HIS B 630 5.71 -3.90 -17.33
C HIS B 630 5.31 -4.89 -18.41
N ILE B 631 4.19 -5.59 -18.25
CA ILE B 631 3.77 -6.57 -19.25
C ILE B 631 3.58 -5.90 -20.60
N TRP B 632 2.98 -4.71 -20.61
CA TRP B 632 2.83 -3.97 -21.86
C TRP B 632 4.20 -3.65 -22.46
N LYS B 633 5.15 -3.20 -21.64
CA LYS B 633 6.48 -2.87 -22.14
C LYS B 633 7.11 -4.09 -22.81
N LEU B 634 7.15 -5.22 -22.11
CA LEU B 634 7.70 -6.43 -22.71
C LEU B 634 6.87 -6.86 -23.92
N GLN B 635 5.54 -6.86 -23.77
CA GLN B 635 4.68 -7.28 -24.87
C GLN B 635 4.76 -6.32 -26.04
N TRP B 636 4.85 -5.01 -25.76
CA TRP B 636 5.00 -4.05 -26.84
C TRP B 636 6.29 -4.29 -27.61
N ALA B 637 7.39 -4.53 -26.90
CA ALA B 637 8.66 -4.81 -27.58
C ALA B 637 8.55 -6.04 -28.46
N THR B 638 7.67 -6.96 -28.11
CA THR B 638 7.48 -8.15 -28.95
C THR B 638 6.96 -7.76 -30.33
N THR B 639 6.04 -6.79 -30.39
CA THR B 639 5.48 -6.39 -31.67
C THR B 639 6.55 -5.79 -32.58
N ILE B 640 7.34 -4.86 -32.05
CA ILE B 640 8.36 -4.20 -32.87
C ILE B 640 9.30 -5.23 -33.49
N LEU B 641 9.83 -6.14 -32.65
CA LEU B 641 10.73 -7.15 -33.17
C LEU B 641 9.99 -8.15 -34.04
N ASP B 642 8.72 -8.43 -33.74
CA ASP B 642 7.95 -9.33 -34.59
C ASP B 642 7.85 -8.77 -36.01
N ILE B 643 7.61 -7.46 -36.13
CA ILE B 643 7.56 -6.84 -37.45
C ILE B 643 8.93 -6.87 -38.12
N GLU B 644 9.99 -6.56 -37.36
CA GLU B 644 11.31 -6.41 -37.96
C GLU B 644 11.74 -7.71 -38.64
N ARG B 645 11.57 -8.85 -37.97
CA ARG B 645 11.90 -10.12 -38.60
C ARG B 645 10.98 -10.43 -39.77
N SER B 646 9.85 -9.77 -39.87
CA SER B 646 8.89 -10.02 -40.95
C SER B 646 9.49 -9.73 -42.32
N PHE B 647 9.80 -8.46 -42.56
CA PHE B 647 10.35 -8.02 -43.84
C PHE B 647 11.86 -8.07 -43.81
N PRO B 648 12.52 -8.01 -44.97
CA PRO B 648 13.98 -8.13 -44.99
C PRO B 648 14.67 -6.95 -44.35
N VAL B 649 15.28 -7.20 -43.18
CA VAL B 649 15.92 -6.13 -42.42
C VAL B 649 17.12 -5.53 -43.15
N PHE B 650 17.87 -6.35 -43.90
CA PHE B 650 19.07 -5.86 -44.57
C PHE B 650 18.79 -4.65 -45.47
N LEU B 651 17.54 -4.39 -45.80
CA LEU B 651 17.18 -3.23 -46.61
C LEU B 651 17.36 -1.97 -45.75
N ARG B 652 16.93 -0.82 -46.28
CA ARG B 652 17.20 0.44 -45.59
C ARG B 652 16.28 0.61 -44.40
N LYS B 653 16.28 -0.37 -43.50
CA LYS B 653 15.50 -0.33 -42.26
C LYS B 653 16.42 -0.44 -41.06
N ALA B 654 17.67 -0.01 -41.22
CA ALA B 654 18.72 -0.24 -40.23
C ALA B 654 18.94 0.99 -39.37
N PHE B 655 19.25 0.74 -38.11
CA PHE B 655 19.66 1.77 -37.16
C PHE B 655 20.91 2.49 -37.64
N ARG B 656 21.28 3.55 -36.92
CA ARG B 656 22.31 4.47 -37.38
C ARG B 656 23.67 3.77 -37.48
N SER B 657 24.52 4.32 -38.34
CA SER B 657 25.87 3.79 -38.56
C SER B 657 26.89 4.65 -37.81
N GLY B 658 28.18 4.40 -38.04
CA GLY B 658 29.22 5.11 -37.34
C GLY B 658 30.53 5.24 -38.10
N GLU B 659 31.56 5.75 -37.43
CA GLU B 659 32.85 6.03 -38.05
C GLU B 659 33.50 4.75 -38.56
N MET B 660 34.60 4.93 -39.29
CA MET B 660 35.28 3.83 -39.96
C MET B 660 36.29 3.12 -39.07
N VAL B 661 37.28 3.87 -38.56
CA VAL B 661 38.40 3.26 -37.83
C VAL B 661 38.81 4.16 -36.68
N THR B 662 39.52 3.56 -35.72
CA THR B 662 40.09 4.17 -34.52
C THR B 662 39.03 4.41 -33.44
N VAL B 663 37.75 4.19 -33.72
CA VAL B 663 36.71 4.29 -32.70
C VAL B 663 35.60 3.31 -33.03
N ARG B 673 34.91 0.62 -37.91
CA ARG B 673 33.70 0.31 -38.66
C ARG B 673 32.73 -0.46 -37.78
N ARG B 674 32.22 0.21 -36.74
CA ARG B 674 31.27 -0.38 -35.81
C ARG B 674 29.95 0.33 -35.94
N TRP B 675 28.87 -0.44 -36.06
CA TRP B 675 27.55 0.12 -36.28
C TRP B 675 26.99 0.70 -34.98
N CYS B 676 27.57 1.81 -34.53
CA CYS B 676 27.16 2.39 -33.25
C CYS B 676 25.77 2.99 -33.33
N PHE B 677 25.20 3.29 -32.16
CA PHE B 677 23.91 3.94 -32.04
C PHE B 677 24.03 5.10 -31.05
N ARG B 678 23.30 6.17 -31.33
CA ARG B 678 23.41 7.42 -30.58
C ARG B 678 22.31 7.53 -29.55
N VAL B 679 22.67 8.06 -28.38
CA VAL B 679 21.72 8.33 -27.29
C VAL B 679 22.14 9.63 -26.64
N ASP B 680 21.17 10.44 -26.25
CA ASP B 680 21.43 11.78 -25.72
C ASP B 680 20.75 11.94 -24.37
N GLU B 681 21.53 12.31 -23.36
CA GLU B 681 21.04 12.52 -22.01
C GLU B 681 21.59 13.84 -21.49
N VAL B 682 20.74 14.59 -20.79
CA VAL B 682 21.11 15.90 -20.26
C VAL B 682 21.31 15.78 -18.75
N ASN B 683 22.44 16.29 -18.26
CA ASN B 683 22.75 16.28 -16.84
C ASN B 683 23.34 17.62 -16.46
N TRP B 684 22.88 18.18 -15.35
CA TRP B 684 23.34 19.47 -14.86
C TRP B 684 24.33 19.33 -13.72
N SER B 685 24.98 18.18 -13.58
CA SER B 685 25.95 17.95 -12.52
C SER B 685 27.38 18.13 -13.04
N VAL C 47 47.54 25.87 -43.71
CA VAL C 47 48.56 26.60 -44.46
C VAL C 47 48.44 26.22 -45.94
N PHE C 48 49.18 25.20 -46.36
CA PHE C 48 49.00 24.67 -47.71
C PHE C 48 47.60 24.11 -47.88
N ASN C 49 47.12 23.39 -46.86
CA ASN C 49 45.74 22.91 -46.80
C ASN C 49 45.19 23.23 -45.43
N ARG C 50 43.89 23.53 -45.38
CA ARG C 50 43.28 23.95 -44.12
C ARG C 50 43.43 22.93 -42.99
N PRO C 51 43.27 21.62 -43.23
CA PRO C 51 43.31 20.68 -42.10
C PRO C 51 44.56 20.77 -41.24
N ILE C 52 45.73 20.97 -41.84
CA ILE C 52 46.95 21.01 -41.04
C ILE C 52 46.92 22.19 -40.08
N LEU C 53 46.44 23.35 -40.53
CA LEU C 53 46.30 24.48 -39.63
C LEU C 53 45.32 24.17 -38.50
N PHE C 54 44.20 23.55 -38.83
CA PHE C 54 43.24 23.16 -37.80
C PHE C 54 43.85 22.11 -36.86
N ASP C 55 44.60 21.16 -37.40
CA ASP C 55 45.25 20.16 -36.56
C ASP C 55 46.29 20.80 -35.67
N ILE C 56 47.08 21.73 -36.21
CA ILE C 56 48.16 22.34 -35.42
C ILE C 56 47.57 23.09 -34.23
N VAL C 57 46.54 23.90 -34.48
CA VAL C 57 45.93 24.67 -33.39
C VAL C 57 45.23 23.75 -32.40
N SER C 58 44.61 22.68 -32.90
CA SER C 58 43.92 21.75 -32.01
C SER C 58 44.89 21.11 -31.03
N ARG C 59 46.07 20.71 -31.51
CA ARG C 59 47.06 20.09 -30.63
C ARG C 59 47.68 21.09 -29.66
N GLY C 60 47.50 22.39 -29.90
CA GLY C 60 48.04 23.40 -29.01
C GLY C 60 49.50 23.73 -29.23
N SER C 61 50.09 23.30 -30.34
CA SER C 61 51.51 23.53 -30.60
C SER C 61 51.68 24.89 -31.25
N THR C 62 52.20 25.85 -30.48
CA THR C 62 52.47 27.18 -31.02
C THR C 62 53.80 27.27 -31.75
N ALA C 63 54.68 26.28 -31.57
CA ALA C 63 55.97 26.31 -32.23
C ALA C 63 55.82 26.33 -33.75
N ASP C 64 55.23 25.27 -34.31
CA ASP C 64 54.98 25.24 -35.74
C ASP C 64 54.02 26.35 -36.17
N LEU C 65 53.15 26.81 -35.26
CA LEU C 65 52.28 27.93 -35.57
C LEU C 65 53.09 29.19 -35.84
N ASP C 66 54.26 29.32 -35.23
CA ASP C 66 55.11 30.48 -35.48
C ASP C 66 55.68 30.42 -36.90
N GLY C 67 55.82 31.59 -37.51
CA GLY C 67 56.32 31.71 -38.85
C GLY C 67 55.27 31.58 -39.94
N LEU C 68 54.07 31.11 -39.60
CA LEU C 68 53.00 31.04 -40.59
C LEU C 68 52.57 32.44 -41.03
N LEU C 69 52.74 33.43 -40.16
CA LEU C 69 52.40 34.80 -40.52
C LEU C 69 53.19 35.27 -41.73
N SER C 70 54.35 34.64 -42.00
CA SER C 70 55.16 35.06 -43.13
C SER C 70 54.40 34.93 -44.44
N PHE C 71 53.81 33.77 -44.71
CA PHE C 71 53.09 33.58 -45.97
C PHE C 71 51.74 34.28 -45.97
N LEU C 72 51.15 34.50 -44.79
CA LEU C 72 49.92 35.29 -44.73
C LEU C 72 50.15 36.69 -45.29
N LEU C 73 51.22 37.35 -44.84
CA LEU C 73 51.54 38.67 -45.38
C LEU C 73 51.99 38.57 -46.83
N THR C 74 52.77 37.54 -47.17
CA THR C 74 53.25 37.40 -48.54
C THR C 74 52.09 37.21 -49.52
N HIS C 75 51.11 36.40 -49.14
CA HIS C 75 49.94 36.16 -49.98
C HIS C 75 48.81 37.15 -49.72
N LYS C 76 49.02 38.12 -48.82
CA LYS C 76 47.99 39.10 -48.46
C LYS C 76 46.65 38.42 -48.19
N LYS C 77 46.69 37.22 -47.61
CA LYS C 77 45.49 36.46 -47.31
C LYS C 77 45.00 36.79 -45.92
N ARG C 78 43.76 37.25 -45.81
CA ARG C 78 43.18 37.58 -44.51
C ARG C 78 42.93 36.31 -43.71
N LEU C 79 43.06 36.43 -42.39
CA LEU C 79 42.83 35.29 -41.52
C LEU C 79 41.40 34.76 -41.62
N THR C 80 40.47 35.57 -42.11
CA THR C 80 39.07 35.18 -42.27
C THR C 80 38.74 34.75 -43.69
N ASP C 81 39.75 34.54 -44.53
CA ASP C 81 39.50 34.16 -45.92
C ASP C 81 38.83 32.80 -45.99
N GLU C 82 38.35 32.46 -47.19
CA GLU C 82 37.65 31.20 -47.39
C GLU C 82 38.53 30.00 -47.07
N GLU C 83 39.85 30.14 -47.23
CA GLU C 83 40.74 29.00 -46.97
C GLU C 83 40.73 28.61 -45.50
N PHE C 84 40.47 29.55 -44.60
CA PHE C 84 40.45 29.30 -43.16
C PHE C 84 39.09 28.88 -42.65
N ARG C 85 38.08 28.78 -43.52
CA ARG C 85 36.72 28.48 -43.13
C ARG C 85 36.23 27.24 -43.85
N GLU C 86 35.47 26.41 -43.14
CA GLU C 86 34.95 25.19 -43.74
C GLU C 86 33.92 25.53 -44.80
N PRO C 87 33.73 24.66 -45.80
CA PRO C 87 32.69 24.95 -46.82
C PRO C 87 31.30 25.00 -46.25
N SER C 88 30.89 23.96 -45.51
CA SER C 88 29.54 23.89 -44.97
C SER C 88 29.42 24.69 -43.68
N THR C 89 30.18 24.32 -42.66
CA THR C 89 30.06 24.96 -41.35
C THR C 89 30.70 26.34 -41.32
N GLY C 90 31.70 26.60 -42.14
CA GLY C 90 32.42 27.85 -42.04
C GLY C 90 33.17 28.01 -40.73
N LYS C 91 33.40 26.91 -40.01
CA LYS C 91 34.06 26.99 -38.72
C LYS C 91 35.43 27.64 -38.85
N THR C 92 35.71 28.59 -37.97
CA THR C 92 36.96 29.32 -37.99
C THR C 92 37.95 28.67 -37.02
N CYS C 93 39.22 29.06 -37.11
CA CYS C 93 40.24 28.52 -36.21
C CYS C 93 39.89 28.79 -34.75
N LEU C 94 39.30 29.94 -34.45
CA LEU C 94 38.98 30.26 -33.06
C LEU C 94 38.13 29.18 -32.40
N PRO C 95 36.91 28.90 -32.87
CA PRO C 95 36.13 27.82 -32.22
C PRO C 95 36.85 26.49 -32.24
N LYS C 96 37.56 26.17 -33.33
CA LYS C 96 38.32 24.93 -33.37
C LYS C 96 39.37 24.91 -32.27
N ALA C 97 40.11 26.01 -32.11
CA ALA C 97 41.09 26.08 -31.03
C ALA C 97 40.41 26.01 -29.66
N LEU C 98 39.30 26.74 -29.50
CA LEU C 98 38.59 26.72 -28.22
C LEU C 98 37.90 25.39 -27.99
N LEU C 99 37.43 24.73 -29.05
CA LEU C 99 36.71 23.48 -28.88
C LEU C 99 37.57 22.42 -28.21
N ASN C 100 38.88 22.45 -28.43
CA ASN C 100 39.81 21.47 -27.85
C ASN C 100 40.49 22.02 -26.60
N LEU C 101 39.77 22.79 -25.79
CA LEU C 101 40.32 23.34 -24.56
C LEU C 101 41.04 22.27 -23.77
N SER C 102 42.35 22.45 -23.59
CA SER C 102 43.18 21.47 -22.89
C SER C 102 43.42 21.96 -21.47
N ASN C 103 42.45 21.68 -20.60
CA ASN C 103 42.52 22.06 -19.19
C ASN C 103 42.81 23.55 -19.04
N GLY C 104 42.21 24.35 -19.92
CA GLY C 104 42.45 25.78 -19.89
C GLY C 104 43.82 26.19 -20.37
N ARG C 105 44.53 25.32 -21.08
CA ARG C 105 45.90 25.57 -21.50
C ARG C 105 46.03 25.71 -23.01
N ASN C 106 44.93 26.05 -23.70
CA ASN C 106 44.98 26.30 -25.14
C ASN C 106 45.65 27.65 -25.35
N ASP C 107 46.97 27.63 -25.44
CA ASP C 107 47.78 28.85 -25.55
C ASP C 107 47.97 29.29 -27.00
N THR C 108 47.32 28.63 -27.95
CA THR C 108 47.39 29.04 -29.35
C THR C 108 46.48 30.23 -29.68
N ILE C 109 45.52 30.54 -28.82
CA ILE C 109 44.57 31.61 -29.14
C ILE C 109 45.27 32.96 -29.31
N PRO C 110 46.17 33.39 -28.42
CA PRO C 110 46.72 34.75 -28.58
C PRO C 110 47.54 34.90 -29.85
N VAL C 111 48.16 33.82 -30.32
CA VAL C 111 48.89 33.89 -31.59
C VAL C 111 47.94 34.21 -32.73
N LEU C 112 46.79 33.52 -32.78
CA LEU C 112 45.79 33.84 -33.78
C LEU C 112 45.28 35.27 -33.61
N LEU C 113 45.03 35.68 -32.36
CA LEU C 113 44.61 37.05 -32.11
C LEU C 113 45.68 38.04 -32.56
N ASP C 114 46.95 37.75 -32.25
CA ASP C 114 48.04 38.59 -32.74
C ASP C 114 48.13 38.53 -34.26
N ILE C 115 47.99 37.34 -34.84
CA ILE C 115 48.00 37.22 -36.29
C ILE C 115 46.85 37.99 -36.90
N ALA C 116 45.67 37.90 -36.30
CA ALA C 116 44.51 38.64 -36.82
C ALA C 116 44.78 40.13 -36.82
N GLU C 117 45.41 40.65 -35.75
CA GLU C 117 45.76 42.06 -35.72
C GLU C 117 46.72 42.42 -36.84
N ARG C 118 47.70 41.55 -37.11
CA ARG C 118 48.63 41.79 -38.21
C ARG C 118 47.89 41.79 -39.55
N THR C 119 46.94 40.88 -39.73
CA THR C 119 46.22 40.80 -40.99
C THR C 119 45.43 42.08 -41.29
N GLY C 120 45.16 42.89 -40.27
CA GLY C 120 44.40 44.10 -40.45
C GLY C 120 42.89 43.90 -40.45
N ASN C 121 42.41 42.67 -40.28
CA ASN C 121 40.98 42.37 -40.21
C ASN C 121 40.76 41.57 -38.92
N MET C 122 40.53 42.29 -37.82
CA MET C 122 40.30 41.68 -36.53
C MET C 122 38.82 41.67 -36.13
N ARG C 123 38.02 42.60 -36.65
CA ARG C 123 36.62 42.68 -36.28
C ARG C 123 35.88 41.40 -36.67
N GLU C 124 35.85 41.08 -37.96
CA GLU C 124 35.11 39.91 -38.41
C GLU C 124 35.71 38.62 -37.85
N PHE C 125 37.00 38.61 -37.56
CA PHE C 125 37.65 37.38 -37.09
C PHE C 125 37.05 36.92 -35.77
N ILE C 126 36.84 37.85 -34.83
CA ILE C 126 36.33 37.48 -33.51
C ILE C 126 34.90 36.96 -33.64
N ASN C 127 33.99 37.79 -34.13
CA ASN C 127 32.58 37.41 -34.29
C ASN C 127 32.43 36.66 -35.61
N SER C 128 32.89 35.42 -35.62
CA SER C 128 32.81 34.57 -36.81
C SER C 128 31.53 33.77 -36.75
N PRO C 129 30.53 34.04 -37.62
CA PRO C 129 29.27 33.31 -37.55
C PRO C 129 29.25 32.07 -38.42
N PHE C 130 28.74 30.97 -37.88
CA PHE C 130 28.52 29.77 -38.69
C PHE C 130 27.35 29.99 -39.64
N ARG C 131 27.28 29.16 -40.68
CA ARG C 131 26.27 29.29 -41.72
C ARG C 131 25.38 28.07 -41.83
N ASP C 132 25.58 27.05 -41.00
CA ASP C 132 24.77 25.84 -41.06
C ASP C 132 23.33 26.15 -40.68
N ILE C 133 22.50 25.12 -40.75
CA ILE C 133 21.20 25.11 -40.08
C ILE C 133 21.29 24.45 -38.72
N TYR C 134 22.12 23.41 -38.62
CA TYR C 134 22.36 22.74 -37.34
C TYR C 134 23.13 23.62 -36.38
N TYR C 135 23.73 24.71 -36.88
CA TYR C 135 24.28 25.78 -36.06
C TYR C 135 24.08 27.08 -36.79
N ARG C 136 24.18 28.19 -36.06
CA ARG C 136 24.12 29.50 -36.67
C ARG C 136 24.60 30.54 -35.68
N GLY C 137 25.28 31.57 -36.20
CA GLY C 137 25.70 32.70 -35.40
C GLY C 137 26.47 32.33 -34.15
N GLN C 138 26.96 31.10 -34.07
CA GLN C 138 27.65 30.60 -32.88
C GLN C 138 29.06 31.19 -32.88
N THR C 139 29.13 32.47 -32.51
CA THR C 139 30.41 33.17 -32.48
C THR C 139 31.35 32.52 -31.47
N SER C 140 32.63 32.91 -31.57
CA SER C 140 33.65 32.34 -30.68
C SER C 140 33.28 32.54 -29.22
N LEU C 141 32.55 33.61 -28.90
CA LEU C 141 32.16 33.85 -27.51
C LEU C 141 31.29 32.72 -26.99
N HIS C 142 30.34 32.25 -27.81
CA HIS C 142 29.49 31.13 -27.39
C HIS C 142 30.33 29.92 -27.02
N ILE C 143 31.29 29.56 -27.88
CA ILE C 143 32.12 28.39 -27.61
C ILE C 143 32.93 28.59 -26.34
N ALA C 144 33.56 29.77 -26.21
CA ALA C 144 34.44 30.02 -25.08
C ALA C 144 33.70 29.88 -23.75
N ILE C 145 32.52 30.49 -23.64
CA ILE C 145 31.76 30.40 -22.39
C ILE C 145 31.32 28.96 -22.15
N GLU C 146 30.82 28.29 -23.20
CA GLU C 146 30.25 26.97 -23.02
C GLU C 146 31.25 25.98 -22.46
N ARG C 147 32.52 26.10 -22.86
CA ARG C 147 33.56 25.24 -22.30
C ARG C 147 33.83 25.53 -20.83
N ARG C 148 33.09 26.45 -20.22
CA ARG C 148 33.18 26.71 -18.79
C ARG C 148 34.59 27.16 -18.40
N CYS C 149 35.19 27.99 -19.25
CA CYS C 149 36.54 28.51 -19.04
C CYS C 149 36.49 30.02 -19.25
N LYS C 150 36.33 30.76 -18.14
CA LYS C 150 36.31 32.21 -18.21
C LYS C 150 37.68 32.79 -18.57
N HIS C 151 38.74 31.99 -18.47
CA HIS C 151 40.08 32.52 -18.70
C HIS C 151 40.20 33.16 -20.07
N TYR C 152 39.79 32.43 -21.12
CA TYR C 152 39.84 32.96 -22.47
C TYR C 152 38.64 33.83 -22.81
N VAL C 153 37.50 33.62 -22.15
CA VAL C 153 36.32 34.43 -22.42
C VAL C 153 36.60 35.89 -22.12
N GLU C 154 37.19 36.16 -20.95
CA GLU C 154 37.52 37.54 -20.61
C GLU C 154 38.54 38.12 -21.57
N LEU C 155 39.54 37.33 -21.94
CA LEU C 155 40.51 37.78 -22.94
C LEU C 155 39.82 38.07 -24.27
N LEU C 156 38.92 37.17 -24.69
CA LEU C 156 38.19 37.39 -25.94
C LEU C 156 37.32 38.64 -25.86
N VAL C 157 36.59 38.80 -24.76
CA VAL C 157 35.73 39.97 -24.60
C VAL C 157 36.57 41.24 -24.53
N ALA C 158 37.68 41.20 -23.78
CA ALA C 158 38.50 42.39 -23.62
C ALA C 158 39.02 42.87 -24.97
N GLN C 159 39.49 41.93 -25.81
CA GLN C 159 39.93 42.30 -27.15
C GLN C 159 38.80 42.85 -28.00
N GLY C 160 37.55 42.60 -27.62
CA GLY C 160 36.41 43.07 -28.38
C GLY C 160 35.74 41.97 -29.17
N ALA C 161 34.63 41.47 -28.65
CA ALA C 161 33.83 40.45 -29.31
C ALA C 161 32.37 40.88 -29.31
N ASP C 162 31.64 40.42 -30.32
CA ASP C 162 30.22 40.75 -30.43
C ASP C 162 29.49 40.02 -29.30
N VAL C 163 29.24 40.73 -28.19
CA VAL C 163 28.59 40.10 -27.05
C VAL C 163 27.13 39.81 -27.37
N HIS C 164 26.48 40.64 -28.18
CA HIS C 164 25.10 40.40 -28.59
C HIS C 164 25.03 39.45 -29.78
N ALA C 165 25.69 38.30 -29.65
CA ALA C 165 25.61 37.27 -30.68
C ALA C 165 24.33 36.47 -30.50
N GLN C 166 23.80 35.99 -31.63
CA GLN C 166 22.48 35.37 -31.68
C GLN C 166 22.62 33.98 -32.30
N ALA C 167 22.67 32.95 -31.44
CA ALA C 167 22.78 31.56 -31.88
C ALA C 167 21.40 31.08 -32.37
N ARG C 168 21.00 31.61 -33.52
CA ARG C 168 19.65 31.42 -34.06
C ARG C 168 19.59 30.12 -34.88
N GLY C 169 20.02 29.03 -34.24
CA GLY C 169 20.21 27.78 -34.96
C GLY C 169 19.22 26.69 -34.60
N ARG C 170 19.11 25.67 -35.46
CA ARG C 170 18.21 24.56 -35.20
C ARG C 170 18.61 23.83 -33.92
N PHE C 171 19.90 23.59 -33.73
CA PHE C 171 20.36 22.89 -32.53
C PHE C 171 19.98 23.64 -31.27
N PHE C 172 19.81 24.96 -31.34
CA PHE C 172 19.66 25.80 -30.17
C PHE C 172 18.20 26.03 -29.78
N GLN C 173 17.26 25.45 -30.51
CA GLN C 173 15.85 25.56 -30.18
C GLN C 173 15.49 24.58 -29.07
N PRO C 174 14.36 24.78 -28.40
CA PRO C 174 13.97 23.87 -27.32
C PRO C 174 13.92 22.43 -27.79
N LYS C 175 13.98 21.51 -26.82
CA LYS C 175 13.94 20.09 -27.12
C LYS C 175 12.66 19.70 -27.86
N ASP C 176 11.60 20.49 -27.74
CA ASP C 176 10.37 20.19 -28.45
C ASP C 176 10.45 20.54 -29.93
N GLU C 177 11.27 21.52 -30.30
CA GLU C 177 11.35 22.01 -31.67
C GLU C 177 12.54 21.46 -32.44
N GLY C 178 13.21 20.44 -31.92
CA GLY C 178 14.31 19.80 -32.60
C GLY C 178 15.69 20.21 -32.12
N GLY C 179 15.80 21.35 -31.44
CA GLY C 179 17.08 21.75 -30.88
C GLY C 179 17.30 21.10 -29.53
N TYR C 180 18.56 20.81 -29.22
CA TYR C 180 18.87 20.04 -28.03
C TYR C 180 19.02 20.94 -26.80
N PHE C 181 19.34 22.21 -27.00
CA PHE C 181 19.61 23.11 -25.88
C PHE C 181 19.15 24.52 -26.22
N TYR C 182 18.24 25.06 -25.42
CA TYR C 182 17.80 26.45 -25.51
C TYR C 182 18.28 27.19 -24.27
N PHE C 183 18.92 28.34 -24.48
CA PHE C 183 19.53 29.09 -23.38
C PHE C 183 19.29 30.59 -23.50
N GLY C 184 18.32 31.02 -24.30
CA GLY C 184 18.06 32.43 -24.52
C GLY C 184 18.67 32.98 -25.80
N GLU C 185 19.55 32.23 -26.45
CA GLU C 185 20.18 32.65 -27.70
C GLU C 185 21.00 33.94 -27.50
N LEU C 186 21.72 34.01 -26.38
CA LEU C 186 22.61 35.13 -26.10
C LEU C 186 23.76 34.63 -25.23
N PRO C 187 24.98 35.13 -25.43
CA PRO C 187 26.07 34.74 -24.53
C PRO C 187 25.78 35.04 -23.07
N LEU C 188 25.13 36.17 -22.80
CA LEU C 188 24.75 36.50 -21.42
C LEU C 188 23.76 35.47 -20.89
N SER C 189 22.76 35.12 -21.70
CA SER C 189 21.83 34.07 -21.30
C SER C 189 22.50 32.70 -21.32
N LEU C 190 23.38 32.47 -22.30
CA LEU C 190 24.14 31.21 -22.32
C LEU C 190 25.02 31.10 -21.08
N ALA C 191 25.68 32.19 -20.70
CA ALA C 191 26.42 32.20 -19.44
C ALA C 191 25.48 32.08 -18.25
N ALA C 192 24.21 32.44 -18.41
CA ALA C 192 23.27 32.37 -17.31
C ALA C 192 22.71 30.96 -17.16
N CYS C 193 22.17 30.40 -18.23
CA CYS C 193 21.54 29.08 -18.15
C CYS C 193 22.54 28.02 -17.70
N THR C 194 23.76 28.06 -18.23
CA THR C 194 24.75 27.01 -17.98
C THR C 194 25.32 27.05 -16.57
N ASN C 195 24.79 27.88 -15.67
CA ASN C 195 25.25 27.92 -14.28
C ASN C 195 26.69 28.45 -14.20
N GLN C 196 26.95 29.56 -14.88
CA GLN C 196 28.27 30.19 -14.91
C GLN C 196 28.19 31.54 -14.22
N PRO C 197 28.19 31.59 -12.88
CA PRO C 197 27.99 32.87 -12.19
C PRO C 197 29.10 33.88 -12.43
N HIS C 198 30.36 33.43 -12.42
CA HIS C 198 31.47 34.36 -12.56
C HIS C 198 31.46 35.05 -13.92
N ILE C 199 31.18 34.30 -14.98
CA ILE C 199 31.21 34.88 -16.32
C ILE C 199 30.05 35.84 -16.54
N VAL C 200 28.85 35.51 -16.03
CA VAL C 200 27.74 36.45 -16.15
C VAL C 200 28.03 37.72 -15.37
N ASN C 201 28.68 37.59 -14.21
CA ASN C 201 29.13 38.77 -13.47
C ASN C 201 30.08 39.60 -14.31
N TYR C 202 31.12 38.98 -14.85
CA TYR C 202 32.07 39.71 -15.67
C TYR C 202 31.43 40.21 -16.95
N LEU C 203 30.71 39.35 -17.65
CA LEU C 203 30.18 39.69 -18.97
C LEU C 203 29.24 40.89 -18.91
N THR C 204 28.69 41.19 -17.72
CA THR C 204 27.88 42.39 -17.53
C THR C 204 28.60 43.47 -16.74
N GLU C 205 29.66 43.12 -16.00
CA GLU C 205 30.45 44.10 -15.27
C GLU C 205 31.78 44.40 -15.94
N ASN C 206 32.07 43.80 -17.09
CA ASN C 206 33.36 44.04 -17.73
C ASN C 206 33.45 45.49 -18.18
N PRO C 207 34.60 46.16 -18.00
CA PRO C 207 34.71 47.56 -18.44
C PRO C 207 34.47 47.74 -19.93
N HIS C 208 34.74 46.72 -20.73
CA HIS C 208 34.55 46.80 -22.18
C HIS C 208 33.08 46.60 -22.51
N LYS C 209 32.77 46.37 -23.79
CA LYS C 209 31.39 46.18 -24.20
C LYS C 209 30.73 45.09 -23.36
N LYS C 210 29.49 45.35 -22.96
CA LYS C 210 28.71 44.45 -22.13
C LYS C 210 27.30 44.33 -22.70
N ALA C 211 26.62 43.24 -22.34
CA ALA C 211 25.27 42.98 -22.81
C ALA C 211 24.26 43.34 -21.74
N ASP C 212 23.23 44.10 -22.13
CA ASP C 212 22.15 44.44 -21.23
C ASP C 212 21.26 43.22 -21.02
N MET C 213 20.92 42.94 -19.76
CA MET C 213 20.12 41.76 -19.45
C MET C 213 18.75 41.81 -20.11
N ARG C 214 18.27 43.01 -20.48
CA ARG C 214 16.97 43.13 -21.12
C ARG C 214 16.98 42.74 -22.59
N ARG C 215 18.17 42.54 -23.19
CA ARG C 215 18.27 42.25 -24.61
C ARG C 215 17.44 41.02 -24.97
N GLN C 216 16.46 41.18 -25.86
CA GLN C 216 15.57 40.09 -26.20
C GLN C 216 16.16 39.20 -27.29
N ASP C 217 15.44 38.12 -27.60
CA ASP C 217 15.86 37.16 -28.61
C ASP C 217 14.73 36.89 -29.60
N SER C 218 14.88 35.84 -30.43
CA SER C 218 13.86 35.53 -31.41
C SER C 218 12.47 35.46 -30.78
N ARG C 219 12.36 34.77 -29.65
CA ARG C 219 11.11 34.67 -28.90
C ARG C 219 10.98 35.71 -27.80
N GLY C 220 11.91 36.68 -27.74
CA GLY C 220 11.81 37.72 -26.74
C GLY C 220 12.00 37.26 -25.32
N ASN C 221 12.68 36.12 -25.13
CA ASN C 221 12.77 35.53 -23.79
C ASN C 221 13.58 36.41 -22.85
N THR C 222 14.73 36.91 -23.30
CA THR C 222 15.68 37.54 -22.39
C THR C 222 16.18 36.49 -21.41
N VAL C 223 17.18 36.85 -20.60
CA VAL C 223 17.83 35.87 -19.74
C VAL C 223 16.82 35.25 -18.77
N LEU C 224 15.89 36.06 -18.26
CA LEU C 224 15.00 35.57 -17.21
C LEU C 224 14.07 34.48 -17.75
N HIS C 225 13.40 34.74 -18.87
CA HIS C 225 12.51 33.72 -19.44
C HIS C 225 13.33 32.51 -19.87
N ALA C 226 14.47 32.73 -20.52
CA ALA C 226 15.33 31.63 -20.92
C ALA C 226 15.83 30.86 -19.71
N LEU C 227 16.22 31.58 -18.65
CA LEU C 227 16.67 30.91 -17.43
C LEU C 227 15.56 30.03 -16.86
N VAL C 228 14.30 30.33 -17.20
CA VAL C 228 13.20 29.47 -16.82
C VAL C 228 12.97 28.39 -17.87
N ALA C 229 13.47 28.58 -19.09
CA ALA C 229 13.30 27.58 -20.13
C ALA C 229 14.14 26.35 -19.88
N ILE C 230 15.25 26.50 -19.14
CA ILE C 230 16.07 25.34 -18.77
C ILE C 230 15.75 24.84 -17.38
N ALA C 231 14.91 25.54 -16.62
CA ALA C 231 14.57 25.11 -15.28
C ALA C 231 13.95 23.72 -15.31
N ASP C 232 14.26 22.92 -14.30
CA ASP C 232 13.73 21.57 -14.18
C ASP C 232 13.26 21.34 -12.76
N ASN C 233 12.32 20.42 -12.61
CA ASN C 233 11.79 20.10 -11.28
C ASN C 233 12.83 19.44 -10.39
N THR C 234 13.96 19.00 -10.94
CA THR C 234 15.00 18.42 -10.13
C THR C 234 15.52 19.42 -9.11
N ARG C 235 15.84 18.94 -7.91
CA ARG C 235 16.24 19.83 -6.82
C ARG C 235 17.49 20.63 -7.20
N GLU C 236 18.50 19.96 -7.72
CA GLU C 236 19.76 20.65 -8.02
C GLU C 236 19.58 21.68 -9.13
N ASN C 237 18.80 21.35 -10.17
CA ASN C 237 18.60 22.29 -11.26
C ASN C 237 17.91 23.55 -10.79
N THR C 238 16.86 23.39 -9.97
CA THR C 238 16.15 24.56 -9.45
C THR C 238 17.01 25.35 -8.49
N LYS C 239 18.02 24.71 -7.90
CA LYS C 239 18.83 25.38 -6.88
C LYS C 239 19.63 26.52 -7.49
N PHE C 240 20.33 26.27 -8.60
CA PHE C 240 21.13 27.35 -9.18
C PHE C 240 20.28 28.27 -10.03
N VAL C 241 19.21 27.75 -10.64
CA VAL C 241 18.33 28.58 -11.45
C VAL C 241 17.71 29.68 -10.58
N THR C 242 17.12 29.29 -9.46
CA THR C 242 16.57 30.29 -8.55
C THR C 242 17.66 31.16 -7.95
N LYS C 243 18.81 30.57 -7.61
CA LYS C 243 19.93 31.36 -7.13
C LYS C 243 20.33 32.43 -8.14
N MET C 244 20.73 32.00 -9.35
CA MET C 244 21.19 32.96 -10.35
C MET C 244 20.06 33.86 -10.83
N TYR C 245 18.83 33.35 -10.88
CA TYR C 245 17.70 34.20 -11.27
C TYR C 245 17.60 35.41 -10.33
N ASP C 246 17.71 35.17 -9.04
CA ASP C 246 17.75 36.28 -8.08
C ASP C 246 18.95 37.18 -8.35
N LEU C 247 20.11 36.57 -8.64
CA LEU C 247 21.30 37.36 -8.92
C LEU C 247 21.06 38.35 -10.05
N LEU C 248 20.36 37.91 -11.09
CA LEU C 248 20.13 38.79 -12.24
C LEU C 248 19.22 39.96 -11.89
N LEU C 249 18.10 39.68 -11.22
CA LEU C 249 17.16 40.75 -10.89
C LEU C 249 17.83 41.81 -10.02
N LEU C 250 18.52 41.38 -8.97
CA LEU C 250 19.26 42.34 -8.14
C LEU C 250 20.22 43.16 -8.99
N LYS C 251 20.95 42.50 -9.90
CA LYS C 251 21.88 43.22 -10.76
C LYS C 251 21.14 44.18 -11.69
N CYS C 252 20.09 43.68 -12.36
CA CYS C 252 19.36 44.52 -13.30
C CYS C 252 18.71 45.70 -12.60
N SER C 253 18.11 45.46 -11.42
CA SER C 253 17.44 46.53 -10.70
C SER C 253 18.39 47.67 -10.37
N ARG C 254 19.58 47.35 -9.86
CA ARG C 254 20.53 48.38 -9.48
C ARG C 254 20.91 49.24 -10.69
N LEU C 255 21.21 48.60 -11.81
CA LEU C 255 21.57 49.36 -13.01
C LEU C 255 20.38 50.17 -13.52
N PHE C 256 19.20 49.55 -13.57
CA PHE C 256 18.00 50.15 -14.15
C PHE C 256 16.88 50.09 -13.11
N PRO C 257 16.85 51.03 -12.16
CA PRO C 257 15.80 51.00 -11.13
C PRO C 257 14.42 51.32 -11.67
N ASP C 258 14.30 51.82 -12.89
CA ASP C 258 12.99 52.24 -13.40
C ASP C 258 12.00 51.08 -13.45
N SER C 259 12.45 49.92 -13.92
CA SER C 259 11.57 48.77 -14.07
C SER C 259 12.34 47.49 -13.78
N ASN C 260 11.68 46.54 -13.13
CA ASN C 260 12.27 45.23 -12.91
C ASN C 260 12.31 44.45 -14.22
N LEU C 261 13.25 43.52 -14.29
CA LEU C 261 13.50 42.83 -15.55
C LEU C 261 12.34 41.94 -15.96
N GLU C 262 11.55 41.46 -15.00
CA GLU C 262 10.43 40.59 -15.34
C GLU C 262 9.36 41.30 -16.15
N THR C 263 9.40 42.63 -16.22
CA THR C 263 8.38 43.37 -16.97
C THR C 263 8.43 43.01 -18.45
N VAL C 264 9.63 42.88 -19.02
CA VAL C 264 9.75 42.58 -20.43
C VAL C 264 9.06 41.26 -20.73
N LEU C 265 8.22 41.25 -21.76
CA LEU C 265 7.39 40.11 -22.11
C LEU C 265 7.91 39.44 -23.36
N ASN C 266 7.90 38.11 -23.37
CA ASN C 266 8.25 37.36 -24.56
C ASN C 266 7.18 37.52 -25.63
N ASN C 267 7.50 37.09 -26.85
CA ASN C 267 6.56 37.20 -27.95
C ASN C 267 5.20 36.62 -27.57
N ASP C 268 5.20 35.48 -26.90
CA ASP C 268 3.94 34.92 -26.39
C ASP C 268 3.30 35.87 -25.38
N GLY C 269 4.11 36.64 -24.66
CA GLY C 269 3.59 37.61 -23.72
C GLY C 269 3.30 37.03 -22.35
N LEU C 270 4.30 36.44 -21.71
CA LEU C 270 4.11 35.74 -20.45
C LEU C 270 4.85 36.40 -19.29
N SER C 271 6.17 36.57 -19.42
CA SER C 271 7.04 36.97 -18.30
C SER C 271 7.42 35.73 -17.51
N PRO C 272 8.50 35.78 -16.73
CA PRO C 272 9.00 34.55 -16.08
C PRO C 272 7.95 33.80 -15.28
N LEU C 273 7.29 34.48 -14.33
CA LEU C 273 6.37 33.79 -13.45
C LEU C 273 5.27 33.07 -14.25
N MET C 274 4.68 33.76 -15.22
CA MET C 274 3.71 33.11 -16.09
C MET C 274 4.33 31.99 -16.91
N MET C 275 5.53 32.22 -17.46
CA MET C 275 6.18 31.17 -18.23
C MET C 275 6.47 29.95 -17.36
N ALA C 276 6.97 30.17 -16.15
CA ALA C 276 7.11 29.05 -15.21
C ALA C 276 5.74 28.46 -14.90
N ALA C 277 4.69 29.28 -14.91
CA ALA C 277 3.35 28.77 -14.68
C ALA C 277 2.84 28.00 -15.88
N LYS C 278 3.07 28.52 -17.09
CA LYS C 278 2.57 27.86 -18.30
C LYS C 278 3.34 26.58 -18.59
N THR C 279 4.64 26.54 -18.28
CA THR C 279 5.45 25.37 -18.57
C THR C 279 5.51 24.39 -17.38
N GLY C 280 4.84 24.70 -16.28
CA GLY C 280 4.77 23.80 -15.16
C GLY C 280 6.11 23.56 -14.48
N LYS C 281 6.84 24.64 -14.21
CA LYS C 281 8.11 24.58 -13.49
C LYS C 281 7.84 24.91 -12.03
N ILE C 282 7.45 23.88 -11.26
CA ILE C 282 7.07 24.10 -9.87
C ILE C 282 8.25 24.64 -9.08
N GLY C 283 9.44 24.09 -9.29
CA GLY C 283 10.61 24.49 -8.52
C GLY C 283 10.82 25.99 -8.52
N VAL C 284 11.03 26.57 -9.71
CA VAL C 284 11.19 28.01 -9.81
C VAL C 284 9.93 28.72 -9.34
N PHE C 285 8.77 28.30 -9.87
CA PHE C 285 7.53 29.02 -9.62
C PHE C 285 7.29 29.21 -8.13
N GLN C 286 7.37 28.13 -7.34
CA GLN C 286 7.07 28.23 -5.92
C GLN C 286 8.00 29.20 -5.20
N HIS C 287 9.14 29.54 -5.79
CA HIS C 287 10.03 30.53 -5.19
C HIS C 287 9.70 31.93 -5.66
N ILE C 288 9.26 32.09 -6.91
CA ILE C 288 9.04 33.43 -7.45
C ILE C 288 7.99 34.17 -6.63
N ILE C 289 6.90 33.48 -6.30
CA ILE C 289 5.84 34.10 -5.50
C ILE C 289 6.37 34.52 -4.14
N ARG C 290 7.32 33.77 -3.58
CA ARG C 290 7.88 34.04 -2.26
C ARG C 290 9.20 34.79 -2.34
N ARG C 291 9.32 35.69 -3.32
CA ARG C 291 10.55 36.46 -3.52
C ARG C 291 10.55 37.67 -2.60
N GLU C 292 11.38 37.62 -1.56
CA GLU C 292 11.55 38.74 -0.63
C GLU C 292 13.00 39.19 -0.68
N VAL C 293 13.22 40.48 -0.85
CA VAL C 293 14.56 41.05 -0.96
C VAL C 293 14.78 41.97 0.23
N THR C 294 15.85 41.70 0.99
CA THR C 294 16.09 42.48 2.21
C THR C 294 16.61 43.88 1.88
N ASP C 295 17.51 44.00 0.90
CA ASP C 295 18.08 45.30 0.57
C ASP C 295 16.98 46.29 0.23
N GLU C 296 17.01 47.46 0.88
CA GLU C 296 15.94 48.43 0.71
C GLU C 296 15.88 48.96 -0.72
N ASP C 297 17.04 49.27 -1.30
CA ASP C 297 17.05 49.78 -2.67
C ASP C 297 16.44 48.78 -3.64
N THR C 298 16.61 47.49 -3.37
CA THR C 298 16.07 46.42 -4.19
C THR C 298 14.96 45.65 -3.49
N ARG C 299 14.41 46.18 -2.39
CA ARG C 299 13.32 45.52 -1.70
C ARG C 299 12.02 45.58 -2.49
N HIS C 300 11.81 46.65 -3.26
CA HIS C 300 10.53 46.85 -3.93
C HIS C 300 10.17 45.68 -4.82
N LEU C 301 11.16 45.02 -5.43
CA LEU C 301 10.90 43.91 -6.35
C LEU C 301 10.77 42.59 -5.57
N SER C 302 9.87 42.61 -4.58
CA SER C 302 9.57 41.45 -3.77
C SER C 302 8.09 41.11 -3.91
N ARG C 303 7.72 39.93 -3.40
CA ARG C 303 6.35 39.45 -3.49
C ARG C 303 5.80 38.88 -2.18
N LYS C 304 6.65 38.60 -1.19
CA LYS C 304 6.21 38.13 0.11
C LYS C 304 6.74 39.08 1.17
N PHE C 305 5.92 40.05 1.56
CA PHE C 305 6.26 41.01 2.59
C PHE C 305 6.03 40.39 3.97
N LYS C 306 6.18 41.22 5.00
CA LYS C 306 5.98 40.81 6.39
C LYS C 306 5.27 41.98 7.08
N ASP C 307 3.95 41.92 7.13
CA ASP C 307 3.17 43.06 7.63
C ASP C 307 3.37 43.24 9.13
N TRP C 308 2.99 42.23 9.92
CA TRP C 308 3.14 42.33 11.37
C TRP C 308 3.13 40.93 11.95
N ALA C 309 3.54 40.84 13.21
CA ALA C 309 3.49 39.59 13.96
C ALA C 309 3.07 39.90 15.39
N TYR C 310 2.18 39.08 15.93
CA TYR C 310 1.70 39.21 17.31
C TYR C 310 2.17 37.96 18.06
N GLY C 311 3.41 38.00 18.53
CA GLY C 311 4.00 36.86 19.19
C GLY C 311 4.29 35.73 18.22
N PRO C 312 3.58 34.60 18.34
CA PRO C 312 3.86 33.45 17.47
C PRO C 312 3.03 33.37 16.21
N VAL C 313 2.26 34.41 15.86
CA VAL C 313 1.44 34.42 14.67
C VAL C 313 2.01 35.45 13.70
N TYR C 314 2.25 35.02 12.46
CA TYR C 314 2.84 35.86 11.42
C TYR C 314 1.81 36.07 10.31
N SER C 315 1.77 37.29 9.78
CA SER C 315 0.84 37.66 8.72
C SER C 315 1.66 38.19 7.54
N SER C 316 2.08 37.28 6.68
CA SER C 316 2.82 37.68 5.48
C SER C 316 1.87 38.25 4.45
N LEU C 317 2.21 39.42 3.90
CA LEU C 317 1.36 40.12 2.94
C LEU C 317 1.88 39.82 1.54
N TYR C 318 1.39 38.73 0.95
CA TYR C 318 1.80 38.35 -0.39
C TYR C 318 1.32 39.37 -1.41
N ASP C 319 2.17 39.68 -2.38
CA ASP C 319 1.76 40.47 -3.53
C ASP C 319 1.31 39.54 -4.64
N LEU C 320 0.19 39.88 -5.28
CA LEU C 320 -0.34 39.10 -6.38
C LEU C 320 -0.76 40.02 -7.53
N SER C 321 0.11 40.97 -7.86
CA SER C 321 -0.20 41.91 -8.94
C SER C 321 -0.36 41.19 -10.27
N SER C 322 0.08 39.93 -10.36
CA SER C 322 -0.03 39.16 -11.59
C SER C 322 -1.03 38.02 -11.49
N LEU C 323 -1.30 37.52 -10.27
CA LEU C 323 -2.17 36.35 -10.15
C LEU C 323 -3.62 36.69 -10.49
N ASP C 324 -4.02 37.95 -10.31
CA ASP C 324 -5.38 38.39 -10.59
C ASP C 324 -5.33 39.77 -11.21
N THR C 325 -5.63 39.85 -12.51
CA THR C 325 -5.71 41.12 -13.22
C THR C 325 -7.14 41.61 -13.37
N CYS C 326 -8.10 40.96 -12.71
CA CYS C 326 -9.51 41.31 -12.84
C CYS C 326 -9.95 41.26 -14.31
N GLY C 327 -9.29 40.42 -15.10
CA GLY C 327 -9.57 40.30 -16.50
C GLY C 327 -8.93 41.35 -17.37
N GLU C 328 -8.20 42.31 -16.79
CA GLU C 328 -7.52 43.32 -17.59
C GLU C 328 -6.39 42.71 -18.42
N GLU C 329 -5.70 41.72 -17.87
CA GLU C 329 -4.61 41.06 -18.57
C GLU C 329 -4.58 39.60 -18.12
N VAL C 330 -3.92 38.76 -18.92
CA VAL C 330 -3.80 37.35 -18.57
C VAL C 330 -3.18 37.24 -17.19
N SER C 331 -3.61 36.22 -16.44
CA SER C 331 -3.22 36.05 -15.05
C SER C 331 -2.69 34.65 -14.82
N VAL C 332 -1.79 34.52 -13.84
CA VAL C 332 -1.19 33.23 -13.55
C VAL C 332 -2.26 32.22 -13.18
N LEU C 333 -3.24 32.63 -12.37
CA LEU C 333 -4.26 31.70 -11.92
C LEU C 333 -5.07 31.15 -13.09
N GLU C 334 -5.45 32.01 -14.03
CA GLU C 334 -6.17 31.54 -15.20
C GLU C 334 -5.31 30.59 -16.03
N ILE C 335 -4.04 30.95 -16.22
CA ILE C 335 -3.13 30.11 -17.01
C ILE C 335 -2.92 28.77 -16.31
N LEU C 336 -3.02 28.75 -14.99
CA LEU C 336 -2.64 27.55 -14.23
C LEU C 336 -3.76 26.52 -14.21
N VAL C 337 -5.01 26.93 -14.39
CA VAL C 337 -6.15 26.02 -14.30
C VAL C 337 -6.80 25.81 -15.66
N TYR C 338 -6.82 26.83 -16.51
CA TYR C 338 -7.46 26.75 -17.83
C TYR C 338 -6.46 26.35 -18.91
N ASN C 339 -5.43 25.60 -18.55
CA ASN C 339 -4.43 25.13 -19.50
C ASN C 339 -4.15 23.66 -19.23
N SER C 340 -4.13 22.86 -20.30
CA SER C 340 -3.96 21.41 -20.16
C SER C 340 -2.50 20.97 -20.22
N LYS C 341 -1.65 21.73 -20.92
CA LYS C 341 -0.25 21.35 -21.04
C LYS C 341 0.49 21.40 -19.72
N ILE C 342 -0.09 22.04 -18.69
CA ILE C 342 0.57 22.11 -17.39
C ILE C 342 0.80 20.70 -16.88
N GLU C 343 1.97 20.47 -16.27
CA GLU C 343 2.33 19.13 -15.82
C GLU C 343 2.12 18.94 -14.33
N ASN C 344 2.26 20.00 -13.53
CA ASN C 344 2.26 19.91 -12.07
C ASN C 344 1.10 20.72 -11.46
N ARG C 345 -0.04 20.74 -12.14
CA ARG C 345 -1.14 21.60 -11.70
C ARG C 345 -1.46 21.39 -10.22
N HIS C 346 -1.57 20.12 -9.80
CA HIS C 346 -2.08 19.83 -8.46
C HIS C 346 -1.18 20.46 -7.39
N GLU C 347 0.13 20.35 -7.54
CA GLU C 347 1.03 20.92 -6.54
C GLU C 347 1.26 22.41 -6.77
N MET C 348 1.15 22.89 -8.01
CA MET C 348 1.28 24.32 -8.26
C MET C 348 0.17 25.12 -7.57
N LEU C 349 -1.06 24.60 -7.60
CA LEU C 349 -2.15 25.27 -6.88
C LEU C 349 -1.86 25.34 -5.39
N ALA C 350 -1.09 24.39 -4.86
CA ALA C 350 -0.86 24.33 -3.42
C ALA C 350 -0.06 25.53 -2.91
N VAL C 351 0.58 26.29 -3.79
CA VAL C 351 1.41 27.42 -3.37
C VAL C 351 0.57 28.37 -2.53
N GLU C 352 1.22 29.08 -1.60
CA GLU C 352 0.54 29.75 -0.49
C GLU C 352 -0.54 30.73 -0.96
N PRO C 353 -0.19 31.83 -1.64
CA PRO C 353 -1.22 32.81 -2.02
C PRO C 353 -2.08 32.38 -3.19
N ILE C 354 -1.99 31.14 -3.66
CA ILE C 354 -2.88 30.61 -4.68
C ILE C 354 -4.02 29.82 -4.05
N ASN C 355 -3.67 28.83 -3.22
CA ASN C 355 -4.70 28.05 -2.54
C ASN C 355 -5.59 28.93 -1.69
N GLU C 356 -4.98 29.83 -0.91
CA GLU C 356 -5.77 30.75 -0.09
C GLU C 356 -6.57 31.72 -0.96
N LEU C 357 -5.98 32.18 -2.06
CA LEU C 357 -6.67 33.12 -2.94
C LEU C 357 -7.97 32.52 -3.46
N LEU C 358 -7.93 31.27 -3.93
CA LEU C 358 -9.15 30.63 -4.42
C LEU C 358 -10.17 30.48 -3.29
N ARG C 359 -9.71 30.06 -2.11
CA ARG C 359 -10.62 29.93 -0.99
C ARG C 359 -11.25 31.25 -0.62
N ASP C 360 -10.48 32.35 -0.70
CA ASP C 360 -11.03 33.66 -0.41
C ASP C 360 -12.19 33.99 -1.34
N LYS C 361 -12.02 33.71 -2.63
CA LYS C 361 -13.12 33.93 -3.57
C LYS C 361 -14.31 33.04 -3.23
N TRP C 362 -14.06 31.85 -2.69
CA TRP C 362 -15.14 30.95 -2.30
C TRP C 362 -16.00 31.57 -1.21
N ARG C 363 -15.37 32.15 -0.19
CA ARG C 363 -16.11 32.71 0.94
C ARG C 363 -17.07 33.79 0.47
N LYS C 364 -16.56 34.77 -0.28
CA LYS C 364 -17.37 35.88 -0.77
C LYS C 364 -17.46 35.80 -2.28
N PHE C 365 -18.69 35.79 -2.79
CA PHE C 365 -18.99 35.95 -4.20
C PHE C 365 -18.58 34.75 -5.05
N GLY C 366 -18.14 33.67 -4.41
CA GLY C 366 -17.83 32.45 -5.13
C GLY C 366 -18.74 31.31 -4.71
N ALA C 367 -19.17 31.33 -3.44
CA ALA C 367 -20.07 30.32 -2.91
C ALA C 367 -21.54 30.69 -3.10
N VAL C 368 -21.92 31.93 -2.80
CA VAL C 368 -23.30 32.34 -2.97
C VAL C 368 -23.70 32.27 -4.44
N SER C 369 -22.84 32.77 -5.33
CA SER C 369 -23.15 32.72 -6.75
C SER C 369 -23.14 31.29 -7.26
N PHE C 370 -22.49 30.37 -6.54
CA PHE C 370 -22.57 28.96 -6.90
C PHE C 370 -23.93 28.39 -6.51
N TYR C 371 -24.40 28.71 -5.31
CA TYR C 371 -25.70 28.21 -4.87
C TYR C 371 -26.84 28.89 -5.60
N ILE C 372 -26.68 30.16 -5.96
CA ILE C 372 -27.67 30.82 -6.82
C ILE C 372 -27.73 30.12 -8.17
N ASN C 373 -26.62 29.51 -8.58
CA ASN C 373 -26.56 28.88 -9.90
C ASN C 373 -27.23 27.51 -9.88
N VAL C 374 -26.90 26.68 -8.90
CA VAL C 374 -27.53 25.36 -8.79
C VAL C 374 -29.04 25.49 -8.69
N VAL C 375 -29.51 26.33 -7.76
CA VAL C 375 -30.95 26.42 -7.51
C VAL C 375 -31.66 27.05 -8.71
N SER C 376 -31.13 28.17 -9.21
CA SER C 376 -31.76 28.83 -10.34
C SER C 376 -31.78 27.94 -11.56
N TYR C 377 -30.66 27.27 -11.85
CA TYR C 377 -30.61 26.39 -13.01
C TYR C 377 -31.49 25.17 -12.82
N LEU C 378 -31.44 24.54 -11.63
CA LEU C 378 -32.26 23.37 -11.38
C LEU C 378 -33.74 23.70 -11.57
N CYS C 379 -34.17 24.87 -11.08
CA CYS C 379 -35.56 25.27 -11.29
C CYS C 379 -35.86 25.48 -12.77
N ALA C 380 -34.86 25.93 -13.53
CA ALA C 380 -35.08 26.11 -14.97
C ALA C 380 -35.39 24.78 -15.65
N MET C 381 -34.63 23.72 -15.32
CA MET C 381 -34.91 22.42 -15.91
C MET C 381 -36.26 21.88 -15.43
N VAL C 382 -36.53 21.99 -14.12
CA VAL C 382 -37.80 21.54 -13.60
C VAL C 382 -38.95 22.22 -14.34
N ILE C 383 -38.79 23.51 -14.65
CA ILE C 383 -39.76 24.18 -15.50
C ILE C 383 -39.82 23.51 -16.87
N PHE C 384 -38.65 23.18 -17.44
CA PHE C 384 -38.62 22.50 -18.72
C PHE C 384 -39.27 21.13 -18.62
N THR C 385 -38.99 20.40 -17.55
CA THR C 385 -39.59 19.08 -17.37
C THR C 385 -41.11 19.18 -17.29
N LEU C 386 -41.62 20.05 -16.43
CA LEU C 386 -43.07 20.21 -16.31
C LEU C 386 -43.66 20.77 -17.60
N THR C 387 -43.00 21.75 -18.20
CA THR C 387 -43.52 22.33 -19.45
C THR C 387 -43.63 21.28 -20.54
N ALA C 388 -42.61 20.44 -20.68
CA ALA C 388 -42.67 19.36 -21.67
C ALA C 388 -43.80 18.39 -21.34
N TYR C 389 -43.92 18.02 -20.07
CA TYR C 389 -44.93 17.03 -19.67
C TYR C 389 -46.33 17.52 -20.00
N TYR C 390 -46.68 18.72 -19.55
CA TYR C 390 -47.98 19.31 -19.81
C TYR C 390 -48.05 20.06 -21.13
N GLN C 391 -47.04 19.92 -21.97
CA GLN C 391 -47.05 20.59 -23.26
C GLN C 391 -48.40 20.32 -23.95
N PRO C 392 -48.98 21.32 -24.63
CA PRO C 392 -50.38 21.18 -25.09
C PRO C 392 -50.65 19.89 -25.85
N LEU C 393 -51.53 19.06 -25.28
CA LEU C 393 -51.95 17.83 -25.93
C LEU C 393 -53.03 18.14 -26.95
N GLU C 394 -53.74 17.11 -27.42
CA GLU C 394 -54.82 17.17 -28.40
C GLU C 394 -54.28 17.32 -29.82
N GLY C 395 -52.97 17.31 -30.01
CA GLY C 395 -52.41 17.38 -31.35
C GLY C 395 -52.50 18.77 -31.97
N THR C 396 -51.55 19.08 -32.84
CA THR C 396 -51.50 20.38 -33.51
C THR C 396 -51.57 21.50 -32.48
N PRO C 397 -50.54 21.68 -31.67
CA PRO C 397 -50.50 22.80 -30.72
C PRO C 397 -49.74 23.99 -31.27
N PRO C 398 -50.31 24.77 -32.20
CA PRO C 398 -49.60 25.97 -32.66
C PRO C 398 -49.51 27.02 -31.56
N TYR C 399 -50.65 27.35 -30.97
CA TYR C 399 -50.72 28.30 -29.86
C TYR C 399 -52.05 28.13 -29.13
N PRO C 400 -52.24 27.00 -28.43
CA PRO C 400 -53.55 26.72 -27.83
C PRO C 400 -53.78 27.41 -26.49
N TYR C 401 -52.99 28.43 -26.17
CA TYR C 401 -53.02 29.05 -24.85
C TYR C 401 -54.22 29.98 -24.75
N ARG C 402 -55.33 29.45 -24.26
CA ARG C 402 -56.54 30.22 -23.95
C ARG C 402 -57.11 29.79 -22.60
N THR C 403 -56.25 29.70 -21.58
CA THR C 403 -56.71 29.31 -20.25
C THR C 403 -55.70 29.82 -19.22
N THR C 404 -56.16 29.91 -17.97
CA THR C 404 -55.28 30.37 -16.90
C THR C 404 -54.08 29.43 -16.74
N VAL C 405 -54.33 28.12 -16.62
CA VAL C 405 -53.25 27.17 -16.56
C VAL C 405 -52.44 27.21 -17.86
N ASP C 406 -53.13 27.44 -18.98
CA ASP C 406 -52.43 27.57 -20.25
C ASP C 406 -51.41 28.70 -20.20
N TYR C 407 -51.77 29.83 -19.57
CA TYR C 407 -50.82 30.93 -19.43
C TYR C 407 -49.62 30.51 -18.61
N LEU C 408 -49.84 29.77 -17.53
CA LEU C 408 -48.73 29.28 -16.73
C LEU C 408 -47.81 28.40 -17.57
N ARG C 409 -48.39 27.51 -18.37
CA ARG C 409 -47.59 26.71 -19.29
C ARG C 409 -46.86 27.59 -20.31
N LEU C 410 -47.56 28.61 -20.81
CA LEU C 410 -46.92 29.54 -21.74
C LEU C 410 -45.71 30.21 -21.08
N ALA C 411 -45.84 30.59 -19.81
CA ALA C 411 -44.70 31.15 -19.10
C ALA C 411 -43.55 30.15 -19.01
N GLY C 412 -43.87 28.89 -18.73
CA GLY C 412 -42.82 27.88 -18.67
C GLY C 412 -42.08 27.73 -19.99
N GLU C 413 -42.82 27.70 -21.09
CA GLU C 413 -42.18 27.62 -22.41
C GLU C 413 -41.35 28.86 -22.68
N VAL C 414 -41.87 30.04 -22.31
CA VAL C 414 -41.13 31.28 -22.55
C VAL C 414 -39.83 31.30 -21.77
N ILE C 415 -39.89 30.92 -20.48
CA ILE C 415 -38.68 30.93 -19.65
C ILE C 415 -37.64 29.99 -20.22
N THR C 416 -38.05 28.77 -20.59
CA THR C 416 -37.10 27.83 -21.18
C THR C 416 -36.57 28.34 -22.51
N LEU C 417 -37.43 29.02 -23.28
CA LEU C 417 -36.96 29.62 -24.53
C LEU C 417 -35.95 30.73 -24.26
N PHE C 418 -36.21 31.54 -23.22
CA PHE C 418 -35.28 32.63 -22.90
C PHE C 418 -33.94 32.09 -22.43
N THR C 419 -33.96 31.15 -21.47
CA THR C 419 -32.71 30.58 -20.99
C THR C 419 -32.02 29.78 -22.10
N GLY C 420 -32.78 29.32 -23.08
CA GLY C 420 -32.17 28.62 -24.20
C GLY C 420 -31.31 29.52 -25.05
N VAL C 421 -31.76 30.76 -25.28
CA VAL C 421 -30.99 31.70 -26.10
C VAL C 421 -29.98 32.45 -25.24
N LEU C 422 -30.34 32.76 -24.00
CA LEU C 422 -29.36 33.35 -23.08
C LEU C 422 -28.13 32.48 -22.99
N PHE C 423 -28.32 31.16 -22.92
CA PHE C 423 -27.19 30.23 -22.94
C PHE C 423 -26.39 30.39 -24.23
N PHE C 424 -27.08 30.67 -25.34
CA PHE C 424 -26.40 30.78 -26.63
C PHE C 424 -25.36 31.89 -26.61
N PHE C 425 -25.71 33.06 -26.05
CA PHE C 425 -24.78 34.18 -26.05
C PHE C 425 -23.54 33.87 -25.23
N THR C 426 -23.71 33.29 -24.04
CA THR C 426 -22.58 32.96 -23.19
C THR C 426 -21.74 31.82 -23.73
N SER C 427 -22.27 31.03 -24.67
CA SER C 427 -21.50 29.96 -25.28
C SER C 427 -20.65 30.50 -26.43
N ILE C 428 -21.23 31.35 -27.27
CA ILE C 428 -20.48 31.95 -28.36
C ILE C 428 -19.48 32.98 -27.82
N LYS C 429 -19.83 33.65 -26.72
CA LYS C 429 -18.95 34.67 -26.17
C LYS C 429 -17.56 34.11 -25.90
N ASP C 430 -17.49 32.90 -25.34
CA ASP C 430 -16.21 32.26 -25.06
C ASP C 430 -15.53 31.86 -26.36
N PHE C 448 -16.05 21.90 -22.18
CA PHE C 448 -17.16 21.65 -21.27
C PHE C 448 -18.43 22.35 -21.78
N GLN C 449 -18.24 23.39 -22.57
CA GLN C 449 -19.37 24.10 -23.16
C GLN C 449 -20.01 23.33 -24.32
N LEU C 450 -19.41 22.21 -24.73
CA LEU C 450 -19.96 21.45 -25.85
C LEU C 450 -21.41 21.04 -25.58
N LEU C 451 -21.63 20.23 -24.54
CA LEU C 451 -22.99 19.89 -24.15
C LEU C 451 -23.83 21.15 -23.97
N TYR C 452 -23.22 22.18 -23.38
CA TYR C 452 -23.91 23.44 -23.19
C TYR C 452 -24.31 24.08 -24.52
N PHE C 453 -23.39 24.07 -25.49
CA PHE C 453 -23.70 24.64 -26.79
C PHE C 453 -24.81 23.87 -27.48
N ILE C 454 -24.78 22.54 -27.39
CA ILE C 454 -25.81 21.73 -28.02
C ILE C 454 -27.18 22.04 -27.42
N TYR C 455 -27.23 22.24 -26.09
CA TYR C 455 -28.48 22.64 -25.46
C TYR C 455 -29.04 23.90 -26.08
N SER C 456 -28.19 24.93 -26.22
CA SER C 456 -28.68 26.24 -26.64
C SER C 456 -29.32 26.17 -28.03
N VAL C 457 -28.66 25.49 -28.97
CA VAL C 457 -29.19 25.43 -30.32
C VAL C 457 -30.44 24.57 -30.36
N LEU C 458 -30.46 23.46 -29.62
CA LEU C 458 -31.61 22.56 -29.66
C LEU C 458 -32.86 23.23 -29.12
N VAL C 459 -32.77 23.84 -27.94
CA VAL C 459 -33.93 24.53 -27.38
C VAL C 459 -34.36 25.65 -28.32
N VAL C 460 -33.39 26.34 -28.95
CA VAL C 460 -33.72 27.32 -29.98
C VAL C 460 -34.41 26.63 -31.15
N VAL C 461 -33.92 25.46 -31.55
CA VAL C 461 -34.54 24.73 -32.64
C VAL C 461 -35.98 24.35 -32.28
N SER C 462 -36.19 23.89 -31.04
CA SER C 462 -37.53 23.48 -30.63
C SER C 462 -38.53 24.62 -30.77
N ALA C 463 -38.28 25.73 -30.07
CA ALA C 463 -39.21 26.86 -30.13
C ALA C 463 -39.40 27.35 -31.56
N ALA C 464 -38.34 27.27 -32.38
CA ALA C 464 -38.45 27.70 -33.77
C ALA C 464 -39.51 26.88 -34.51
N LEU C 465 -39.43 25.56 -34.41
CA LEU C 465 -40.44 24.71 -35.06
C LEU C 465 -41.81 24.92 -34.43
N TYR C 466 -41.87 25.05 -33.10
CA TYR C 466 -43.15 25.27 -32.44
C TYR C 466 -43.80 26.56 -32.90
N LEU C 467 -43.02 27.64 -33.00
CA LEU C 467 -43.57 28.93 -33.42
C LEU C 467 -44.21 28.83 -34.80
N ALA C 468 -43.71 27.95 -35.66
CA ALA C 468 -44.30 27.72 -36.96
C ALA C 468 -45.55 26.84 -36.90
N GLY C 469 -45.88 26.31 -35.72
CA GLY C 469 -47.04 25.44 -35.60
C GLY C 469 -46.94 24.18 -36.42
N ILE C 470 -45.74 23.60 -36.51
CA ILE C 470 -45.51 22.39 -37.28
C ILE C 470 -45.42 21.22 -36.31
N GLU C 471 -46.24 20.19 -36.55
CA GLU C 471 -46.38 19.09 -35.61
C GLU C 471 -45.26 18.06 -35.80
N ALA C 472 -45.14 17.18 -34.81
CA ALA C 472 -44.19 16.07 -34.86
C ALA C 472 -42.75 16.55 -34.79
N TYR C 473 -42.51 17.65 -34.09
CA TYR C 473 -41.16 18.15 -33.81
C TYR C 473 -41.02 18.58 -32.36
N LEU C 474 -41.59 17.78 -31.45
CA LEU C 474 -41.22 17.82 -30.05
C LEU C 474 -40.03 16.94 -29.75
N ALA C 475 -39.51 16.23 -30.75
CA ALA C 475 -38.36 15.35 -30.54
C ALA C 475 -37.17 16.10 -29.99
N VAL C 476 -36.78 17.20 -30.65
CA VAL C 476 -35.61 17.95 -30.22
C VAL C 476 -35.84 18.52 -28.83
N MET C 477 -37.06 19.00 -28.56
CA MET C 477 -37.36 19.60 -27.26
C MET C 477 -37.08 18.60 -26.14
N VAL C 478 -37.56 17.37 -26.28
CA VAL C 478 -37.33 16.36 -25.25
C VAL C 478 -35.85 15.99 -25.18
N PHE C 479 -35.23 15.78 -26.34
CA PHE C 479 -33.81 15.45 -26.35
C PHE C 479 -32.95 16.59 -25.80
N ALA C 480 -33.45 17.83 -25.86
CA ALA C 480 -32.79 18.91 -25.15
C ALA C 480 -32.89 18.70 -23.64
N LEU C 481 -34.03 18.21 -23.17
CA LEU C 481 -34.23 18.02 -21.74
C LEU C 481 -33.20 17.05 -21.16
N VAL C 482 -33.07 15.88 -21.78
CA VAL C 482 -32.09 14.91 -21.29
C VAL C 482 -30.69 15.50 -21.30
N LEU C 483 -30.36 16.23 -22.37
CA LEU C 483 -29.08 16.95 -22.39
C LEU C 483 -29.03 18.00 -21.28
N GLY C 484 -30.14 18.69 -21.04
CA GLY C 484 -30.19 19.69 -20.00
C GLY C 484 -29.83 19.12 -18.64
N TRP C 485 -30.38 17.95 -18.32
CA TRP C 485 -30.01 17.29 -17.07
C TRP C 485 -28.61 16.68 -17.15
N MET C 486 -28.20 16.21 -18.33
CA MET C 486 -26.81 15.84 -18.52
C MET C 486 -25.90 17.04 -18.32
N ASN C 487 -26.28 18.18 -18.88
CA ASN C 487 -25.58 19.43 -18.58
C ASN C 487 -25.56 19.70 -17.09
N ALA C 488 -26.62 19.31 -16.38
CA ALA C 488 -26.72 19.62 -14.96
C ALA C 488 -25.65 18.91 -14.15
N LEU C 489 -24.97 17.92 -14.74
CA LEU C 489 -23.92 17.21 -14.02
C LEU C 489 -22.81 18.15 -13.56
N TYR C 490 -22.65 19.28 -14.26
CA TYR C 490 -21.53 20.17 -13.98
C TYR C 490 -21.63 20.75 -12.57
N PHE C 491 -22.70 21.50 -12.28
CA PHE C 491 -22.79 22.19 -11.00
C PHE C 491 -22.84 21.21 -9.83
N THR C 492 -23.59 20.12 -9.97
CA THR C 492 -23.70 19.17 -8.86
C THR C 492 -22.35 18.55 -8.53
N ARG C 493 -21.44 18.52 -9.51
CA ARG C 493 -20.12 17.98 -9.29
C ARG C 493 -19.33 18.76 -8.24
N GLY C 494 -19.48 20.09 -8.21
CA GLY C 494 -18.61 20.91 -7.39
C GLY C 494 -18.86 20.85 -5.90
N LEU C 495 -19.94 20.17 -5.47
CA LEU C 495 -20.30 20.11 -4.06
C LEU C 495 -20.27 18.66 -3.58
N LYS C 496 -19.93 18.49 -2.31
CA LYS C 496 -19.87 17.17 -1.66
C LYS C 496 -18.90 16.24 -2.37
N LEU C 497 -17.83 16.79 -2.95
CA LEU C 497 -16.82 16.00 -3.64
C LEU C 497 -17.44 15.04 -4.64
N THR C 498 -18.45 15.54 -5.36
CA THR C 498 -19.12 14.75 -6.38
C THR C 498 -18.38 14.90 -7.71
N GLY C 499 -18.91 14.26 -8.75
CA GLY C 499 -18.33 14.29 -10.06
C GLY C 499 -17.54 13.05 -10.44
N THR C 500 -17.12 12.25 -9.45
CA THR C 500 -16.51 10.97 -9.77
C THR C 500 -17.43 10.13 -10.64
N TYR C 501 -18.73 10.31 -10.49
CA TYR C 501 -19.67 9.74 -11.44
C TYR C 501 -19.37 10.21 -12.86
N SER C 502 -19.17 11.52 -13.02
CA SER C 502 -18.93 12.09 -14.34
C SER C 502 -17.63 11.53 -14.94
N ILE C 503 -16.57 11.46 -14.15
CA ILE C 503 -15.30 10.93 -14.64
C ILE C 503 -15.47 9.47 -15.03
N MET C 504 -16.18 8.70 -14.21
CA MET C 504 -16.42 7.31 -14.54
C MET C 504 -17.23 7.18 -15.83
N ILE C 505 -18.21 8.07 -16.03
CA ILE C 505 -19.07 7.97 -17.20
C ILE C 505 -18.25 8.10 -18.48
N GLN C 506 -17.42 9.14 -18.56
CA GLN C 506 -16.69 9.39 -19.80
C GLN C 506 -15.65 8.30 -20.07
N LYS C 507 -14.97 7.85 -19.02
CA LYS C 507 -13.94 6.82 -19.21
C LYS C 507 -14.54 5.50 -19.66
N ILE C 508 -15.75 5.17 -19.20
CA ILE C 508 -16.43 3.97 -19.68
C ILE C 508 -17.15 4.25 -20.98
N LEU C 509 -17.48 5.51 -21.26
CA LEU C 509 -18.31 5.83 -22.42
C LEU C 509 -17.66 5.32 -23.71
N PHE C 510 -16.49 5.85 -24.05
CA PHE C 510 -15.85 5.47 -25.30
C PHE C 510 -15.49 3.99 -25.30
N LYS C 511 -14.98 3.49 -24.18
CA LYS C 511 -14.45 2.14 -24.13
C LYS C 511 -15.55 1.10 -24.41
N ASP C 512 -16.56 1.03 -23.53
CA ASP C 512 -17.48 -0.10 -23.56
C ASP C 512 -18.15 -0.26 -24.92
N LEU C 513 -18.48 0.85 -25.58
CA LEU C 513 -19.40 0.77 -26.72
C LEU C 513 -18.81 -0.05 -27.86
N PHE C 514 -17.57 0.26 -28.28
CA PHE C 514 -17.05 -0.39 -29.48
C PHE C 514 -16.29 -1.68 -29.18
N ARG C 515 -15.94 -1.95 -27.91
CA ARG C 515 -15.57 -3.30 -27.53
C ARG C 515 -16.77 -4.24 -27.65
N PHE C 516 -17.93 -3.80 -27.13
CA PHE C 516 -19.11 -4.65 -27.16
C PHE C 516 -19.71 -4.72 -28.57
N LEU C 517 -20.04 -3.56 -29.14
CA LEU C 517 -20.67 -3.55 -30.47
C LEU C 517 -19.80 -4.26 -31.50
N LEU C 518 -18.47 -4.25 -31.32
CA LEU C 518 -17.62 -5.09 -32.17
C LEU C 518 -18.00 -6.55 -32.00
N VAL C 519 -18.05 -7.04 -30.77
CA VAL C 519 -18.46 -8.41 -30.51
C VAL C 519 -19.92 -8.60 -30.89
N TYR C 520 -20.74 -7.57 -30.64
CA TYR C 520 -22.17 -7.68 -30.89
C TYR C 520 -22.46 -7.99 -32.36
N LEU C 521 -21.87 -7.22 -33.27
CA LEU C 521 -22.08 -7.47 -34.69
C LEU C 521 -21.16 -8.57 -35.21
N LEU C 522 -20.02 -8.77 -34.54
CA LEU C 522 -19.14 -9.87 -34.90
C LEU C 522 -19.90 -11.19 -34.92
N PHE C 523 -20.79 -11.38 -33.94
CA PHE C 523 -21.47 -12.67 -33.81
C PHE C 523 -22.75 -12.71 -34.66
N MET C 524 -23.36 -11.55 -34.90
CA MET C 524 -24.54 -11.50 -35.76
C MET C 524 -24.29 -12.24 -37.07
N ILE C 525 -23.32 -11.76 -37.85
CA ILE C 525 -23.02 -12.37 -39.13
C ILE C 525 -22.35 -13.73 -38.92
N GLY C 526 -21.41 -13.81 -37.98
CA GLY C 526 -20.76 -15.08 -37.71
C GLY C 526 -21.75 -16.16 -37.35
N TYR C 527 -22.73 -15.82 -36.51
CA TYR C 527 -23.69 -16.82 -36.04
C TYR C 527 -24.82 -17.01 -37.04
N ALA C 528 -25.25 -15.93 -37.70
CA ALA C 528 -26.30 -16.05 -38.72
C ALA C 528 -25.83 -16.90 -39.89
N SER C 529 -24.60 -16.69 -40.34
CA SER C 529 -24.09 -17.49 -41.47
C SER C 529 -24.06 -18.96 -41.12
N ALA C 530 -23.66 -19.29 -39.89
CA ALA C 530 -23.75 -20.69 -39.45
C ALA C 530 -25.20 -21.14 -39.35
N LEU C 531 -26.12 -20.19 -39.11
CA LEU C 531 -27.52 -20.55 -38.97
C LEU C 531 -28.14 -20.96 -40.30
N VAL C 532 -27.79 -20.26 -41.39
CA VAL C 532 -28.42 -20.54 -42.67
C VAL C 532 -28.09 -21.95 -43.15
N THR C 533 -27.11 -22.61 -42.53
CA THR C 533 -26.86 -24.02 -42.85
C THR C 533 -28.12 -24.86 -42.64
N LEU C 534 -28.85 -24.58 -41.57
CA LEU C 534 -30.06 -25.37 -41.26
C LEU C 534 -31.28 -24.85 -42.01
N LEU C 535 -31.21 -23.63 -42.53
CA LEU C 535 -32.39 -22.94 -43.03
C LEU C 535 -31.99 -21.95 -44.13
N ASN C 536 -32.78 -21.89 -45.19
CA ASN C 536 -32.46 -20.97 -46.29
C ASN C 536 -32.61 -19.47 -46.03
N PRO C 537 -33.44 -19.03 -45.05
CA PRO C 537 -33.30 -17.59 -44.77
C PRO C 537 -31.96 -16.87 -44.54
N PRO C 557 -37.32 -19.06 -39.16
CA PRO C 557 -38.23 -19.77 -38.26
C PRO C 557 -38.13 -19.27 -36.82
N ALA C 558 -37.11 -19.71 -36.09
CA ALA C 558 -36.93 -19.26 -34.72
C ALA C 558 -36.75 -17.74 -34.65
N CYS C 559 -35.93 -17.19 -35.54
CA CYS C 559 -35.69 -15.76 -35.58
C CYS C 559 -36.58 -15.06 -36.60
N ARG C 560 -36.64 -15.61 -37.82
CA ARG C 560 -37.45 -15.02 -38.89
C ARG C 560 -37.93 -16.15 -39.79
N ASP C 561 -39.19 -16.54 -39.61
CA ASP C 561 -39.82 -17.52 -40.48
C ASP C 561 -40.12 -16.88 -41.83
N SER C 562 -39.51 -17.40 -42.89
CA SER C 562 -39.65 -16.85 -44.23
C SER C 562 -38.94 -15.50 -44.31
N GLU C 563 -38.15 -15.31 -45.37
CA GLU C 563 -37.51 -14.03 -45.66
C GLU C 563 -36.21 -13.90 -44.85
N THR C 564 -35.20 -13.30 -45.46
CA THR C 564 -33.84 -13.30 -44.93
C THR C 564 -33.55 -11.98 -44.22
N PHE C 565 -33.64 -12.01 -42.88
CA PHE C 565 -33.18 -10.93 -42.02
C PHE C 565 -32.25 -11.46 -40.94
N SER C 566 -31.41 -10.56 -40.44
CA SER C 566 -30.55 -10.83 -39.29
C SER C 566 -30.83 -9.91 -38.10
N ALA C 567 -31.68 -8.90 -38.27
CA ALA C 567 -31.96 -7.98 -37.18
C ALA C 567 -32.61 -8.70 -35.99
N PHE C 568 -33.56 -9.60 -36.26
CA PHE C 568 -34.20 -10.33 -35.17
C PHE C 568 -33.18 -11.16 -34.41
N LEU C 569 -32.14 -11.64 -35.09
CA LEU C 569 -31.04 -12.28 -34.39
C LEU C 569 -30.33 -11.28 -33.47
N LEU C 570 -30.14 -10.05 -33.94
CA LEU C 570 -29.51 -9.02 -33.13
C LEU C 570 -30.24 -8.86 -31.80
N ASP C 571 -31.57 -8.70 -31.86
CA ASP C 571 -32.34 -8.58 -30.62
C ASP C 571 -32.24 -9.86 -29.79
N LEU C 572 -32.13 -11.02 -30.45
CA LEU C 572 -31.99 -12.27 -29.72
C LEU C 572 -30.80 -12.23 -28.78
N PHE C 573 -29.66 -11.72 -29.27
CA PHE C 573 -28.49 -11.57 -28.41
C PHE C 573 -28.71 -10.47 -27.36
N LYS C 574 -29.46 -9.44 -27.74
CA LYS C 574 -29.74 -8.35 -26.80
C LYS C 574 -30.39 -8.87 -25.53
N LEU C 575 -31.20 -9.93 -25.64
CA LEU C 575 -31.86 -10.53 -24.49
C LEU C 575 -31.11 -11.73 -23.93
N THR C 576 -30.21 -12.33 -24.70
CA THR C 576 -29.51 -13.53 -24.23
C THR C 576 -28.72 -13.25 -22.97
N ILE C 577 -28.10 -12.07 -22.88
CA ILE C 577 -27.32 -11.70 -21.71
C ILE C 577 -28.09 -10.75 -20.80
N GLY C 578 -28.83 -9.80 -21.38
CA GLY C 578 -29.59 -8.86 -20.55
C GLY C 578 -30.61 -9.57 -19.68
N MET C 579 -31.41 -10.46 -20.28
CA MET C 579 -32.40 -11.21 -19.52
C MET C 579 -32.52 -12.66 -19.99
N GLY C 580 -31.60 -13.15 -20.81
CA GLY C 580 -31.68 -14.52 -21.27
C GLY C 580 -32.93 -14.75 -22.10
N ASP C 581 -33.51 -15.94 -21.94
CA ASP C 581 -34.74 -16.32 -22.64
C ASP C 581 -34.58 -16.24 -24.15
N LEU C 582 -33.65 -17.06 -24.65
CA LEU C 582 -33.39 -17.18 -26.08
C LEU C 582 -33.93 -18.52 -26.57
N GLU C 583 -34.75 -18.49 -27.63
CA GLU C 583 -35.35 -19.73 -28.12
C GLU C 583 -34.34 -20.57 -28.89
N MET C 584 -33.53 -19.94 -29.74
CA MET C 584 -32.59 -20.66 -30.59
C MET C 584 -33.36 -21.67 -31.44
N LEU C 585 -32.68 -22.47 -32.25
CA LEU C 585 -33.38 -23.34 -33.19
C LEU C 585 -33.91 -24.62 -32.55
N SER C 586 -33.69 -24.83 -31.26
CA SER C 586 -34.37 -25.92 -30.56
C SER C 586 -35.85 -25.62 -30.35
N SER C 587 -36.30 -24.39 -30.59
CA SER C 587 -37.70 -24.04 -30.44
C SER C 587 -38.46 -24.31 -31.73
N ILE C 595 -25.20 -28.55 -36.77
CA ILE C 595 -26.15 -28.24 -35.71
C ILE C 595 -25.42 -27.94 -34.41
N LEU C 596 -24.41 -28.76 -34.08
CA LEU C 596 -23.70 -28.59 -32.82
C LEU C 596 -22.79 -27.37 -32.86
N LEU C 597 -22.12 -27.13 -33.99
CA LEU C 597 -21.28 -25.93 -34.09
C LEU C 597 -22.07 -24.68 -33.72
N LEU C 598 -23.32 -24.60 -34.15
CA LEU C 598 -24.17 -23.48 -33.76
C LEU C 598 -24.33 -23.44 -32.24
N VAL C 599 -24.39 -24.61 -31.60
CA VAL C 599 -24.44 -24.66 -30.15
C VAL C 599 -23.09 -24.27 -29.56
N THR C 600 -21.99 -24.79 -30.13
CA THR C 600 -20.67 -24.41 -29.64
C THR C 600 -20.41 -22.94 -29.87
N TYR C 601 -20.76 -22.42 -31.05
CA TYR C 601 -20.45 -21.04 -31.36
C TYR C 601 -21.18 -20.08 -30.44
N ILE C 602 -22.46 -20.35 -30.15
CA ILE C 602 -23.21 -19.49 -29.24
C ILE C 602 -22.65 -19.58 -27.82
N ILE C 603 -21.89 -20.64 -27.52
CA ILE C 603 -21.22 -20.70 -26.22
C ILE C 603 -20.08 -19.70 -26.15
N LEU C 604 -19.35 -19.53 -27.26
CA LEU C 604 -18.25 -18.57 -27.27
C LEU C 604 -18.73 -17.16 -26.98
N THR C 605 -19.75 -16.70 -27.71
CA THR C 605 -20.26 -15.35 -27.46
C THR C 605 -20.62 -15.18 -25.99
N PHE C 606 -21.19 -16.21 -25.37
CA PHE C 606 -21.52 -16.14 -23.95
C PHE C 606 -20.27 -15.92 -23.11
N VAL C 607 -19.32 -16.86 -23.17
CA VAL C 607 -18.12 -16.74 -22.34
C VAL C 607 -17.33 -15.50 -22.72
N LEU C 608 -17.22 -15.21 -24.03
CA LEU C 608 -16.55 -13.98 -24.44
C LEU C 608 -17.26 -12.75 -23.88
N LEU C 609 -18.60 -12.71 -23.97
CA LEU C 609 -19.33 -11.56 -23.45
C LEU C 609 -19.17 -11.43 -21.95
N LEU C 610 -19.25 -12.55 -21.22
CA LEU C 610 -19.19 -12.49 -19.76
C LEU C 610 -17.86 -11.92 -19.27
N ASN C 611 -16.74 -12.50 -19.74
CA ASN C 611 -15.45 -12.04 -19.23
C ASN C 611 -15.18 -10.59 -19.62
N MET C 612 -15.62 -10.18 -20.81
CA MET C 612 -15.48 -8.78 -21.19
C MET C 612 -16.18 -7.88 -20.17
N LEU C 613 -17.37 -8.27 -19.73
CA LEU C 613 -18.03 -7.53 -18.64
C LEU C 613 -17.19 -7.59 -17.37
N ILE C 614 -16.63 -8.77 -17.06
CA ILE C 614 -15.75 -8.88 -15.90
C ILE C 614 -14.53 -7.99 -16.07
N ALA C 615 -13.92 -8.02 -17.26
CA ALA C 615 -12.79 -7.14 -17.52
C ALA C 615 -13.20 -5.68 -17.43
N LEU C 616 -14.37 -5.34 -17.99
CA LEU C 616 -14.89 -4.00 -17.81
C LEU C 616 -15.08 -3.68 -16.33
N MET C 617 -15.61 -4.64 -15.56
CA MET C 617 -15.67 -4.48 -14.12
C MET C 617 -14.28 -4.33 -13.53
N GLY C 618 -13.33 -5.14 -14.01
CA GLY C 618 -11.96 -5.01 -13.54
C GLY C 618 -11.34 -3.67 -13.90
N GLU C 619 -11.62 -3.17 -15.11
CA GLU C 619 -11.08 -1.89 -15.51
C GLU C 619 -11.60 -0.76 -14.63
N THR C 620 -12.91 -0.75 -14.37
CA THR C 620 -13.52 0.36 -13.66
C THR C 620 -13.00 0.46 -12.23
N VAL C 621 -12.90 -0.68 -11.53
CA VAL C 621 -12.49 -0.65 -10.13
C VAL C 621 -11.10 -0.08 -9.99
N GLY C 622 -10.18 -0.49 -10.86
CA GLY C 622 -8.82 0.05 -10.82
C GLY C 622 -8.71 1.48 -11.29
N GLN C 623 -9.69 1.96 -12.07
CA GLN C 623 -9.66 3.30 -12.61
C GLN C 623 -10.19 4.35 -11.64
N VAL C 624 -10.84 3.93 -10.55
CA VAL C 624 -11.45 4.88 -9.64
C VAL C 624 -10.38 5.77 -8.99
N SER C 625 -9.34 5.14 -8.45
CA SER C 625 -8.21 5.83 -7.82
C SER C 625 -8.62 6.71 -6.66
N LYS C 626 -9.87 6.61 -6.19
CA LYS C 626 -10.37 7.41 -5.06
C LYS C 626 -10.26 8.91 -5.32
N GLU C 627 -10.22 9.30 -6.61
CA GLU C 627 -10.16 10.70 -7.00
C GLU C 627 -8.80 11.32 -6.73
N SER C 628 -7.91 10.58 -6.07
CA SER C 628 -6.55 11.05 -5.78
C SER C 628 -6.53 12.28 -4.89
N LYS C 629 -7.70 12.72 -4.41
CA LYS C 629 -7.88 13.91 -3.58
C LYS C 629 -7.44 15.18 -4.28
N HIS C 630 -7.07 15.13 -5.56
CA HIS C 630 -6.59 16.29 -6.29
C HIS C 630 -7.50 16.74 -7.43
N ILE C 631 -8.17 15.80 -8.10
CA ILE C 631 -9.03 16.17 -9.21
C ILE C 631 -10.12 17.13 -8.73
N TRP C 632 -10.69 16.87 -7.55
CA TRP C 632 -11.68 17.78 -7.01
C TRP C 632 -11.08 19.16 -6.76
N LYS C 633 -9.86 19.21 -6.21
CA LYS C 633 -9.22 20.49 -5.95
C LYS C 633 -9.06 21.29 -7.24
N LEU C 634 -8.47 20.67 -8.26
CA LEU C 634 -8.34 21.35 -9.55
C LEU C 634 -9.70 21.66 -10.16
N GLN C 635 -10.61 20.68 -10.12
CA GLN C 635 -11.93 20.90 -10.70
C GLN C 635 -12.73 21.92 -9.91
N TRP C 636 -12.59 21.91 -8.58
CA TRP C 636 -13.27 22.91 -7.77
C TRP C 636 -12.79 24.31 -8.12
N ALA C 637 -11.47 24.49 -8.26
CA ALA C 637 -10.92 25.78 -8.63
C ALA C 637 -11.46 26.25 -9.97
N THR C 638 -11.81 25.30 -10.84
CA THR C 638 -12.40 25.69 -12.13
C THR C 638 -13.72 26.42 -11.94
N THR C 639 -14.53 25.97 -11.00
CA THR C 639 -15.84 26.59 -10.78
C THR C 639 -15.67 28.04 -10.32
N ILE C 640 -14.81 28.26 -9.32
CA ILE C 640 -14.65 29.61 -8.78
C ILE C 640 -14.23 30.57 -9.88
N LEU C 641 -13.21 30.21 -10.65
CA LEU C 641 -12.77 31.07 -11.73
C LEU C 641 -13.80 31.14 -12.84
N ASP C 642 -14.54 30.06 -13.08
CA ASP C 642 -15.59 30.09 -14.09
C ASP C 642 -16.63 31.14 -13.74
N ILE C 643 -17.02 31.21 -12.46
CA ILE C 643 -17.97 32.22 -12.03
C ILE C 643 -17.37 33.62 -12.15
N GLU C 644 -16.11 33.78 -11.74
CA GLU C 644 -15.53 35.12 -11.68
C GLU C 644 -15.51 35.78 -13.06
N ARG C 645 -15.09 35.04 -14.08
CA ARG C 645 -15.13 35.59 -15.42
C ARG C 645 -16.55 35.83 -15.91
N SER C 646 -17.55 35.24 -15.26
CA SER C 646 -18.94 35.38 -15.67
C SER C 646 -19.41 36.83 -15.57
N PHE C 647 -19.45 37.35 -14.35
CA PHE C 647 -19.91 38.71 -14.09
C PHE C 647 -18.74 39.68 -14.13
N PRO C 648 -19.01 40.98 -14.24
CA PRO C 648 -17.91 41.94 -14.37
C PRO C 648 -17.08 42.03 -13.10
N VAL C 649 -15.84 41.55 -13.18
CA VAL C 649 -14.95 41.50 -12.01
C VAL C 649 -14.59 42.89 -11.52
N PHE C 650 -14.43 43.86 -12.42
CA PHE C 650 -14.01 45.20 -12.03
C PHE C 650 -14.92 45.83 -10.97
N LEU C 651 -16.11 45.27 -10.75
CA LEU C 651 -17.01 45.76 -9.72
C LEU C 651 -16.44 45.38 -8.35
N ARG C 652 -17.20 45.61 -7.29
CA ARG C 652 -16.68 45.40 -5.94
C ARG C 652 -16.62 43.91 -5.62
N LYS C 653 -15.94 43.14 -6.46
CA LYS C 653 -15.73 41.71 -6.24
C LYS C 653 -14.24 41.41 -6.18
N ALA C 654 -13.44 42.39 -5.78
CA ALA C 654 -11.99 42.32 -5.86
C ALA C 654 -11.37 41.96 -4.52
N PHE C 655 -10.29 41.18 -4.60
CA PHE C 655 -9.48 40.85 -3.43
C PHE C 655 -8.91 42.11 -2.78
N ARG C 656 -8.28 41.92 -1.63
CA ARG C 656 -7.87 43.04 -0.78
C ARG C 656 -6.85 43.93 -1.49
N SER C 657 -6.81 45.19 -1.06
CA SER C 657 -5.89 46.19 -1.61
C SER C 657 -4.72 46.39 -0.65
N GLY C 658 -3.87 47.39 -0.93
CA GLY C 658 -2.69 47.62 -0.13
C GLY C 658 -2.21 49.05 -0.11
N GLU C 659 -1.05 49.27 0.51
CA GLU C 659 -0.51 50.61 0.71
C GLU C 659 -0.23 51.29 -0.63
N MET C 660 0.11 52.58 -0.56
CA MET C 660 0.29 53.41 -1.74
C MET C 660 1.71 53.33 -2.31
N VAL C 661 2.71 53.69 -1.50
CA VAL C 661 4.08 53.82 -2.00
C VAL C 661 5.06 53.31 -0.94
N THR C 662 6.27 53.00 -1.39
CA THR C 662 7.42 52.54 -0.63
C THR C 662 7.31 51.07 -0.25
N VAL C 663 6.18 50.41 -0.50
CA VAL C 663 6.05 48.98 -0.25
C VAL C 663 5.09 48.40 -1.28
N ARG C 673 1.65 51.31 -4.63
CA ARG C 673 0.28 51.03 -5.04
C ARG C 673 0.20 49.66 -5.69
N ARG C 674 0.41 48.63 -4.88
CA ARG C 674 0.37 47.25 -5.34
C ARG C 674 -0.79 46.54 -4.64
N TRP C 675 -1.60 45.85 -5.44
CA TRP C 675 -2.80 45.20 -4.92
C TRP C 675 -2.43 43.92 -4.16
N CYS C 676 -1.81 44.08 -2.99
CA CYS C 676 -1.33 42.93 -2.25
C CYS C 676 -2.50 42.13 -1.67
N PHE C 677 -2.19 40.91 -1.22
CA PHE C 677 -3.15 40.05 -0.54
C PHE C 677 -2.52 39.51 0.74
N ARG C 678 -3.36 39.35 1.76
CA ARG C 678 -2.91 39.00 3.10
C ARG C 678 -3.07 37.51 3.35
N VAL C 679 -2.09 36.92 4.04
CA VAL C 679 -2.13 35.53 4.46
C VAL C 679 -1.51 35.44 5.83
N ASP C 680 -2.07 34.60 6.69
CA ASP C 680 -1.66 34.51 8.09
C ASP C 680 -1.31 33.07 8.43
N GLU C 681 -0.10 32.88 8.96
CA GLU C 681 0.40 31.56 9.35
C GLU C 681 1.03 31.67 10.73
N VAL C 682 0.76 30.68 11.58
CA VAL C 682 1.26 30.66 12.95
C VAL C 682 2.39 29.65 13.04
N ASN C 683 3.51 30.08 13.62
CA ASN C 683 4.67 29.22 13.81
C ASN C 683 5.25 29.46 15.20
N TRP C 684 5.56 28.38 15.91
CA TRP C 684 6.11 28.46 17.25
C TRP C 684 7.61 28.24 17.28
N SER C 685 8.30 28.45 16.16
CA SER C 685 9.75 28.26 16.09
C SER C 685 10.46 29.60 16.19
N VAL D 47 5.01 66.57 19.57
CA VAL D 47 5.22 67.87 20.19
C VAL D 47 4.21 68.86 19.61
N PHE D 48 4.59 69.56 18.54
CA PHE D 48 3.63 70.39 17.83
C PHE D 48 2.52 69.54 17.24
N ASN D 49 2.88 68.39 16.68
CA ASN D 49 1.92 67.39 16.21
C ASN D 49 2.37 66.04 16.71
N ARG D 50 1.39 65.17 17.03
CA ARG D 50 1.71 63.88 17.61
C ARG D 50 2.65 63.03 16.75
N PRO D 51 2.51 62.96 15.42
CA PRO D 51 3.36 62.03 14.66
C PRO D 51 4.85 62.23 14.86
N ILE D 52 5.33 63.47 14.98
CA ILE D 52 6.76 63.68 15.14
C ILE D 52 7.25 63.06 16.45
N LEU D 53 6.48 63.20 17.52
CA LEU D 53 6.85 62.57 18.78
C LEU D 53 6.88 61.04 18.62
N PHE D 54 5.88 60.48 17.95
CA PHE D 54 5.86 59.04 17.70
C PHE D 54 7.03 58.63 16.81
N ASP D 55 7.33 59.43 15.79
CA ASP D 55 8.46 59.13 14.92
C ASP D 55 9.78 59.21 15.69
N ILE D 56 9.93 60.23 16.53
CA ILE D 56 11.19 60.41 17.25
C ILE D 56 11.45 59.23 18.17
N VAL D 57 10.44 58.81 18.92
CA VAL D 57 10.61 57.68 19.84
C VAL D 57 10.82 56.38 19.06
N SER D 58 10.12 56.23 17.93
CA SER D 58 10.26 55.01 17.13
C SER D 58 11.70 54.85 16.64
N ARG D 59 12.31 55.94 16.18
CA ARG D 59 13.69 55.88 15.69
C ARG D 59 14.69 55.66 16.83
N GLY D 60 14.29 55.86 18.07
CA GLY D 60 15.16 55.66 19.21
C GLY D 60 16.10 56.82 19.51
N SER D 61 15.87 57.99 18.92
CA SER D 61 16.75 59.14 19.12
C SER D 61 16.32 59.88 20.37
N THR D 62 17.12 59.75 21.44
CA THR D 62 16.85 60.46 22.68
C THR D 62 17.37 61.88 22.66
N ALA D 63 18.24 62.23 21.71
CA ALA D 63 18.79 63.57 21.66
C ALA D 63 17.68 64.61 21.46
N ASP D 64 16.98 64.53 20.32
CA ASP D 64 15.85 65.44 20.10
C ASP D 64 14.76 65.24 21.13
N LEU D 65 14.64 64.04 21.71
CA LEU D 65 13.68 63.82 22.77
C LEU D 65 13.99 64.69 24.00
N ASP D 66 15.26 65.01 24.21
CA ASP D 66 15.63 65.88 25.32
C ASP D 66 15.15 67.30 25.06
N GLY D 67 14.74 67.97 26.14
CA GLY D 67 14.24 69.32 26.06
C GLY D 67 12.75 69.42 25.78
N LEU D 68 12.11 68.33 25.35
CA LEU D 68 10.67 68.37 25.15
C LEU D 68 9.92 68.55 26.47
N LEU D 69 10.53 68.12 27.57
CA LEU D 69 9.90 68.32 28.88
C LEU D 69 9.67 69.78 29.17
N SER D 70 10.42 70.67 28.52
CA SER D 70 10.27 72.10 28.77
C SER D 70 8.85 72.56 28.47
N PHE D 71 8.34 72.25 27.27
CA PHE D 71 7.00 72.71 26.90
C PHE D 71 5.92 71.89 27.59
N LEU D 72 6.21 70.64 27.97
CA LEU D 72 5.25 69.88 28.76
C LEU D 72 4.93 70.59 30.07
N LEU D 73 5.96 71.03 30.78
CA LEU D 73 5.73 71.78 32.02
C LEU D 73 5.14 73.15 31.72
N THR D 74 5.60 73.81 30.66
CA THR D 74 5.08 75.13 30.32
C THR D 74 3.59 75.07 30.00
N HIS D 75 3.17 74.07 29.24
CA HIS D 75 1.77 73.91 28.89
C HIS D 75 1.00 73.07 29.90
N LYS D 76 1.65 72.64 30.98
CA LYS D 76 1.02 71.79 32.00
C LYS D 76 0.23 70.64 31.37
N LYS D 77 0.76 70.12 30.26
CA LYS D 77 0.12 69.02 29.55
C LYS D 77 0.63 67.69 30.07
N ARG D 78 -0.28 66.85 30.54
CA ARG D 78 0.10 65.53 31.04
C ARG D 78 0.54 64.64 29.90
N LEU D 79 1.49 63.74 30.20
CA LEU D 79 1.99 62.82 29.20
C LEU D 79 0.90 61.90 28.65
N THR D 80 -0.20 61.75 29.39
CA THR D 80 -1.32 60.90 28.97
C THR D 80 -2.46 61.71 28.34
N ASP D 81 -2.22 62.97 28.02
CA ASP D 81 -3.28 63.80 27.46
C ASP D 81 -3.70 63.28 26.09
N GLU D 82 -4.82 63.82 25.59
CA GLU D 82 -5.35 63.39 24.30
C GLU D 82 -4.36 63.60 23.17
N GLU D 83 -3.48 64.59 23.28
CA GLU D 83 -2.54 64.85 22.20
C GLU D 83 -1.55 63.71 22.01
N PHE D 84 -1.24 62.98 23.08
CA PHE D 84 -0.30 61.87 23.03
C PHE D 84 -0.96 60.54 22.68
N ARG D 85 -2.28 60.52 22.46
CA ARG D 85 -3.02 59.30 22.22
C ARG D 85 -3.74 59.39 20.88
N GLU D 86 -3.77 58.27 20.15
CA GLU D 86 -4.44 58.25 18.86
C GLU D 86 -5.95 58.41 19.05
N PRO D 87 -6.65 58.94 18.04
CA PRO D 87 -8.12 59.05 18.19
C PRO D 87 -8.80 57.71 18.30
N SER D 88 -8.53 56.78 17.38
CA SER D 88 -9.21 55.49 17.39
C SER D 88 -8.53 54.52 18.36
N THR D 89 -7.25 54.22 18.14
CA THR D 89 -6.56 53.24 18.96
C THR D 89 -6.19 53.76 20.33
N GLY D 90 -5.99 55.08 20.47
CA GLY D 90 -5.50 55.61 21.73
C GLY D 90 -4.10 55.13 22.08
N LYS D 91 -3.35 54.63 21.09
CA LYS D 91 -2.02 54.10 21.35
C LYS D 91 -1.14 55.18 21.98
N THR D 92 -0.45 54.80 23.05
CA THR D 92 0.42 55.71 23.77
C THR D 92 1.86 55.57 23.26
N CYS D 93 2.72 56.51 23.65
CA CYS D 93 4.12 56.45 23.24
C CYS D 93 4.79 55.16 23.71
N LEU D 94 4.43 54.66 24.89
CA LEU D 94 5.06 53.45 25.40
C LEU D 94 4.94 52.29 24.43
N PRO D 95 3.75 51.80 24.07
CA PRO D 95 3.68 50.70 23.10
C PRO D 95 4.34 51.04 21.77
N LYS D 96 4.20 52.29 21.31
CA LYS D 96 4.85 52.70 20.08
C LYS D 96 6.37 52.56 20.21
N ALA D 97 6.93 53.04 21.33
CA ALA D 97 8.36 52.89 21.56
C ALA D 97 8.74 51.41 21.68
N LEU D 98 7.95 50.63 22.42
CA LEU D 98 8.24 49.21 22.58
C LEU D 98 8.00 48.44 21.29
N LEU D 99 7.02 48.86 20.49
CA LEU D 99 6.69 48.13 19.26
C LEU D 99 7.89 48.08 18.31
N ASN D 100 8.73 49.10 18.32
CA ASN D 100 9.90 49.18 17.43
C ASN D 100 11.17 48.76 18.15
N LEU D 101 11.07 47.76 19.03
CA LEU D 101 12.23 47.26 19.76
C LEU D 101 13.40 47.02 18.80
N SER D 102 14.49 47.77 19.01
CA SER D 102 15.66 47.69 18.14
C SER D 102 16.72 46.84 18.82
N ASN D 103 16.58 45.52 18.67
CA ASN D 103 17.52 44.56 19.24
C ASN D 103 17.69 44.80 20.74
N GLY D 104 16.59 45.14 21.42
CA GLY D 104 16.65 45.43 22.83
C GLY D 104 17.33 46.72 23.18
N ARG D 105 17.50 47.63 22.21
CA ARG D 105 18.23 48.87 22.41
C ARG D 105 17.32 50.09 22.33
N ASN D 106 16.03 49.93 22.57
CA ASN D 106 15.10 51.06 22.61
C ASN D 106 15.34 51.79 23.92
N ASP D 107 16.28 52.73 23.90
CA ASP D 107 16.70 53.47 25.08
C ASP D 107 15.87 54.73 25.31
N THR D 108 14.81 54.94 24.53
CA THR D 108 13.92 56.08 24.74
C THR D 108 12.91 55.85 25.86
N ILE D 109 12.71 54.60 26.30
CA ILE D 109 11.69 54.33 27.30
C ILE D 109 11.98 55.05 28.63
N PRO D 110 13.20 55.03 29.17
CA PRO D 110 13.38 55.65 30.49
C PRO D 110 13.16 57.15 30.47
N VAL D 111 13.42 57.80 29.33
CA VAL D 111 13.14 59.24 29.23
C VAL D 111 11.66 59.50 29.38
N LEU D 112 10.82 58.70 28.69
CA LEU D 112 9.38 58.84 28.86
C LEU D 112 8.98 58.52 30.30
N LEU D 113 9.56 57.47 30.88
CA LEU D 113 9.28 57.15 32.27
C LEU D 113 9.70 58.30 33.19
N ASP D 114 10.89 58.86 32.95
CA ASP D 114 11.31 60.03 33.72
C ASP D 114 10.40 61.22 33.44
N ILE D 115 10.03 61.43 32.18
CA ILE D 115 9.10 62.52 31.86
C ILE D 115 7.76 62.29 32.54
N ALA D 116 7.27 61.06 32.52
CA ALA D 116 6.00 60.77 33.18
C ALA D 116 6.06 61.10 34.66
N GLU D 117 7.17 60.77 35.32
CA GLU D 117 7.32 61.12 36.72
C GLU D 117 7.29 62.63 36.92
N ARG D 118 7.93 63.38 36.03
CA ARG D 118 7.90 64.84 36.11
C ARG D 118 6.48 65.36 35.93
N THR D 119 5.72 64.77 34.99
CA THR D 119 4.36 65.22 34.74
C THR D 119 3.46 65.07 35.95
N GLY D 120 3.84 64.22 36.91
CA GLY D 120 3.03 63.97 38.08
C GLY D 120 1.91 62.96 37.88
N ASN D 121 1.78 62.39 36.68
CA ASN D 121 0.78 61.37 36.39
C ASN D 121 1.52 60.18 35.78
N MET D 122 2.00 59.29 36.64
CA MET D 122 2.72 58.09 36.22
C MET D 122 1.86 56.83 36.26
N ARG D 123 0.84 56.79 37.10
CA ARG D 123 0.01 55.60 37.23
C ARG D 123 -0.67 55.28 35.91
N GLU D 124 -1.51 56.18 35.41
CA GLU D 124 -2.25 55.92 34.18
C GLU D 124 -1.32 55.76 32.99
N PHE D 125 -0.14 56.39 33.02
CA PHE D 125 0.76 56.33 31.88
C PHE D 125 1.21 54.89 31.61
N ILE D 126 1.57 54.16 32.66
CA ILE D 126 2.08 52.80 32.48
C ILE D 126 0.97 51.90 31.93
N ASN D 127 -0.11 51.76 32.69
CA ASN D 127 -1.25 50.91 32.29
C ASN D 127 -2.15 51.72 31.36
N SER D 128 -1.68 51.91 30.13
CA SER D 128 -2.44 52.65 29.12
C SER D 128 -3.30 51.69 28.33
N PRO D 129 -4.64 51.72 28.48
CA PRO D 129 -5.48 50.75 27.76
C PRO D 129 -5.93 51.25 26.40
N PHE D 130 -5.87 50.40 25.39
CA PHE D 130 -6.44 50.73 24.09
C PHE D 130 -7.96 50.70 24.17
N ARG D 131 -8.61 51.34 23.21
CA ARG D 131 -10.07 51.47 23.18
C ARG D 131 -10.69 50.84 21.95
N ASP D 132 -9.90 50.25 21.06
CA ASP D 132 -10.45 49.64 19.86
C ASP D 132 -11.31 48.43 20.21
N ILE D 133 -11.89 47.83 19.19
CA ILE D 133 -12.43 46.48 19.27
C ILE D 133 -11.41 45.46 18.79
N TYR D 134 -10.62 45.82 17.78
CA TYR D 134 -9.55 44.95 17.31
C TYR D 134 -8.43 44.84 18.32
N TYR D 135 -8.40 45.71 19.32
CA TYR D 135 -7.56 45.57 20.49
C TYR D 135 -8.31 46.13 21.69
N ARG D 136 -7.85 45.76 22.88
CA ARG D 136 -8.43 46.32 24.10
C ARG D 136 -7.51 46.00 25.27
N GLY D 137 -7.44 46.93 26.21
CA GLY D 137 -6.70 46.74 27.45
C GLY D 137 -5.28 46.27 27.27
N GLN D 138 -4.74 46.40 26.05
CA GLN D 138 -3.40 45.92 25.74
C GLN D 138 -2.40 46.90 26.32
N THR D 139 -2.22 46.80 27.64
CA THR D 139 -1.30 47.70 28.34
C THR D 139 0.12 47.50 27.84
N SER D 140 0.99 48.45 28.21
CA SER D 140 2.38 48.38 27.78
C SER D 140 3.04 47.08 28.18
N LEU D 141 2.59 46.47 29.28
CA LEU D 141 3.17 45.21 29.72
C LEU D 141 2.96 44.12 28.67
N HIS D 142 1.76 44.06 28.09
CA HIS D 142 1.50 43.09 27.04
C HIS D 142 2.48 43.23 25.89
N ILE D 143 2.69 44.46 25.42
CA ILE D 143 3.59 44.69 24.30
C ILE D 143 5.02 44.29 24.68
N ALA D 144 5.46 44.72 25.86
CA ALA D 144 6.84 44.48 26.27
C ALA D 144 7.15 42.99 26.32
N ILE D 145 6.28 42.20 26.94
CA ILE D 145 6.53 40.76 27.02
C ILE D 145 6.48 40.13 25.63
N GLU D 146 5.50 40.52 24.82
CA GLU D 146 5.30 39.87 23.53
C GLU D 146 6.51 40.02 22.63
N ARG D 147 7.20 41.16 22.70
CA ARG D 147 8.43 41.34 21.94
C ARG D 147 9.57 40.45 22.43
N ARG D 148 9.31 39.60 23.42
CA ARG D 148 10.29 38.61 23.88
C ARG D 148 11.56 39.30 24.39
N CYS D 149 11.39 40.41 25.09
CA CYS D 149 12.48 41.19 25.64
C CYS D 149 12.18 41.47 27.10
N LYS D 150 12.70 40.62 27.98
CA LYS D 150 12.51 40.81 29.42
C LYS D 150 13.25 42.04 29.95
N HIS D 151 14.19 42.58 29.17
CA HIS D 151 15.01 43.68 29.66
C HIS D 151 14.14 44.85 30.10
N TYR D 152 13.22 45.30 29.23
CA TYR D 152 12.33 46.39 29.57
C TYR D 152 11.12 45.94 30.38
N VAL D 153 10.72 44.68 30.26
CA VAL D 153 9.57 44.19 31.02
C VAL D 153 9.84 44.30 32.51
N GLU D 154 11.02 43.85 32.94
CA GLU D 154 11.36 43.95 34.36
C GLU D 154 11.44 45.40 34.79
N LEU D 155 12.04 46.26 33.97
CA LEU D 155 12.07 47.68 34.27
C LEU D 155 10.66 48.25 34.37
N LEU D 156 9.79 47.88 33.42
CA LEU D 156 8.41 48.36 33.45
C LEU D 156 7.69 47.85 34.71
N VAL D 157 7.84 46.57 35.01
CA VAL D 157 7.18 46.01 36.20
C VAL D 157 7.74 46.64 37.47
N ALA D 158 9.07 46.81 37.53
CA ALA D 158 9.68 47.35 38.74
C ALA D 158 9.16 48.76 39.02
N GLN D 159 9.06 49.58 37.99
CA GLN D 159 8.48 50.92 38.15
C GLN D 159 7.02 50.87 38.58
N GLY D 160 6.35 49.74 38.37
CA GLY D 160 4.95 49.61 38.73
C GLY D 160 4.03 49.64 37.53
N ALA D 161 3.58 48.47 37.10
CA ALA D 161 2.65 48.33 36.00
C ALA D 161 1.50 47.43 36.43
N ASP D 162 0.34 47.65 35.82
CA ASP D 162 -0.83 46.82 36.14
C ASP D 162 -0.59 45.43 35.56
N VAL D 163 -0.12 44.51 36.43
CA VAL D 163 0.19 43.17 35.96
C VAL D 163 -1.09 42.42 35.62
N HIS D 164 -2.19 42.69 36.32
CA HIS D 164 -3.47 42.05 36.03
C HIS D 164 -4.20 42.80 34.92
N ALA D 165 -3.51 43.02 33.80
CA ALA D 165 -4.13 43.62 32.64
C ALA D 165 -4.93 42.57 31.87
N GLN D 166 -6.01 43.01 31.24
CA GLN D 166 -6.97 42.12 30.61
C GLN D 166 -7.14 42.53 29.14
N ALA D 167 -6.45 41.82 28.25
CA ALA D 167 -6.52 42.07 26.81
C ALA D 167 -7.83 41.48 26.27
N ARG D 168 -8.93 42.13 26.63
CA ARG D 168 -10.28 41.63 26.35
C ARG D 168 -10.74 42.06 24.95
N GLY D 169 -9.90 41.76 23.97
CA GLY D 169 -10.10 42.28 22.63
C GLY D 169 -10.51 41.26 21.59
N ARG D 170 -11.05 41.72 20.47
CA ARG D 170 -11.46 40.82 19.40
C ARG D 170 -10.26 40.04 18.86
N PHE D 171 -9.13 40.73 18.65
CA PHE D 171 -7.95 40.07 18.13
C PHE D 171 -7.48 38.95 19.04
N PHE D 172 -7.78 39.02 20.34
CA PHE D 172 -7.21 38.14 21.33
C PHE D 172 -8.09 36.92 21.62
N GLN D 173 -9.22 36.79 20.94
CA GLN D 173 -10.08 35.63 21.09
C GLN D 173 -9.53 34.45 20.27
N PRO D 174 -9.97 33.23 20.56
CA PRO D 174 -9.47 32.08 19.81
C PRO D 174 -9.68 32.24 18.32
N LYS D 175 -8.91 31.46 17.55
CA LYS D 175 -9.01 31.52 16.10
C LYS D 175 -10.41 31.18 15.60
N ASP D 176 -11.21 30.48 16.41
CA ASP D 176 -12.58 30.17 16.00
C ASP D 176 -13.51 31.37 16.14
N GLU D 177 -13.22 32.28 17.06
CA GLU D 177 -14.10 33.41 17.35
C GLU D 177 -13.65 34.71 16.70
N GLY D 178 -12.71 34.66 15.76
CA GLY D 178 -12.26 35.82 15.04
C GLY D 178 -10.95 36.41 15.52
N GLY D 179 -10.54 36.10 16.74
CA GLY D 179 -9.25 36.56 17.22
C GLY D 179 -8.14 35.62 16.77
N TYR D 180 -6.96 36.19 16.53
CA TYR D 180 -5.87 35.42 15.94
C TYR D 180 -5.05 34.69 16.99
N PHE D 181 -5.06 35.19 18.23
CA PHE D 181 -4.22 34.63 19.29
C PHE D 181 -4.92 34.73 20.63
N TYR D 182 -5.13 33.58 21.27
CA TYR D 182 -5.65 33.51 22.63
C TYR D 182 -4.56 32.97 23.55
N PHE D 183 -4.32 33.68 24.65
CA PHE D 183 -3.22 33.33 25.56
C PHE D 183 -3.62 33.42 27.02
N GLY D 184 -4.91 33.42 27.33
CA GLY D 184 -5.38 33.57 28.69
C GLY D 184 -5.80 34.97 29.07
N GLU D 185 -5.49 35.96 28.23
CA GLU D 185 -5.87 37.36 28.48
C GLU D 185 -5.24 37.87 29.77
N LEU D 186 -3.98 37.52 30.00
CA LEU D 186 -3.23 38.02 31.15
C LEU D 186 -1.75 38.06 30.78
N PRO D 187 -1.01 39.07 31.26
CA PRO D 187 0.44 39.07 31.00
C PRO D 187 1.14 37.82 31.50
N LEU D 188 0.72 37.31 32.66
CA LEU D 188 1.30 36.07 33.17
C LEU D 188 0.99 34.91 32.23
N SER D 189 -0.26 34.82 31.77
CA SER D 189 -0.60 33.80 30.78
C SER D 189 0.02 34.12 29.43
N LEU D 190 0.07 35.40 29.06
CA LEU D 190 0.75 35.79 27.82
C LEU D 190 2.22 35.42 27.88
N ALA D 191 2.87 35.68 29.01
CA ALA D 191 4.24 35.23 29.20
C ALA D 191 4.33 33.71 29.25
N ALA D 192 3.22 33.05 29.59
CA ALA D 192 3.23 31.58 29.66
C ALA D 192 3.06 30.96 28.29
N CYS D 193 2.00 31.35 27.58
CA CYS D 193 1.70 30.74 26.28
C CYS D 193 2.85 30.95 25.30
N THR D 194 3.41 32.15 25.26
CA THR D 194 4.42 32.51 24.28
C THR D 194 5.77 31.83 24.50
N ASN D 195 5.87 30.89 25.45
CA ASN D 195 7.12 30.16 25.70
C ASN D 195 8.21 31.10 26.23
N GLN D 196 7.85 31.91 27.24
CA GLN D 196 8.78 32.86 27.86
C GLN D 196 9.04 32.43 29.30
N PRO D 197 9.90 31.43 29.54
CA PRO D 197 10.08 30.92 30.90
C PRO D 197 10.67 31.93 31.87
N HIS D 198 11.66 32.71 31.43
CA HIS D 198 12.32 33.64 32.33
C HIS D 198 11.36 34.72 32.82
N ILE D 199 10.52 35.25 31.93
CA ILE D 199 9.63 36.34 32.31
C ILE D 199 8.53 35.83 33.23
N VAL D 200 7.99 34.63 32.97
CA VAL D 200 6.98 34.09 33.88
C VAL D 200 7.59 33.83 35.25
N ASN D 201 8.84 33.37 35.28
CA ASN D 201 9.54 33.23 36.55
C ASN D 201 9.64 34.58 37.27
N TYR D 202 10.13 35.60 36.58
CA TYR D 202 10.25 36.91 37.19
C TYR D 202 8.88 37.50 37.51
N LEU D 203 7.97 37.46 36.54
CA LEU D 203 6.68 38.13 36.70
C LEU D 203 5.90 37.59 37.89
N THR D 204 6.23 36.38 38.35
CA THR D 204 5.62 35.83 39.56
C THR D 204 6.58 35.83 40.75
N GLU D 205 7.89 35.93 40.51
CA GLU D 205 8.87 36.01 41.59
C GLU D 205 9.41 37.41 41.79
N ASN D 206 8.94 38.40 41.04
CA ASN D 206 9.47 39.75 41.19
C ASN D 206 9.11 40.30 42.56
N PRO D 207 10.03 40.99 43.25
CA PRO D 207 9.70 41.54 44.57
C PRO D 207 8.54 42.51 44.54
N HIS D 208 8.31 43.18 43.42
CA HIS D 208 7.22 44.14 43.30
C HIS D 208 5.92 43.40 43.04
N LYS D 209 4.87 44.13 42.64
CA LYS D 209 3.58 43.51 42.38
C LYS D 209 3.73 42.34 41.43
N LYS D 210 3.03 41.24 41.74
CA LYS D 210 3.07 40.03 40.95
C LYS D 210 1.65 39.51 40.76
N ALA D 211 1.47 38.69 39.73
CA ALA D 211 0.18 38.12 39.40
C ALA D 211 0.07 36.70 39.91
N ASP D 212 -1.03 36.40 40.59
CA ASP D 212 -1.30 35.05 41.06
C ASP D 212 -1.72 34.18 39.88
N MET D 213 -1.13 32.99 39.78
CA MET D 213 -1.42 32.11 38.66
C MET D 213 -2.88 31.71 38.60
N ARG D 214 -3.60 31.79 39.73
CA ARG D 214 -5.01 31.43 39.76
C ARG D 214 -5.92 32.49 39.16
N ARG D 215 -5.39 33.70 38.89
CA ARG D 215 -6.22 34.80 38.40
C ARG D 215 -6.95 34.39 37.13
N GLN D 216 -8.28 34.43 37.16
CA GLN D 216 -9.08 33.98 36.03
C GLN D 216 -9.26 35.10 35.00
N ASP D 217 -9.89 34.74 33.89
CA ASP D 217 -10.15 35.67 32.79
C ASP D 217 -11.62 35.64 32.38
N SER D 218 -11.94 36.24 31.23
CA SER D 218 -13.33 36.28 30.78
C SER D 218 -13.95 34.88 30.79
N ARG D 219 -13.23 33.90 30.27
CA ARG D 219 -13.68 32.51 30.27
C ARG D 219 -13.16 31.71 31.46
N GLY D 220 -12.51 32.37 32.42
CA GLY D 220 -12.04 31.67 33.60
C GLY D 220 -10.93 30.69 33.35
N ASN D 221 -10.18 30.87 32.24
CA ASN D 221 -9.19 29.87 31.85
C ASN D 221 -8.05 29.79 32.86
N THR D 222 -7.53 30.93 33.30
CA THR D 222 -6.28 30.94 34.04
C THR D 222 -5.16 30.44 33.15
N VAL D 223 -3.92 30.53 33.62
CA VAL D 223 -2.78 30.20 32.77
C VAL D 223 -2.85 28.75 32.29
N LEU D 224 -3.29 27.84 33.16
CA LEU D 224 -3.24 26.42 32.82
C LEU D 224 -4.18 26.10 31.67
N HIS D 225 -5.44 26.52 31.76
CA HIS D 225 -6.38 26.26 30.67
C HIS D 225 -5.94 26.99 29.41
N ALA D 226 -5.52 28.24 29.55
CA ALA D 226 -5.02 29.00 28.40
C ALA D 226 -3.79 28.34 27.81
N LEU D 227 -2.87 27.88 28.67
CA LEU D 227 -1.68 27.20 28.18
C LEU D 227 -2.06 25.95 27.40
N VAL D 228 -3.26 25.41 27.65
CA VAL D 228 -3.76 24.31 26.83
C VAL D 228 -4.52 24.82 25.61
N ALA D 229 -4.96 26.09 25.65
CA ALA D 229 -5.68 26.65 24.50
C ALA D 229 -4.74 26.89 23.32
N ILE D 230 -3.44 27.08 23.57
CA ILE D 230 -2.47 27.23 22.49
C ILE D 230 -1.76 25.92 22.18
N ALA D 231 -1.98 24.87 22.98
CA ALA D 231 -1.32 23.61 22.74
C ALA D 231 -1.67 23.08 21.36
N ASP D 232 -0.71 22.44 20.71
CA ASP D 232 -0.90 21.87 19.39
C ASP D 232 -0.31 20.47 19.36
N ASN D 233 -0.83 19.64 18.47
CA ASN D 233 -0.35 18.27 18.34
C ASN D 233 1.08 18.22 17.82
N THR D 234 1.61 19.33 17.31
CA THR D 234 3.00 19.34 16.84
C THR D 234 3.94 19.03 17.99
N ARG D 235 5.01 18.29 17.67
CA ARG D 235 5.94 17.83 18.71
C ARG D 235 6.55 19.01 19.45
N GLU D 236 7.05 20.00 18.72
CA GLU D 236 7.74 21.12 19.37
C GLU D 236 6.78 21.94 20.22
N ASN D 237 5.55 22.16 19.75
CA ASN D 237 4.60 22.95 20.52
C ASN D 237 4.27 22.28 21.84
N THR D 238 4.03 20.96 21.79
CA THR D 238 3.71 20.23 23.02
C THR D 238 4.91 20.17 23.95
N LYS D 239 6.12 20.31 23.39
CA LYS D 239 7.33 20.16 24.20
C LYS D 239 7.43 21.26 25.25
N PHE D 240 7.26 22.52 24.85
CA PHE D 240 7.38 23.58 25.83
C PHE D 240 6.10 23.76 26.63
N VAL D 241 4.94 23.46 26.01
CA VAL D 241 3.68 23.57 26.73
C VAL D 241 3.66 22.65 27.93
N THR D 242 3.99 21.37 27.70
CA THR D 242 4.08 20.43 28.82
C THR D 242 5.20 20.79 29.77
N LYS D 243 6.34 21.24 29.24
CA LYS D 243 7.43 21.69 30.09
C LYS D 243 6.97 22.82 31.01
N MET D 244 6.53 23.94 30.42
CA MET D 244 6.14 25.09 31.22
C MET D 244 4.89 24.79 32.05
N TYR D 245 3.98 23.97 31.53
CA TYR D 245 2.79 23.62 32.31
C TYR D 245 3.21 22.97 33.64
N ASP D 246 4.16 22.06 33.59
CA ASP D 246 4.70 21.48 34.82
C ASP D 246 5.35 22.56 35.68
N LEU D 247 6.09 23.48 35.04
CA LEU D 247 6.74 24.55 35.78
C LEU D 247 5.72 25.34 36.60
N LEU D 248 4.56 25.62 36.02
CA LEU D 248 3.56 26.42 36.73
C LEU D 248 2.99 25.68 37.93
N LEU D 249 2.60 24.41 37.75
CA LEU D 249 2.01 23.66 38.85
C LEU D 249 2.98 23.57 40.02
N LEU D 250 4.23 23.19 39.75
CA LEU D 250 5.23 23.16 40.82
C LEU D 250 5.32 24.51 41.51
N LYS D 251 5.35 25.59 40.73
CA LYS D 251 5.42 26.93 41.33
C LYS D 251 4.16 27.23 42.14
N CYS D 252 2.99 26.99 41.55
CA CYS D 252 1.74 27.30 42.25
C CYS D 252 1.60 26.47 43.51
N SER D 253 1.94 25.18 43.44
CA SER D 253 1.79 24.31 44.60
C SER D 253 2.62 24.81 45.77
N ARG D 254 3.88 25.17 45.53
CA ARG D 254 4.74 25.62 46.61
C ARG D 254 4.17 26.86 47.29
N LEU D 255 3.72 27.83 46.50
CA LEU D 255 3.14 29.04 47.08
C LEU D 255 1.84 28.72 47.81
N PHE D 256 0.98 27.92 47.19
CA PHE D 256 -0.37 27.63 47.69
C PHE D 256 -0.53 26.11 47.78
N PRO D 257 -0.02 25.48 48.85
CA PRO D 257 -0.15 24.02 48.96
C PRO D 257 -1.57 23.54 49.20
N ASP D 258 -2.50 24.44 49.52
CA ASP D 258 -3.86 23.99 49.87
C ASP D 258 -4.52 23.27 48.70
N SER D 259 -4.39 23.79 47.48
CA SER D 259 -5.04 23.20 46.33
C SER D 259 -4.14 23.36 45.10
N ASN D 260 -4.13 22.34 44.25
CA ASN D 260 -3.42 22.43 42.99
C ASN D 260 -4.16 23.35 42.03
N LEU D 261 -3.41 23.93 41.10
CA LEU D 261 -3.98 24.96 40.24
C LEU D 261 -5.04 24.41 39.30
N GLU D 262 -4.96 23.11 38.96
CA GLU D 262 -5.94 22.55 38.04
C GLU D 262 -7.34 22.53 38.64
N THR D 263 -7.48 22.75 39.94
CA THR D 263 -8.81 22.72 40.56
C THR D 263 -9.70 23.81 39.99
N VAL D 264 -9.16 25.01 39.79
CA VAL D 264 -9.96 26.12 39.30
C VAL D 264 -10.54 25.75 37.94
N LEU D 265 -11.85 25.96 37.79
CA LEU D 265 -12.59 25.56 36.61
C LEU D 265 -12.96 26.77 35.77
N ASN D 266 -12.84 26.62 34.46
CA ASN D 266 -13.27 27.67 33.55
C ASN D 266 -14.79 27.78 33.54
N ASN D 267 -15.30 28.85 32.95
CA ASN D 267 -16.74 29.07 32.90
C ASN D 267 -17.46 27.85 32.38
N ASP D 268 -16.91 27.21 31.33
CA ASP D 268 -17.49 25.96 30.86
C ASP D 268 -17.40 24.87 31.93
N GLY D 269 -16.39 24.95 32.80
CA GLY D 269 -16.27 24.01 33.90
C GLY D 269 -15.54 22.74 33.52
N LEU D 270 -14.31 22.85 33.02
CA LEU D 270 -13.57 21.71 32.50
C LEU D 270 -12.32 21.40 33.32
N SER D 271 -11.42 22.37 33.49
CA SER D 271 -10.08 22.16 34.04
C SER D 271 -9.16 21.68 32.92
N PRO D 272 -7.84 21.82 33.08
CA PRO D 272 -6.93 21.54 31.96
C PRO D 272 -7.14 20.17 31.33
N LEU D 273 -7.08 19.10 32.13
CA LEU D 273 -7.14 17.75 31.56
C LEU D 273 -8.41 17.56 30.74
N MET D 274 -9.56 17.97 31.28
CA MET D 274 -10.79 17.91 30.51
C MET D 274 -10.75 18.82 29.29
N MET D 275 -10.23 20.05 29.45
CA MET D 275 -10.13 20.93 28.30
C MET D 275 -9.25 20.35 27.21
N ALA D 276 -8.09 19.79 27.60
CA ALA D 276 -7.29 19.07 26.63
C ALA D 276 -8.04 17.87 26.08
N ALA D 277 -8.92 17.28 26.90
CA ALA D 277 -9.74 16.17 26.41
C ALA D 277 -10.83 16.65 25.48
N LYS D 278 -11.49 17.77 25.84
CA LYS D 278 -12.58 18.27 25.00
C LYS D 278 -12.08 18.86 23.70
N THR D 279 -10.89 19.48 23.70
CA THR D 279 -10.35 20.10 22.50
C THR D 279 -9.46 19.16 21.71
N GLY D 280 -9.27 17.92 22.17
CA GLY D 280 -8.50 16.94 21.43
C GLY D 280 -7.03 17.28 21.29
N LYS D 281 -6.41 17.68 22.41
CA LYS D 281 -4.98 17.97 22.44
C LYS D 281 -4.26 16.74 22.98
N ILE D 282 -3.96 15.80 22.07
CA ILE D 282 -3.36 14.53 22.48
C ILE D 282 -2.01 14.77 23.14
N GLY D 283 -1.19 15.65 22.56
CA GLY D 283 0.14 15.88 23.06
C GLY D 283 0.17 16.19 24.54
N VAL D 284 -0.50 17.27 24.96
CA VAL D 284 -0.58 17.60 26.37
C VAL D 284 -1.31 16.50 27.13
N PHE D 285 -2.47 16.09 26.65
CA PHE D 285 -3.32 15.16 27.39
C PHE D 285 -2.55 13.91 27.79
N GLN D 286 -1.88 13.27 26.84
CA GLN D 286 -1.19 12.02 27.12
C GLN D 286 -0.12 12.19 28.20
N HIS D 287 0.33 13.42 28.45
CA HIS D 287 1.30 13.65 29.51
C HIS D 287 0.61 13.94 30.85
N ILE D 288 -0.55 14.59 30.81
CA ILE D 288 -1.19 15.00 32.06
C ILE D 288 -1.51 13.77 32.91
N ILE D 289 -2.06 12.73 32.27
CA ILE D 289 -2.40 11.51 32.99
C ILE D 289 -1.15 10.88 33.60
N ARG D 290 0.00 11.01 32.95
CA ARG D 290 1.25 10.42 33.40
C ARG D 290 2.11 11.43 34.14
N ARG D 291 1.50 12.33 34.89
CA ARG D 291 2.21 13.36 35.62
C ARG D 291 2.70 12.80 36.95
N GLU D 292 4.01 12.57 37.06
CA GLU D 292 4.63 12.10 38.29
C GLU D 292 5.66 13.14 38.73
N VAL D 293 5.58 13.55 39.99
CA VAL D 293 6.47 14.57 40.54
C VAL D 293 7.32 13.92 41.62
N THR D 294 8.64 14.02 41.46
CA THR D 294 9.55 13.37 42.40
C THR D 294 9.59 14.09 43.75
N ASP D 295 9.61 15.42 43.73
CA ASP D 295 9.71 16.18 44.97
C ASP D 295 8.56 15.81 45.90
N GLU D 296 8.91 15.47 47.15
CA GLU D 296 7.90 15.00 48.09
C GLU D 296 6.87 16.08 48.40
N ASP D 297 7.34 17.31 48.63
CA ASP D 297 6.41 18.39 48.95
C ASP D 297 5.41 18.61 47.82
N THR D 298 5.85 18.39 46.58
CA THR D 298 5.00 18.53 45.41
C THR D 298 4.69 17.20 44.74
N ARG D 299 4.94 16.08 45.42
CA ARG D 299 4.64 14.77 44.85
C ARG D 299 3.13 14.51 44.80
N HIS D 300 2.37 15.07 45.75
CA HIS D 300 0.96 14.75 45.85
C HIS D 300 0.21 15.05 44.56
N LEU D 301 0.63 16.08 43.84
CA LEU D 301 -0.06 16.48 42.60
C LEU D 301 0.47 15.68 41.40
N SER D 302 0.43 14.36 41.56
CA SER D 302 0.85 13.43 40.53
C SER D 302 -0.33 12.53 40.16
N ARG D 303 -0.17 11.78 39.07
CA ARG D 303 -1.21 10.89 38.58
C ARG D 303 -0.73 9.51 38.20
N LYS D 304 0.58 9.30 38.06
CA LYS D 304 1.14 7.98 37.78
C LYS D 304 2.15 7.63 38.87
N PHE D 305 1.69 6.91 39.88
CA PHE D 305 2.52 6.46 40.98
C PHE D 305 3.29 5.22 40.56
N LYS D 306 4.00 4.63 41.52
CA LYS D 306 4.80 3.42 41.32
C LYS D 306 4.60 2.56 42.57
N ASP D 307 3.64 1.65 42.51
CA ASP D 307 3.27 0.88 43.71
C ASP D 307 4.38 -0.09 44.10
N TRP D 308 4.70 -1.03 43.22
CA TRP D 308 5.74 -2.01 43.51
C TRP D 308 6.25 -2.59 42.20
N ALA D 309 7.39 -3.28 42.30
CA ALA D 309 7.95 -4.00 41.16
C ALA D 309 8.53 -5.31 41.67
N TYR D 310 8.28 -6.39 40.93
CA TYR D 310 8.82 -7.71 41.26
C TYR D 310 9.77 -8.10 40.13
N GLY D 311 11.01 -7.64 40.23
CA GLY D 311 11.99 -7.86 39.20
C GLY D 311 11.69 -7.06 37.95
N PRO D 312 11.35 -7.73 36.85
CA PRO D 312 11.10 -7.02 35.59
C PRO D 312 9.66 -6.63 35.33
N VAL D 313 8.76 -6.77 36.30
CA VAL D 313 7.35 -6.41 36.14
C VAL D 313 7.06 -5.21 37.03
N TYR D 314 6.48 -4.17 36.43
CA TYR D 314 6.16 -2.93 37.12
C TYR D 314 4.65 -2.74 37.16
N SER D 315 4.16 -2.25 38.30
CA SER D 315 2.73 -2.03 38.52
C SER D 315 2.53 -0.57 38.88
N SER D 316 2.38 0.28 37.85
CA SER D 316 2.12 1.69 38.08
C SER D 316 0.67 1.90 38.49
N LEU D 317 0.47 2.66 39.58
CA LEU D 317 -0.86 2.89 40.14
C LEU D 317 -1.35 4.25 39.64
N TYR D 318 -2.00 4.25 38.48
CA TYR D 318 -2.53 5.48 37.92
C TYR D 318 -3.65 6.03 38.77
N ASP D 319 -3.67 7.35 38.95
CA ASP D 319 -4.80 8.01 39.57
C ASP D 319 -5.77 8.46 38.49
N LEU D 320 -7.06 8.24 38.74
CA LEU D 320 -8.11 8.63 37.81
C LEU D 320 -9.26 9.31 38.55
N SER D 321 -8.90 10.22 39.45
CA SER D 321 -9.92 10.93 40.22
C SER D 321 -10.85 11.74 39.32
N SER D 322 -10.45 11.97 38.07
CA SER D 322 -11.26 12.73 37.13
C SER D 322 -11.84 11.88 36.01
N LEU D 323 -11.21 10.74 35.69
CA LEU D 323 -11.68 9.96 34.54
C LEU D 323 -13.02 9.29 34.84
N ASP D 324 -13.32 9.03 36.10
CA ASP D 324 -14.57 8.39 36.49
C ASP D 324 -15.07 9.03 37.77
N THR D 325 -16.14 9.82 37.67
CA THR D 325 -16.79 10.43 38.82
C THR D 325 -18.01 9.65 39.28
N CYS D 326 -18.24 8.46 38.73
CA CYS D 326 -19.43 7.67 39.06
C CYS D 326 -20.71 8.46 38.80
N GLY D 327 -20.64 9.40 37.85
CA GLY D 327 -21.76 10.26 37.54
C GLY D 327 -21.94 11.44 38.46
N GLU D 328 -21.10 11.58 39.49
CA GLU D 328 -21.20 12.73 40.38
C GLU D 328 -20.83 14.02 39.67
N GLU D 329 -19.86 13.97 38.76
CA GLU D 329 -19.43 15.13 38.01
C GLU D 329 -18.97 14.67 36.63
N VAL D 330 -18.92 15.61 35.69
CA VAL D 330 -18.47 15.28 34.35
C VAL D 330 -17.09 14.64 34.43
N SER D 331 -16.84 13.70 33.53
CA SER D 331 -15.62 12.90 33.56
C SER D 331 -14.94 12.93 32.21
N VAL D 332 -13.61 12.77 32.22
CA VAL D 332 -12.85 12.81 30.98
C VAL D 332 -13.32 11.73 30.02
N LEU D 333 -13.57 10.52 30.55
CA LEU D 333 -13.96 9.42 29.68
C LEU D 333 -15.28 9.71 28.97
N GLU D 334 -16.26 10.25 29.69
CA GLU D 334 -17.53 10.60 29.06
C GLU D 334 -17.32 11.69 28.01
N ILE D 335 -16.51 12.70 28.34
CA ILE D 335 -16.26 13.80 27.40
C ILE D 335 -15.53 13.28 26.17
N LEU D 336 -14.74 12.21 26.34
CA LEU D 336 -13.86 11.78 25.26
C LEU D 336 -14.58 10.92 24.24
N VAL D 337 -15.68 10.28 24.62
CA VAL D 337 -16.40 9.37 23.73
C VAL D 337 -17.75 9.93 23.32
N TYR D 338 -18.42 10.66 24.21
CA TYR D 338 -19.75 11.22 23.94
C TYR D 338 -19.66 12.64 23.40
N ASN D 339 -18.57 12.96 22.71
CA ASN D 339 -18.39 14.29 22.11
C ASN D 339 -17.86 14.11 20.69
N SER D 340 -18.46 14.84 19.75
CA SER D 340 -18.11 14.70 18.34
C SER D 340 -17.01 15.66 17.91
N LYS D 341 -16.90 16.81 18.54
CA LYS D 341 -15.88 17.79 18.16
C LYS D 341 -14.46 17.29 18.40
N ILE D 342 -14.30 16.21 19.18
CA ILE D 342 -12.96 15.68 19.44
C ILE D 342 -12.32 15.29 18.11
N GLU D 343 -11.03 15.59 17.97
CA GLU D 343 -10.34 15.35 16.71
C GLU D 343 -9.50 14.07 16.73
N ASN D 344 -8.98 13.68 17.89
CA ASN D 344 -8.03 12.59 18.02
C ASN D 344 -8.57 11.46 18.88
N ARG D 345 -9.88 11.21 18.82
CA ARG D 345 -10.50 10.25 19.73
C ARG D 345 -9.77 8.91 19.72
N HIS D 346 -9.46 8.40 18.53
CA HIS D 346 -8.94 7.04 18.43
C HIS D 346 -7.64 6.88 19.20
N GLU D 347 -6.73 7.85 19.08
CA GLU D 347 -5.45 7.75 19.79
C GLU D 347 -5.56 8.22 21.23
N MET D 348 -6.50 9.13 21.53
CA MET D 348 -6.71 9.55 22.91
C MET D 348 -7.17 8.40 23.79
N LEU D 349 -8.07 7.55 23.27
CA LEU D 349 -8.48 6.37 24.04
C LEU D 349 -7.30 5.45 24.31
N ALA D 350 -6.29 5.46 23.45
CA ALA D 350 -5.17 4.53 23.60
C ALA D 350 -4.36 4.80 24.86
N VAL D 351 -4.52 5.97 25.49
CA VAL D 351 -3.73 6.32 26.67
C VAL D 351 -3.89 5.23 27.72
N GLU D 352 -2.87 5.04 28.56
CA GLU D 352 -2.73 3.83 29.37
C GLU D 352 -3.93 3.58 30.28
N PRO D 353 -4.22 4.42 31.27
CA PRO D 353 -5.34 4.15 32.18
C PRO D 353 -6.71 4.40 31.60
N ILE D 354 -6.83 4.69 30.31
CA ILE D 354 -8.11 4.80 29.63
C ILE D 354 -8.48 3.50 28.93
N ASN D 355 -7.60 3.01 28.07
CA ASN D 355 -7.86 1.74 27.39
C ASN D 355 -8.06 0.61 28.38
N GLU D 356 -7.18 0.52 29.38
CA GLU D 356 -7.32 -0.51 30.41
C GLU D 356 -8.58 -0.28 31.24
N LEU D 357 -8.90 0.98 31.53
CA LEU D 357 -10.08 1.27 32.35
C LEU D 357 -11.35 0.75 31.68
N LEU D 358 -11.49 1.00 30.38
CA LEU D 358 -12.67 0.49 29.67
C LEU D 358 -12.69 -1.03 29.68
N ARG D 359 -11.55 -1.65 29.44
CA ARG D 359 -11.49 -3.11 29.45
C ARG D 359 -11.85 -3.66 30.82
N ASP D 360 -11.43 -2.97 31.90
CA ASP D 360 -11.77 -3.41 33.23
C ASP D 360 -13.29 -3.44 33.43
N LYS D 361 -13.98 -2.41 32.96
CA LYS D 361 -15.43 -2.40 33.04
C LYS D 361 -16.02 -3.53 32.21
N TRP D 362 -15.36 -3.90 31.11
CA TRP D 362 -15.85 -4.98 30.27
C TRP D 362 -15.85 -6.30 31.03
N ARG D 363 -14.75 -6.59 31.75
CA ARG D 363 -14.64 -7.86 32.46
C ARG D 363 -15.77 -8.03 33.47
N LYS D 364 -15.97 -7.03 34.33
CA LYS D 364 -16.99 -7.08 35.36
C LYS D 364 -18.04 -6.02 35.06
N PHE D 365 -19.30 -6.44 34.98
CA PHE D 365 -20.47 -5.57 34.95
C PHE D 365 -20.59 -4.80 33.64
N GLY D 366 -19.74 -5.10 32.66
CA GLY D 366 -19.86 -4.49 31.34
C GLY D 366 -20.16 -5.51 30.27
N ALA D 367 -19.67 -6.73 30.47
CA ALA D 367 -19.91 -7.83 29.54
C ALA D 367 -21.17 -8.62 29.88
N VAL D 368 -21.37 -8.96 31.15
CA VAL D 368 -22.57 -9.70 31.52
C VAL D 368 -23.82 -8.87 31.26
N SER D 369 -23.79 -7.59 31.63
CA SER D 369 -24.95 -6.73 31.38
C SER D 369 -25.14 -6.50 29.89
N PHE D 370 -24.09 -6.70 29.08
CA PHE D 370 -24.25 -6.63 27.63
C PHE D 370 -24.98 -7.88 27.12
N TYR D 371 -24.58 -9.05 27.60
CA TYR D 371 -25.23 -10.29 27.16
C TYR D 371 -26.63 -10.42 27.72
N ILE D 372 -26.86 -9.92 28.94
CA ILE D 372 -28.22 -9.86 29.46
C ILE D 372 -29.08 -8.95 28.59
N ASN D 373 -28.45 -7.97 27.93
CA ASN D 373 -29.20 -7.03 27.12
C ASN D 373 -29.58 -7.62 25.76
N VAL D 374 -28.60 -8.22 25.08
CA VAL D 374 -28.88 -8.85 23.79
C VAL D 374 -29.96 -9.91 23.92
N VAL D 375 -29.80 -10.83 24.88
CA VAL D 375 -30.73 -11.94 25.01
C VAL D 375 -32.10 -11.46 25.46
N SER D 376 -32.13 -10.62 26.49
CA SER D 376 -33.41 -10.12 26.99
C SER D 376 -34.13 -9.30 25.94
N TYR D 377 -33.40 -8.43 25.23
CA TYR D 377 -34.04 -7.62 24.20
C TYR D 377 -34.46 -8.47 23.01
N LEU D 378 -33.60 -9.38 22.57
CA LEU D 378 -33.94 -10.24 21.44
C LEU D 378 -35.21 -11.03 21.74
N CYS D 379 -35.34 -11.56 22.95
CA CYS D 379 -36.55 -12.27 23.33
C CYS D 379 -37.76 -11.34 23.33
N ALA D 380 -37.55 -10.06 23.66
CA ALA D 380 -38.66 -9.12 23.63
C ALA D 380 -39.20 -8.96 22.22
N MET D 381 -38.32 -8.81 21.23
CA MET D 381 -38.80 -8.69 19.86
C MET D 381 -39.45 -9.99 19.39
N VAL D 382 -38.81 -11.13 19.68
CA VAL D 382 -39.40 -12.41 19.29
C VAL D 382 -40.80 -12.54 19.87
N ILE D 383 -41.00 -12.06 21.10
CA ILE D 383 -42.36 -11.99 21.64
C ILE D 383 -43.22 -11.08 20.79
N PHE D 384 -42.68 -9.93 20.39
CA PHE D 384 -43.42 -9.02 19.52
C PHE D 384 -43.72 -9.66 18.18
N THR D 385 -42.74 -10.36 17.60
CA THR D 385 -42.95 -11.03 16.32
C THR D 385 -44.07 -12.07 16.43
N LEU D 386 -43.97 -12.96 17.41
CA LEU D 386 -45.00 -13.98 17.59
C LEU D 386 -46.34 -13.35 17.96
N THR D 387 -46.32 -12.36 18.85
CA THR D 387 -47.57 -11.71 19.25
C THR D 387 -48.27 -11.09 18.05
N ALA D 388 -47.51 -10.39 17.19
CA ALA D 388 -48.11 -9.80 15.99
C ALA D 388 -48.65 -10.89 15.07
N TYR D 389 -47.88 -11.96 14.88
CA TYR D 389 -48.29 -13.02 13.96
C TYR D 389 -49.60 -13.64 14.39
N TYR D 390 -49.68 -14.08 15.65
CA TYR D 390 -50.89 -14.69 16.18
C TYR D 390 -51.87 -13.66 16.74
N GLN D 391 -51.65 -12.39 16.49
CA GLN D 391 -52.57 -11.36 16.96
C GLN D 391 -53.99 -11.76 16.60
N PRO D 392 -54.97 -11.53 17.49
CA PRO D 392 -56.31 -12.12 17.29
C PRO D 392 -56.89 -11.87 15.91
N LEU D 393 -57.10 -12.95 15.16
CA LEU D 393 -57.72 -12.88 13.85
C LEU D 393 -59.24 -12.80 14.01
N GLU D 394 -59.97 -13.01 12.92
CA GLU D 394 -61.43 -12.98 12.84
C GLU D 394 -61.97 -11.56 12.78
N GLY D 395 -61.10 -10.55 12.76
CA GLY D 395 -61.55 -9.18 12.64
C GLY D 395 -62.15 -8.63 13.92
N THR D 396 -62.03 -7.31 14.11
CA THR D 396 -62.55 -6.65 15.31
C THR D 396 -62.04 -7.35 16.56
N PRO D 397 -60.75 -7.25 16.85
CA PRO D 397 -60.21 -7.83 18.10
C PRO D 397 -60.11 -6.79 19.20
N PRO D 398 -61.21 -6.38 19.84
CA PRO D 398 -61.09 -5.45 20.96
C PRO D 398 -60.41 -6.10 22.16
N TYR D 399 -60.92 -7.27 22.57
CA TYR D 399 -60.34 -8.03 23.67
C TYR D 399 -60.85 -9.47 23.60
N PRO D 400 -60.44 -10.24 22.58
CA PRO D 400 -61.00 -11.57 22.38
C PRO D 400 -60.37 -12.66 23.24
N TYR D 401 -59.67 -12.26 24.30
CA TYR D 401 -58.89 -13.21 25.11
C TYR D 401 -59.82 -13.98 26.04
N ARG D 402 -60.29 -15.12 25.58
CA ARG D 402 -61.07 -16.07 26.38
C ARG D 402 -60.58 -17.50 26.14
N THR D 403 -59.27 -17.70 26.20
CA THR D 403 -58.71 -19.04 26.01
C THR D 403 -57.33 -19.09 26.65
N THR D 404 -56.87 -20.31 26.92
CA THR D 404 -55.55 -20.50 27.52
C THR D 404 -54.46 -19.92 26.63
N VAL D 405 -54.45 -20.32 25.35
CA VAL D 405 -53.50 -19.75 24.41
C VAL D 405 -53.73 -18.25 24.26
N ASP D 406 -55.01 -17.83 24.34
CA ASP D 406 -55.32 -16.41 24.29
C ASP D 406 -54.62 -15.67 25.43
N TYR D 407 -54.59 -16.25 26.63
CA TYR D 407 -53.89 -15.62 27.74
C TYR D 407 -52.41 -15.49 27.44
N LEU D 408 -51.80 -16.53 26.86
CA LEU D 408 -50.40 -16.43 26.48
C LEU D 408 -50.17 -15.29 25.50
N ARG D 409 -51.04 -15.17 24.51
CA ARG D 409 -50.95 -14.05 23.58
C ARG D 409 -51.16 -12.72 24.32
N LEU D 410 -52.10 -12.69 25.26
CA LEU D 410 -52.31 -11.49 26.05
C LEU D 410 -51.04 -11.10 26.81
N ALA D 411 -50.34 -12.10 27.36
CA ALA D 411 -49.07 -11.83 28.03
C ALA D 411 -48.06 -11.24 27.05
N GLY D 412 -47.99 -11.79 25.83
CA GLY D 412 -47.07 -11.25 24.85
C GLY D 412 -47.36 -9.80 24.53
N GLU D 413 -48.63 -9.46 24.33
CA GLU D 413 -48.99 -8.06 24.06
C GLU D 413 -48.66 -7.18 25.26
N VAL D 414 -48.92 -7.68 26.48
CA VAL D 414 -48.64 -6.89 27.67
C VAL D 414 -47.15 -6.63 27.80
N ILE D 415 -46.32 -7.65 27.61
CA ILE D 415 -44.88 -7.49 27.74
C ILE D 415 -44.37 -6.48 26.73
N THR D 416 -44.80 -6.60 25.47
CA THR D 416 -44.38 -5.63 24.45
C THR D 416 -44.89 -4.24 24.79
N LEU D 417 -46.11 -4.15 25.34
CA LEU D 417 -46.62 -2.85 25.76
C LEU D 417 -45.78 -2.27 26.89
N PHE D 418 -45.38 -3.12 27.85
CA PHE D 418 -44.58 -2.65 28.96
C PHE D 418 -43.21 -2.18 28.50
N THR D 419 -42.52 -3.00 27.71
CA THR D 419 -41.21 -2.59 27.22
C THR D 419 -41.32 -1.41 26.27
N GLY D 420 -42.50 -1.21 25.68
CA GLY D 420 -42.70 -0.05 24.83
C GLY D 420 -42.69 1.25 25.60
N VAL D 421 -43.30 1.25 26.79
CA VAL D 421 -43.34 2.47 27.61
C VAL D 421 -42.09 2.57 28.48
N LEU D 422 -41.58 1.44 28.96
CA LEU D 422 -40.31 1.46 29.68
C LEU D 422 -39.23 2.09 28.82
N PHE D 423 -39.20 1.78 27.53
CA PHE D 423 -38.28 2.45 26.62
C PHE D 423 -38.53 3.95 26.59
N PHE D 424 -39.80 4.36 26.72
CA PHE D 424 -40.13 5.77 26.64
C PHE D 424 -39.44 6.56 27.75
N PHE D 425 -39.45 6.04 28.98
CA PHE D 425 -38.86 6.76 30.09
C PHE D 425 -37.35 6.93 29.90
N THR D 426 -36.66 5.87 29.49
CA THR D 426 -35.22 5.94 29.31
C THR D 426 -34.83 6.77 28.08
N SER D 427 -35.77 7.04 27.18
CA SER D 427 -35.48 7.90 26.04
C SER D 427 -35.63 9.38 26.40
N ILE D 428 -36.70 9.71 27.13
CA ILE D 428 -36.90 11.08 27.58
C ILE D 428 -35.90 11.44 28.67
N LYS D 429 -35.51 10.46 29.50
CA LYS D 429 -34.58 10.73 30.58
C LYS D 429 -33.30 11.38 30.06
N ASP D 430 -32.77 10.89 28.94
CA ASP D 430 -31.57 11.45 28.36
C ASP D 430 -31.86 12.83 27.77
N PHE D 448 -28.59 8.31 18.49
CA PHE D 448 -28.82 6.89 18.38
C PHE D 448 -30.17 6.51 19.00
N GLN D 449 -30.64 7.33 19.92
CA GLN D 449 -31.95 7.10 20.54
C GLN D 449 -33.10 7.47 19.61
N LEU D 450 -32.82 8.05 18.45
CA LEU D 450 -33.88 8.45 17.53
C LEU D 450 -34.76 7.26 17.16
N LEU D 451 -34.17 6.25 16.51
CA LEU D 451 -34.92 5.03 16.22
C LEU D 451 -35.54 4.46 17.49
N TYR D 452 -34.81 4.54 18.59
CA TYR D 452 -35.32 4.07 19.88
C TYR D 452 -36.55 4.88 20.31
N PHE D 453 -36.48 6.20 20.16
CA PHE D 453 -37.61 7.03 20.54
C PHE D 453 -38.83 6.73 19.68
N ILE D 454 -38.63 6.54 18.39
CA ILE D 454 -39.73 6.25 17.49
C ILE D 454 -40.40 4.94 17.87
N TYR D 455 -39.60 3.94 18.26
CA TYR D 455 -40.17 2.68 18.73
C TYR D 455 -41.12 2.91 19.91
N SER D 456 -40.66 3.69 20.90
CA SER D 456 -41.43 3.82 22.14
C SER D 456 -42.80 4.43 21.87
N VAL D 457 -42.85 5.49 21.07
CA VAL D 457 -44.13 6.15 20.81
C VAL D 457 -45.02 5.26 19.96
N LEU D 458 -44.45 4.58 18.97
CA LEU D 458 -45.25 3.77 18.06
C LEU D 458 -45.91 2.61 18.80
N VAL D 459 -45.13 1.84 19.57
CA VAL D 459 -45.72 0.74 20.33
C VAL D 459 -46.75 1.28 21.30
N VAL D 460 -46.49 2.45 21.89
CA VAL D 460 -47.50 3.11 22.71
C VAL D 460 -48.72 3.46 21.88
N VAL D 461 -48.50 3.97 20.66
CA VAL D 461 -49.60 4.29 19.77
C VAL D 461 -50.42 3.04 19.45
N SER D 462 -49.73 1.93 19.17
CA SER D 462 -50.43 0.69 18.82
C SER D 462 -51.38 0.26 19.92
N ALA D 463 -50.85 0.02 21.13
CA ALA D 463 -51.70 -0.42 22.23
C ALA D 463 -52.81 0.57 22.51
N ALA D 464 -52.54 1.86 22.31
CA ALA D 464 -53.57 2.88 22.55
C ALA D 464 -54.77 2.64 21.64
N LEU D 465 -54.52 2.48 20.34
CA LEU D 465 -55.62 2.23 19.41
C LEU D 465 -56.27 0.87 19.69
N TYR D 466 -55.46 -0.14 20.01
CA TYR D 466 -56.02 -1.45 20.32
C TYR D 466 -56.93 -1.39 21.53
N LEU D 467 -56.51 -0.69 22.59
CA LEU D 467 -57.32 -0.62 23.80
C LEU D 467 -58.69 -0.02 23.51
N ALA D 468 -58.79 0.87 22.52
CA ALA D 468 -60.06 1.42 22.11
C ALA D 468 -60.87 0.46 21.25
N GLY D 469 -60.31 -0.68 20.88
CA GLY D 469 -61.02 -1.63 20.03
C GLY D 469 -61.36 -1.08 18.66
N ILE D 470 -60.46 -0.29 18.09
CA ILE D 470 -60.67 0.32 16.78
C ILE D 470 -59.87 -0.48 15.76
N GLU D 471 -60.54 -0.94 14.70
CA GLU D 471 -59.93 -1.85 13.74
C GLU D 471 -59.11 -1.08 12.71
N ALA D 472 -58.30 -1.83 11.97
CA ALA D 472 -57.50 -1.29 10.87
C ALA D 472 -56.42 -0.35 11.35
N TYR D 473 -55.88 -0.60 12.55
CA TYR D 473 -54.73 0.13 13.08
C TYR D 473 -53.73 -0.82 13.71
N LEU D 474 -53.49 -1.95 13.05
CA LEU D 474 -52.31 -2.76 13.30
C LEU D 474 -51.13 -2.29 12.46
N ALA D 475 -51.32 -1.27 11.62
CA ALA D 475 -50.24 -0.77 10.77
C ALA D 475 -49.04 -0.32 11.61
N VAL D 476 -49.29 0.55 12.60
CA VAL D 476 -48.19 1.07 13.40
C VAL D 476 -47.52 -0.06 14.17
N MET D 477 -48.31 -1.00 14.68
CA MET D 477 -47.74 -2.12 15.45
C MET D 477 -46.71 -2.87 14.62
N VAL D 478 -47.06 -3.21 13.38
CA VAL D 478 -46.12 -3.94 12.53
C VAL D 478 -44.93 -3.06 12.18
N PHE D 479 -45.18 -1.80 11.80
CA PHE D 479 -44.09 -0.89 11.49
C PHE D 479 -43.19 -0.63 12.70
N ALA D 480 -43.72 -0.78 13.91
CA ALA D 480 -42.86 -0.76 15.08
C ALA D 480 -41.94 -1.97 15.09
N LEU D 481 -42.46 -3.14 14.67
CA LEU D 481 -41.65 -4.35 14.68
C LEU D 481 -40.42 -4.21 13.80
N VAL D 482 -40.60 -3.78 12.55
CA VAL D 482 -39.45 -3.62 11.66
C VAL D 482 -38.46 -2.62 12.26
N LEU D 483 -38.97 -1.52 12.83
CA LEU D 483 -38.10 -0.60 13.54
C LEU D 483 -37.44 -1.28 14.73
N GLY D 484 -38.17 -2.11 15.45
CA GLY D 484 -37.63 -2.82 16.58
C GLY D 484 -36.42 -3.66 16.21
N TRP D 485 -36.51 -4.39 15.10
CA TRP D 485 -35.37 -5.14 14.62
C TRP D 485 -34.31 -4.24 14.01
N MET D 486 -34.72 -3.12 13.39
CA MET D 486 -33.76 -2.11 12.99
C MET D 486 -33.05 -1.54 14.21
N ASN D 487 -33.81 -1.25 15.27
CA ASN D 487 -33.21 -0.88 16.54
C ASN D 487 -32.25 -1.96 17.02
N ALA D 488 -32.56 -3.22 16.72
CA ALA D 488 -31.74 -4.31 17.23
C ALA D 488 -30.33 -4.29 16.65
N LEU D 489 -30.11 -3.51 15.59
CA LEU D 489 -28.78 -3.43 14.99
C LEU D 489 -27.75 -2.95 15.99
N TYR D 490 -28.18 -2.21 17.01
CA TYR D 490 -27.23 -1.59 17.93
C TYR D 490 -26.44 -2.65 18.71
N PHE D 491 -27.14 -3.48 19.49
CA PHE D 491 -26.43 -4.43 20.35
C PHE D 491 -25.62 -5.44 19.54
N THR D 492 -26.18 -5.95 18.44
CA THR D 492 -25.46 -6.94 17.66
C THR D 492 -24.16 -6.36 17.10
N ARG D 493 -24.11 -5.04 16.92
CA ARG D 493 -22.91 -4.39 16.43
C ARG D 493 -21.71 -4.57 17.35
N GLY D 494 -21.93 -4.56 18.67
CA GLY D 494 -20.82 -4.51 19.60
C GLY D 494 -20.03 -5.80 19.75
N LEU D 495 -20.51 -6.89 19.14
CA LEU D 495 -19.87 -8.19 19.27
C LEU D 495 -19.40 -8.69 17.91
N LYS D 496 -18.28 -9.43 17.92
CA LYS D 496 -17.70 -10.01 16.71
C LYS D 496 -17.34 -8.94 15.69
N LEU D 497 -16.97 -7.75 16.15
CA LEU D 497 -16.56 -6.66 15.28
C LEU D 497 -17.60 -6.41 14.19
N THR D 498 -18.87 -6.49 14.57
CA THR D 498 -19.97 -6.25 13.64
C THR D 498 -20.29 -4.75 13.60
N GLY D 499 -21.30 -4.39 12.82
CA GLY D 499 -21.72 -3.03 12.67
C GLY D 499 -21.25 -2.35 11.39
N THR D 500 -20.22 -2.90 10.74
CA THR D 500 -19.83 -2.40 9.43
C THR D 500 -21.01 -2.44 8.47
N TYR D 501 -21.93 -3.39 8.66
CA TYR D 501 -23.21 -3.35 7.97
C TYR D 501 -23.93 -2.05 8.24
N SER D 502 -24.01 -1.66 9.51
CA SER D 502 -24.74 -0.45 9.89
C SER D 502 -24.11 0.79 9.25
N ILE D 503 -22.77 0.88 9.30
CA ILE D 503 -22.09 2.04 8.71
C ILE D 503 -22.33 2.07 7.21
N MET D 504 -22.26 0.91 6.57
CA MET D 504 -22.53 0.85 5.13
C MET D 504 -23.96 1.26 4.82
N ILE D 505 -24.91 0.86 5.67
CA ILE D 505 -26.31 1.16 5.41
C ILE D 505 -26.54 2.67 5.35
N GLN D 506 -26.07 3.39 6.37
CA GLN D 506 -26.35 4.82 6.45
C GLN D 506 -25.64 5.58 5.34
N LYS D 507 -24.39 5.21 5.04
CA LYS D 507 -23.64 5.91 4.01
C LYS D 507 -24.27 5.72 2.63
N ILE D 508 -24.84 4.54 2.37
CA ILE D 508 -25.55 4.33 1.11
C ILE D 508 -26.98 4.85 1.19
N LEU D 509 -27.53 4.98 2.40
CA LEU D 509 -28.93 5.34 2.56
C LEU D 509 -29.23 6.67 1.87
N PHE D 510 -28.62 7.75 2.35
CA PHE D 510 -28.92 9.07 1.80
C PHE D 510 -28.50 9.15 0.34
N LYS D 511 -27.34 8.59 0.01
CA LYS D 511 -26.79 8.75 -1.33
C LYS D 511 -27.70 8.14 -2.40
N ASP D 512 -27.87 6.82 -2.35
CA ASP D 512 -28.48 6.11 -3.47
C ASP D 512 -29.85 6.68 -3.82
N LEU D 513 -30.65 7.06 -2.82
CA LEU D 513 -32.07 7.30 -3.06
C LEU D 513 -32.28 8.46 -4.03
N PHE D 514 -31.66 9.62 -3.79
CA PHE D 514 -31.97 10.79 -4.59
C PHE D 514 -31.09 10.93 -5.83
N ARG D 515 -29.98 10.18 -5.91
CA ARG D 515 -29.33 10.00 -7.20
C ARG D 515 -30.23 9.20 -8.15
N PHE D 516 -30.79 8.11 -7.65
CA PHE D 516 -31.63 7.26 -8.50
C PHE D 516 -32.99 7.90 -8.76
N LEU D 517 -33.72 8.23 -7.69
CA LEU D 517 -35.05 8.82 -7.87
C LEU D 517 -35.00 10.09 -8.72
N LEU D 518 -33.89 10.82 -8.68
CA LEU D 518 -33.71 11.93 -9.62
C LEU D 518 -33.75 11.40 -11.05
N VAL D 519 -32.93 10.40 -11.36
CA VAL D 519 -32.96 9.79 -12.69
C VAL D 519 -34.29 9.09 -12.93
N TYR D 520 -34.84 8.48 -11.87
CA TYR D 520 -36.07 7.72 -12.02
C TYR D 520 -37.21 8.59 -12.54
N LEU D 521 -37.43 9.74 -11.90
CA LEU D 521 -38.50 10.64 -12.35
C LEU D 521 -38.03 11.51 -13.51
N LEU D 522 -36.72 11.74 -13.61
CA LEU D 522 -36.18 12.47 -14.75
C LEU D 522 -36.64 11.85 -16.07
N PHE D 523 -36.66 10.51 -16.12
CA PHE D 523 -36.97 9.84 -17.38
C PHE D 523 -38.47 9.63 -17.53
N MET D 524 -39.21 9.53 -16.42
CA MET D 524 -40.66 9.40 -16.50
C MET D 524 -41.25 10.46 -17.42
N ILE D 525 -41.07 11.73 -17.04
CA ILE D 525 -41.62 12.82 -17.84
C ILE D 525 -40.85 12.96 -19.14
N GLY D 526 -39.53 12.87 -19.09
CA GLY D 526 -38.74 12.97 -20.31
C GLY D 526 -39.15 11.93 -21.33
N TYR D 527 -39.37 10.70 -20.87
CA TYR D 527 -39.70 9.62 -21.80
C TYR D 527 -41.18 9.60 -22.13
N ALA D 528 -42.04 9.91 -21.16
CA ALA D 528 -43.47 9.98 -21.42
C ALA D 528 -43.80 11.07 -22.43
N SER D 529 -43.19 12.24 -22.29
CA SER D 529 -43.46 13.33 -23.23
C SER D 529 -43.07 12.93 -24.64
N ALA D 530 -41.94 12.24 -24.79
CA ALA D 530 -41.58 11.71 -26.11
C ALA D 530 -42.58 10.64 -26.54
N LEU D 531 -43.20 9.96 -25.58
CA LEU D 531 -44.14 8.89 -25.92
C LEU D 531 -45.42 9.44 -26.51
N VAL D 532 -45.94 10.55 -25.97
CA VAL D 532 -47.21 11.07 -26.43
C VAL D 532 -47.15 11.50 -27.90
N THR D 533 -45.95 11.60 -28.47
CA THR D 533 -45.83 11.86 -29.90
C THR D 533 -46.56 10.80 -30.70
N LEU D 534 -46.45 9.53 -30.29
CA LEU D 534 -47.08 8.44 -31.01
C LEU D 534 -48.54 8.25 -30.61
N LEU D 535 -48.95 8.81 -29.48
CA LEU D 535 -50.22 8.49 -28.86
C LEU D 535 -50.72 9.66 -28.05
N ASN D 536 -52.02 9.95 -28.14
CA ASN D 536 -52.58 11.07 -27.39
C ASN D 536 -52.66 10.93 -25.86
N PRO D 537 -52.69 9.72 -25.28
CA PRO D 537 -52.55 9.75 -23.82
C PRO D 537 -51.46 10.53 -23.08
N PRO D 557 -51.79 2.76 -24.50
CA PRO D 557 -51.83 1.42 -25.08
C PRO D 557 -50.88 0.46 -24.38
N ALA D 558 -49.58 0.54 -24.71
CA ALA D 558 -48.60 -0.33 -24.07
C ALA D 558 -48.56 -0.10 -22.56
N CYS D 559 -48.57 1.16 -22.14
CA CYS D 559 -48.54 1.50 -20.72
C CYS D 559 -49.94 1.75 -20.17
N ARG D 560 -50.74 2.56 -20.89
CA ARG D 560 -52.10 2.90 -20.45
C ARG D 560 -52.95 3.14 -21.71
N ASP D 561 -53.73 2.13 -22.07
CA ASP D 561 -54.69 2.26 -23.17
C ASP D 561 -55.84 3.15 -22.72
N SER D 562 -56.03 4.27 -23.39
CA SER D 562 -57.06 5.25 -23.03
C SER D 562 -56.70 5.91 -21.71
N GLU D 563 -56.80 7.24 -21.67
CA GLU D 563 -56.63 8.01 -20.44
C GLU D 563 -55.15 8.28 -20.19
N THR D 564 -54.83 9.47 -19.67
CA THR D 564 -53.46 9.96 -19.60
C THR D 564 -52.90 9.75 -18.20
N PHE D 565 -52.09 8.69 -18.03
CA PHE D 565 -51.31 8.47 -16.84
C PHE D 565 -49.85 8.21 -17.22
N SER D 566 -48.96 8.47 -16.24
CA SER D 566 -47.55 8.16 -16.35
C SER D 566 -47.07 7.19 -15.28
N ALA D 567 -47.92 6.85 -14.30
CA ALA D 567 -47.51 5.95 -13.24
C ALA D 567 -47.17 4.57 -13.78
N PHE D 568 -47.97 4.05 -14.71
CA PHE D 568 -47.67 2.74 -15.28
C PHE D 568 -46.33 2.75 -16.00
N LEU D 569 -45.94 3.89 -16.57
CA LEU D 569 -44.59 4.03 -17.09
C LEU D 569 -43.56 3.91 -15.97
N LEU D 570 -43.84 4.52 -14.82
CA LEU D 570 -42.93 4.43 -13.69
C LEU D 570 -42.63 2.97 -13.35
N ASP D 571 -43.68 2.16 -13.20
CA ASP D 571 -43.48 0.74 -12.91
C ASP D 571 -42.74 0.06 -14.05
N LEU D 572 -42.97 0.50 -15.29
CA LEU D 572 -42.28 -0.09 -16.43
C LEU D 572 -40.77 0.01 -16.26
N PHE D 573 -40.28 1.17 -15.82
CA PHE D 573 -38.86 1.31 -15.55
C PHE D 573 -38.46 0.50 -14.31
N LYS D 574 -39.36 0.40 -13.33
CA LYS D 574 -39.06 -0.38 -12.14
C LYS D 574 -38.68 -1.81 -12.48
N LEU D 575 -39.26 -2.37 -13.54
CA LEU D 575 -38.95 -3.72 -13.98
C LEU D 575 -37.91 -3.78 -15.08
N THR D 576 -37.67 -2.67 -15.78
CA THR D 576 -36.73 -2.68 -16.89
C THR D 576 -35.33 -3.08 -16.44
N ILE D 577 -34.93 -2.62 -15.26
CA ILE D 577 -33.60 -2.94 -14.72
C ILE D 577 -33.69 -4.03 -13.66
N GLY D 578 -34.71 -3.98 -12.80
CA GLY D 578 -34.84 -4.99 -11.77
C GLY D 578 -34.98 -6.39 -12.33
N MET D 579 -35.88 -6.57 -13.31
CA MET D 579 -36.07 -7.86 -13.95
C MET D 579 -36.32 -7.75 -15.45
N GLY D 580 -36.11 -6.58 -16.05
CA GLY D 580 -36.35 -6.43 -17.47
C GLY D 580 -37.81 -6.66 -17.82
N ASP D 581 -38.03 -7.28 -18.97
CA ASP D 581 -39.38 -7.61 -19.45
C ASP D 581 -40.24 -6.36 -19.58
N LEU D 582 -39.80 -5.46 -20.46
CA LEU D 582 -40.52 -4.23 -20.78
C LEU D 582 -41.10 -4.36 -22.18
N GLU D 583 -42.42 -4.11 -22.30
CA GLU D 583 -43.07 -4.26 -23.60
C GLU D 583 -42.73 -3.12 -24.54
N MET D 584 -42.73 -1.88 -24.03
CA MET D 584 -42.50 -0.70 -24.87
C MET D 584 -43.55 -0.69 -25.99
N LEU D 585 -43.48 0.28 -26.89
CA LEU D 585 -44.54 0.44 -27.89
C LEU D 585 -44.41 -0.53 -29.06
N SER D 586 -43.37 -1.37 -29.09
CA SER D 586 -43.34 -2.45 -30.07
C SER D 586 -44.34 -3.55 -29.75
N SER D 587 -44.94 -3.53 -28.57
CA SER D 587 -45.94 -4.53 -28.20
C SER D 587 -47.33 -4.08 -28.65
N ILE D 595 -40.20 7.94 -33.54
CA ILE D 595 -40.25 6.56 -33.08
C ILE D 595 -38.89 6.09 -32.59
N LEU D 596 -37.84 6.42 -33.35
CA LEU D 596 -36.50 5.97 -33.00
C LEU D 596 -35.95 6.72 -31.80
N LEU D 597 -36.20 8.03 -31.71
CA LEU D 597 -35.76 8.78 -30.54
C LEU D 597 -36.21 8.12 -29.26
N LEU D 598 -37.45 7.62 -29.24
CA LEU D 598 -37.94 6.89 -28.07
C LEU D 598 -37.08 5.66 -27.82
N VAL D 599 -36.61 5.01 -28.89
CA VAL D 599 -35.68 3.90 -28.73
C VAL D 599 -34.32 4.39 -28.26
N THR D 600 -33.82 5.47 -28.86
CA THR D 600 -32.55 6.01 -28.41
C THR D 600 -32.63 6.51 -26.98
N TYR D 601 -33.71 7.22 -26.64
CA TYR D 601 -33.82 7.81 -25.31
C TYR D 601 -33.85 6.73 -24.23
N ILE D 602 -34.60 5.65 -24.46
CA ILE D 602 -34.66 4.57 -23.48
C ILE D 602 -33.30 3.87 -23.38
N ILE D 603 -32.45 4.02 -24.38
CA ILE D 603 -31.09 3.49 -24.26
C ILE D 603 -30.28 4.29 -23.25
N LEU D 604 -30.46 5.61 -23.23
CA LEU D 604 -29.73 6.44 -22.29
C LEU D 604 -30.04 6.05 -20.85
N THR D 605 -31.32 5.99 -20.50
CA THR D 605 -31.68 5.60 -19.13
C THR D 605 -31.01 4.29 -18.75
N PHE D 606 -30.94 3.35 -19.69
CA PHE D 606 -30.27 2.07 -19.42
C PHE D 606 -28.80 2.29 -19.07
N VAL D 607 -28.04 2.86 -20.02
CA VAL D 607 -26.61 3.04 -19.78
C VAL D 607 -26.37 3.98 -18.61
N LEU D 608 -27.16 5.06 -18.50
CA LEU D 608 -27.04 5.93 -17.33
C LEU D 608 -27.34 5.17 -16.04
N LEU D 609 -28.40 4.36 -16.02
CA LEU D 609 -28.73 3.62 -14.81
C LEU D 609 -27.64 2.61 -14.47
N LEU D 610 -27.12 1.91 -15.48
CA LEU D 610 -26.14 0.86 -15.21
C LEU D 610 -24.87 1.43 -14.58
N ASN D 611 -24.27 2.45 -15.20
CA ASN D 611 -23.01 2.97 -14.68
C ASN D 611 -23.20 3.58 -13.29
N MET D 612 -24.34 4.23 -13.06
CA MET D 612 -24.62 4.75 -11.72
C MET D 612 -24.56 3.62 -10.69
N LEU D 613 -25.14 2.47 -11.02
CA LEU D 613 -25.00 1.31 -10.14
C LEU D 613 -23.54 0.90 -10.02
N ILE D 614 -22.80 0.91 -11.14
CA ILE D 614 -21.38 0.61 -11.08
C ILE D 614 -20.65 1.63 -10.22
N ALA D 615 -20.96 2.91 -10.41
CA ALA D 615 -20.36 3.95 -9.58
C ALA D 615 -20.75 3.76 -8.12
N LEU D 616 -22.02 3.44 -7.86
CA LEU D 616 -22.43 3.10 -6.51
C LEU D 616 -21.64 1.91 -5.99
N MET D 617 -21.46 0.90 -6.84
CA MET D 617 -20.58 -0.22 -6.48
C MET D 617 -19.16 0.28 -6.24
N GLY D 618 -18.67 1.18 -7.10
CA GLY D 618 -17.35 1.74 -6.91
C GLY D 618 -17.24 2.55 -5.63
N GLU D 619 -18.28 3.32 -5.31
CA GLU D 619 -18.25 4.12 -4.09
C GLU D 619 -18.18 3.23 -2.86
N THR D 620 -19.01 2.19 -2.81
CA THR D 620 -19.11 1.37 -1.61
C THR D 620 -17.79 0.64 -1.31
N VAL D 621 -17.17 0.07 -2.34
CA VAL D 621 -15.95 -0.70 -2.11
C VAL D 621 -14.85 0.17 -1.52
N GLY D 622 -14.69 1.39 -2.04
CA GLY D 622 -13.69 2.29 -1.51
C GLY D 622 -14.06 2.87 -0.15
N GLN D 623 -15.34 2.85 0.20
CA GLN D 623 -15.80 3.42 1.46
C GLN D 623 -15.67 2.46 2.63
N VAL D 624 -15.41 1.17 2.37
CA VAL D 624 -15.36 0.19 3.44
C VAL D 624 -14.23 0.51 4.40
N SER D 625 -13.03 0.72 3.87
CA SER D 625 -11.84 1.06 4.64
C SER D 625 -11.47 0.01 5.67
N LYS D 626 -12.09 -1.17 5.64
CA LYS D 626 -11.83 -2.25 6.58
C LYS D 626 -12.05 -1.82 8.03
N GLU D 627 -12.88 -0.80 8.24
CA GLU D 627 -13.23 -0.32 9.58
C GLU D 627 -12.08 0.44 10.24
N SER D 628 -10.91 0.45 9.60
CA SER D 628 -9.75 1.17 10.10
C SER D 628 -9.27 0.64 11.44
N LYS D 629 -9.88 -0.43 11.95
CA LYS D 629 -9.59 -1.04 13.23
C LYS D 629 -9.84 -0.10 14.40
N HIS D 630 -10.39 1.10 14.17
CA HIS D 630 -10.60 2.09 15.22
C HIS D 630 -12.06 2.37 15.50
N ILE D 631 -12.92 2.35 14.47
CA ILE D 631 -14.34 2.64 14.68
C ILE D 631 -14.93 1.66 15.69
N TRP D 632 -14.57 0.39 15.60
CA TRP D 632 -15.05 -0.57 16.58
C TRP D 632 -14.57 -0.21 17.98
N LYS D 633 -13.29 0.17 18.11
CA LYS D 633 -12.76 0.54 19.42
C LYS D 633 -13.56 1.68 20.02
N LEU D 634 -13.73 2.77 19.27
CA LEU D 634 -14.52 3.89 19.76
C LEU D 634 -15.96 3.48 19.97
N GLN D 635 -16.54 2.75 19.01
CA GLN D 635 -17.94 2.36 19.14
C GLN D 635 -18.11 1.34 20.27
N TRP D 636 -17.16 0.43 20.44
CA TRP D 636 -17.23 -0.51 21.55
C TRP D 636 -17.23 0.22 22.89
N ALA D 637 -16.34 1.20 23.04
CA ALA D 637 -16.28 1.97 24.27
C ALA D 637 -17.61 2.67 24.55
N THR D 638 -18.36 2.99 23.49
CA THR D 638 -19.67 3.61 23.68
C THR D 638 -20.61 2.67 24.43
N THR D 639 -20.57 1.38 24.11
CA THR D 639 -21.47 0.44 24.76
C THR D 639 -21.18 0.34 26.25
N ILE D 640 -19.91 0.19 26.62
CA ILE D 640 -19.56 0.03 28.03
C ILE D 640 -20.05 1.22 28.83
N LEU D 641 -19.74 2.44 28.36
CA LEU D 641 -20.20 3.64 29.07
C LEU D 641 -21.71 3.79 28.98
N ASP D 642 -22.31 3.36 27.87
CA ASP D 642 -23.76 3.43 27.75
C ASP D 642 -24.42 2.60 28.84
N ILE D 643 -23.89 1.40 29.10
CA ILE D 643 -24.43 0.55 30.15
C ILE D 643 -24.18 1.19 31.52
N GLU D 644 -22.98 1.72 31.74
CA GLU D 644 -22.63 2.20 33.07
C GLU D 644 -23.57 3.31 33.53
N ARG D 645 -23.86 4.28 32.66
CA ARG D 645 -24.81 5.31 33.02
C ARG D 645 -26.22 4.77 33.18
N SER D 646 -26.49 3.56 32.68
CA SER D 646 -27.82 2.97 32.76
C SER D 646 -28.24 2.73 34.20
N PHE D 647 -27.53 1.85 34.89
CA PHE D 647 -27.84 1.50 36.27
C PHE D 647 -27.08 2.39 37.23
N PRO D 648 -27.48 2.44 38.51
CA PRO D 648 -26.82 3.35 39.45
C PRO D 648 -25.37 2.97 39.71
N VAL D 649 -24.44 3.79 39.22
CA VAL D 649 -23.02 3.48 39.35
C VAL D 649 -22.56 3.51 40.80
N PHE D 650 -23.12 4.39 41.63
CA PHE D 650 -22.66 4.51 43.01
C PHE D 650 -22.72 3.19 43.77
N LEU D 651 -23.42 2.19 43.25
CA LEU D 651 -23.48 0.87 43.88
C LEU D 651 -22.13 0.20 43.70
N ARG D 652 -22.03 -1.08 44.08
CA ARG D 652 -20.75 -1.76 44.06
C ARG D 652 -20.34 -2.13 42.64
N LYS D 653 -20.31 -1.13 41.75
CA LYS D 653 -19.88 -1.30 40.37
C LYS D 653 -18.68 -0.40 40.08
N ALA D 654 -17.91 -0.08 41.11
CA ALA D 654 -16.86 0.93 41.03
C ALA D 654 -15.49 0.30 40.87
N PHE D 655 -14.65 0.98 40.09
CA PHE D 655 -13.25 0.61 39.93
C PHE D 655 -12.52 0.63 41.27
N ARG D 656 -11.28 0.17 41.25
CA ARG D 656 -10.52 -0.08 42.48
C ARG D 656 -10.29 1.21 43.25
N SER D 657 -10.11 1.04 44.57
CA SER D 657 -9.87 2.16 45.48
C SER D 657 -8.37 2.24 45.81
N GLY D 658 -8.01 3.10 46.77
CA GLY D 658 -6.62 3.30 47.11
C GLY D 658 -6.38 3.76 48.54
N GLU D 659 -5.13 4.08 48.85
CA GLU D 659 -4.72 4.43 50.20
C GLU D 659 -5.45 5.69 50.69
N MET D 660 -5.26 5.99 51.97
CA MET D 660 -5.98 7.08 52.64
C MET D 660 -5.27 8.42 52.48
N VAL D 661 -4.01 8.52 52.95
CA VAL D 661 -3.31 9.80 53.01
C VAL D 661 -1.84 9.59 52.66
N THR D 662 -1.20 10.70 52.29
CA THR D 662 0.22 10.83 51.94
C THR D 662 0.52 10.32 50.54
N VAL D 663 -0.44 9.70 49.85
CA VAL D 663 -0.23 9.28 48.47
C VAL D 663 -1.58 9.35 47.74
N ARG D 673 -6.62 9.91 50.14
CA ARG D 673 -7.90 9.28 49.81
C ARG D 673 -8.25 9.57 48.36
N ARG D 674 -7.46 9.00 47.45
CA ARG D 674 -7.67 9.17 46.02
C ARG D 674 -8.02 7.82 45.42
N TRP D 675 -9.08 7.80 44.61
CA TRP D 675 -9.58 6.56 44.04
C TRP D 675 -8.69 6.10 42.88
N CYS D 676 -7.48 5.66 43.20
CA CYS D 676 -6.53 5.29 42.17
C CYS D 676 -6.96 4.01 41.47
N PHE D 677 -6.32 3.75 40.32
CA PHE D 677 -6.52 2.53 39.56
C PHE D 677 -5.17 1.92 39.20
N ARG D 678 -5.12 0.59 39.19
CA ARG D 678 -3.87 -0.15 39.03
C ARG D 678 -3.70 -0.60 37.59
N VAL D 679 -2.45 -0.54 37.11
CA VAL D 679 -2.08 -1.02 35.78
C VAL D 679 -0.70 -1.64 35.90
N ASP D 680 -0.49 -2.74 35.18
CA ASP D 680 0.73 -3.53 35.30
C ASP D 680 1.36 -3.71 33.92
N GLU D 681 2.62 -3.32 33.81
CA GLU D 681 3.38 -3.42 32.56
C GLU D 681 4.74 -4.03 32.86
N VAL D 682 5.19 -4.94 32.00
CA VAL D 682 6.45 -5.64 32.17
C VAL D 682 7.47 -5.07 31.20
N ASN D 683 8.65 -4.72 31.70
CA ASN D 683 9.73 -4.19 30.88
C ASN D 683 11.03 -4.83 31.32
N TRP D 684 11.83 -5.27 30.35
CA TRP D 684 13.12 -5.90 30.62
C TRP D 684 14.29 -4.96 30.41
N SER D 685 14.06 -3.65 30.46
CA SER D 685 15.13 -2.67 30.27
C SER D 685 15.61 -2.13 31.62
#